data_4KXZ
#
_entry.id   4KXZ
#
_cell.length_a   131.200
_cell.length_b   359.680
_cell.length_c   64.630
_cell.angle_alpha   90.00
_cell.angle_beta   90.00
_cell.angle_gamma   90.00
#
_symmetry.space_group_name_H-M   'P 21 21 2'
#
loop_
_entity.id
_entity.type
_entity.pdbx_description
1 polymer 'Transforming growth factor beta-2'
2 polymer 'GC1008 Heavy Chain'
3 polymer 'GC1008 Light Chain'
4 non-polymer '2-(N-MORPHOLINO)-ETHANESULFONIC ACID'
5 non-polymer 3,6,9,12,15,18,21,24-OCTAOXAHEXACOSAN-1-OL
6 water water
#
loop_
_entity_poly.entity_id
_entity_poly.type
_entity_poly.pdbx_seq_one_letter_code
_entity_poly.pdbx_strand_id
1 'polypeptide(L)'
;ALDAAYCFRNVQDNCCLRPLYIDFKRDLGWKWIHEPKGYNANFCAGACPYLWSSDTQHSRVLSLYNTINPEASASPCCVS
QDLEPLTILYYIGKTPKIEQLSNMIVKSCKCS
;
A,B,D,E
2 'polypeptide(L)'
;QVQLVQSGAEVKKPGSSVKVSCKASGYTFSSNVISWVRQAPGQGLEWMGGVIPIVDIANYAQRFKGRVTITADESTSTTY
MELSSLRSEDTAVYYCASTLGLVLDAMDYWGQGTLVTVSSASTKGPSVFPLAPCSRSTSESTAALGCLVKDYFPEPVTVS
WNSGALTSGVHTFPAVLQSSGLYSLSSVVTVPSSSLGTKTYTCNVDHKPSNTKVDKRVHHHHHH
;
H,J,N,Q
3 'polypeptide(L)'
;ETVLTQSPGTLSLSPGERATLSCRASQSLGSSYLAWYQQKPGQAPRLLIYGASSRAPGIPDRFSGSGSGTDFTLTISRLE
PEDFAVYYCQQYADSPITFGQGTRLEIKRTVAAPSVFIFPPSDEQLKSGTASVVCLLNNFYPREAKVQWKVDNALQSGNS
QESVTEQDSKDSTYSLSSTLTLSKADYEKHKVYACEVTHQGLSSPVTKSFNRGEC
;
I,L,M,P
#
# COMPACT_ATOMS: atom_id res chain seq x y z
N ALA A 1 -11.71 36.20 16.26
CA ALA A 1 -11.53 35.25 15.16
C ALA A 1 -10.34 35.63 14.26
N LEU A 2 -9.59 34.61 13.81
CA LEU A 2 -8.46 34.82 12.91
C LEU A 2 -8.96 34.72 11.49
N ASP A 3 -9.74 35.73 11.06
CA ASP A 3 -10.31 35.85 9.73
C ASP A 3 -9.74 37.05 9.02
N ALA A 4 -10.22 37.31 7.77
CA ALA A 4 -9.78 38.42 6.92
C ALA A 4 -9.91 39.75 7.67
N ALA A 5 -11.08 39.97 8.35
CA ALA A 5 -11.42 41.16 9.11
C ALA A 5 -10.31 41.54 10.10
N TYR A 6 -9.84 40.57 10.88
CA TYR A 6 -8.75 40.86 11.80
C TYR A 6 -7.37 40.80 11.09
N CYS A 7 -7.02 39.63 10.53
CA CYS A 7 -5.73 39.30 9.94
C CYS A 7 -5.21 40.19 8.84
N PHE A 8 -6.08 40.60 7.92
CA PHE A 8 -5.63 41.41 6.80
C PHE A 8 -5.56 42.89 7.16
N ARG A 9 -6.29 43.30 8.20
CA ARG A 9 -6.30 44.69 8.65
C ARG A 9 -5.23 44.98 9.72
N ASN A 10 -4.55 43.95 10.25
CA ASN A 10 -3.58 44.09 11.34
C ASN A 10 -2.30 43.29 11.13
N VAL A 11 -1.16 43.81 11.59
CA VAL A 11 0.12 43.09 11.52
C VAL A 11 0.16 42.08 12.66
N GLN A 12 0.59 40.84 12.36
CA GLN A 12 0.66 39.72 13.30
C GLN A 12 1.71 38.73 12.88
N ASP A 13 2.60 38.35 13.81
CA ASP A 13 3.64 37.35 13.55
C ASP A 13 3.17 36.00 14.06
N ASN A 14 2.11 36.05 14.86
CA ASN A 14 1.44 34.87 15.40
C ASN A 14 0.47 34.38 14.40
N CYS A 15 -0.01 33.16 14.63
CA CYS A 15 -0.97 32.46 13.79
C CYS A 15 -2.04 33.39 13.28
N CYS A 16 -2.10 33.50 11.96
CA CYS A 16 -3.06 34.33 11.29
C CYS A 16 -3.33 33.83 9.91
N LEU A 17 -4.45 34.28 9.37
CA LEU A 17 -4.83 34.00 8.01
C LEU A 17 -3.93 34.88 7.13
N ARG A 18 -3.27 34.27 6.14
CA ARG A 18 -2.35 34.92 5.22
C ARG A 18 -2.96 34.93 3.82
N PRO A 19 -2.79 36.02 3.03
CA PRO A 19 -3.37 36.00 1.69
C PRO A 19 -2.53 35.20 0.70
N LEU A 20 -3.23 34.46 -0.17
CA LEU A 20 -2.60 33.65 -1.22
C LEU A 20 -3.51 33.44 -2.39
N TYR A 21 -3.04 33.86 -3.58
CA TYR A 21 -3.78 33.69 -4.82
C TYR A 21 -2.99 32.64 -5.59
N ILE A 22 -3.63 31.49 -5.80
CA ILE A 22 -3.00 30.37 -6.51
C ILE A 22 -3.48 30.43 -7.93
N ASP A 23 -2.54 30.48 -8.87
CA ASP A 23 -2.81 30.48 -10.31
C ASP A 23 -2.80 29.04 -10.79
N PHE A 24 -3.88 28.61 -11.45
CA PHE A 24 -3.99 27.24 -11.96
C PHE A 24 -2.85 26.70 -12.82
N LYS A 25 -2.57 27.37 -13.91
CA LYS A 25 -1.50 26.97 -14.81
C LYS A 25 -0.14 27.24 -14.20
N ARG A 26 0.16 28.48 -13.78
CA ARG A 26 1.46 28.87 -13.26
C ARG A 26 1.86 28.10 -12.02
N ASP A 27 0.96 27.99 -11.07
CA ASP A 27 1.36 27.43 -9.80
C ASP A 27 1.21 25.97 -9.59
N LEU A 28 0.21 25.34 -10.22
CA LEU A 28 -0.06 23.92 -9.99
C LEU A 28 0.15 23.08 -11.20
N GLY A 29 0.12 23.72 -12.36
CA GLY A 29 0.25 23.04 -13.63
C GLY A 29 -1.06 22.45 -14.14
N TRP A 30 -2.22 23.00 -13.67
CA TRP A 30 -3.56 22.57 -14.06
C TRP A 30 -3.95 23.35 -15.28
N LYS A 31 -4.00 22.67 -16.43
CA LYS A 31 -4.30 23.31 -17.71
C LYS A 31 -5.74 23.09 -18.20
N TRP A 32 -6.55 22.37 -17.44
CA TRP A 32 -7.91 21.98 -17.78
C TRP A 32 -9.06 22.97 -17.42
N ILE A 33 -8.87 23.91 -16.47
CA ILE A 33 -9.93 24.85 -16.06
C ILE A 33 -10.09 26.02 -17.03
N HIS A 34 -11.31 26.36 -17.41
CA HIS A 34 -11.54 27.50 -18.27
C HIS A 34 -11.63 28.79 -17.46
N GLU A 35 -12.33 28.76 -16.32
CA GLU A 35 -12.60 29.91 -15.46
C GLU A 35 -12.82 29.40 -14.03
N PRO A 36 -12.19 29.99 -13.00
CA PRO A 36 -11.28 31.15 -13.00
C PRO A 36 -9.86 30.79 -13.49
N LYS A 37 -8.96 31.77 -13.52
CA LYS A 37 -7.57 31.53 -13.92
C LYS A 37 -6.70 31.17 -12.71
N GLY A 38 -7.27 31.39 -11.53
CA GLY A 38 -6.64 31.20 -10.24
C GLY A 38 -7.59 31.61 -9.15
N TYR A 39 -7.17 31.46 -7.85
CA TYR A 39 -8.13 31.77 -6.76
C TYR A 39 -7.49 32.14 -5.45
N ASN A 40 -8.24 32.91 -4.63
CA ASN A 40 -7.71 33.34 -3.35
C ASN A 40 -7.83 32.23 -2.29
N ALA A 41 -7.00 31.19 -2.46
CA ALA A 41 -6.93 30.02 -1.59
C ALA A 41 -6.68 30.39 -0.15
N ASN A 42 -5.70 31.28 0.08
CA ASN A 42 -5.23 31.74 1.39
C ASN A 42 -4.55 30.59 2.13
N PHE A 43 -3.83 30.89 3.23
CA PHE A 43 -3.21 29.89 4.08
C PHE A 43 -3.09 30.40 5.51
N CYS A 44 -2.74 29.50 6.44
CA CYS A 44 -2.59 29.75 7.86
C CYS A 44 -1.15 29.59 8.19
N ALA A 45 -0.56 30.62 8.79
CA ALA A 45 0.84 30.61 9.21
C ALA A 45 1.05 31.56 10.40
N GLY A 46 2.09 31.28 11.17
CA GLY A 46 2.45 32.09 12.33
C GLY A 46 2.59 31.32 13.61
N ALA A 47 3.25 31.96 14.59
CA ALA A 47 3.55 31.42 15.92
C ALA A 47 2.28 31.08 16.68
N CYS A 48 2.36 30.05 17.54
CA CYS A 48 1.22 29.66 18.38
C CYS A 48 1.58 29.86 19.86
N PRO A 49 1.67 31.14 20.33
CA PRO A 49 2.02 31.38 21.74
C PRO A 49 0.91 30.98 22.69
N TYR A 50 1.23 31.00 23.99
CA TYR A 50 0.33 30.61 25.06
C TYR A 50 -1.04 31.22 24.91
N LEU A 51 -2.05 30.35 24.83
CA LEU A 51 -3.47 30.67 24.71
C LEU A 51 -3.90 31.54 23.55
N TRP A 52 -3.15 31.47 22.47
CA TRP A 52 -3.49 32.20 21.27
C TRP A 52 -4.31 31.30 20.38
N SER A 53 -5.61 31.62 20.24
CA SER A 53 -6.57 30.92 19.39
C SER A 53 -6.51 29.38 19.41
N SER A 54 -6.42 28.81 20.61
CA SER A 54 -6.35 27.36 20.86
C SER A 54 -7.63 26.64 20.44
N ASP A 55 -7.46 25.51 19.76
CA ASP A 55 -8.53 24.66 19.23
C ASP A 55 -9.12 23.76 20.35
N THR A 56 -8.30 22.84 20.89
CA THR A 56 -8.69 21.85 21.91
C THR A 56 -7.88 22.08 23.19
N GLN A 57 -8.21 21.30 24.24
CA GLN A 57 -7.54 21.33 25.54
C GLN A 57 -6.07 21.01 25.33
N HIS A 58 -5.78 20.02 24.46
CA HIS A 58 -4.44 19.60 24.06
C HIS A 58 -3.64 20.78 23.51
N SER A 59 -4.26 21.60 22.63
CA SER A 59 -3.65 22.80 22.02
C SER A 59 -3.34 23.80 23.09
N ARG A 60 -4.26 24.02 24.09
CA ARG A 60 -4.07 24.93 25.22
C ARG A 60 -2.86 24.49 26.04
N VAL A 61 -2.85 23.21 26.47
CA VAL A 61 -1.77 22.61 27.25
C VAL A 61 -0.41 22.74 26.53
N LEU A 62 -0.33 22.34 25.25
CA LEU A 62 0.91 22.42 24.48
C LEU A 62 1.39 23.82 24.16
N SER A 63 0.47 24.80 24.12
CA SER A 63 0.85 26.19 23.93
C SER A 63 1.66 26.63 25.19
N LEU A 64 1.24 26.11 26.38
CA LEU A 64 1.87 26.31 27.69
C LEU A 64 3.17 25.50 27.79
N TYR A 65 3.11 24.16 27.52
CA TYR A 65 4.33 23.33 27.52
C TYR A 65 5.44 23.93 26.67
N ASN A 66 5.10 24.36 25.45
CA ASN A 66 6.06 24.94 24.52
C ASN A 66 6.56 26.37 24.93
N THR A 67 5.85 27.02 25.87
CA THR A 67 6.31 28.30 26.39
C THR A 67 7.49 27.96 27.37
N ILE A 68 7.27 26.96 28.24
CA ILE A 68 8.23 26.45 29.21
C ILE A 68 9.40 25.70 28.57
N ASN A 69 9.13 24.74 27.67
CA ASN A 69 10.18 23.95 27.01
C ASN A 69 10.08 24.00 25.47
N PRO A 70 10.58 25.09 24.86
CA PRO A 70 10.54 25.19 23.40
C PRO A 70 11.32 24.08 22.68
N GLU A 71 12.45 23.63 23.28
CA GLU A 71 13.36 22.60 22.77
C GLU A 71 12.67 21.29 22.33
N ALA A 72 11.56 20.91 23.01
CA ALA A 72 10.81 19.68 22.73
C ALA A 72 10.15 19.64 21.32
N SER A 73 10.02 20.82 20.65
CA SER A 73 9.38 21.03 19.34
C SER A 73 7.89 20.64 19.31
N ALA A 74 7.25 20.71 20.49
CA ALA A 74 5.87 20.31 20.72
C ALA A 74 4.83 21.42 20.62
N SER A 75 5.15 22.51 19.91
CA SER A 75 4.24 23.65 19.71
C SER A 75 2.97 23.29 18.94
N PRO A 76 1.79 23.88 19.31
CA PRO A 76 0.61 23.72 18.45
C PRO A 76 0.90 24.36 17.07
N CYS A 77 0.17 23.93 16.03
CA CYS A 77 0.46 24.44 14.71
C CYS A 77 -0.65 25.25 14.11
N CYS A 78 -0.29 26.34 13.39
CA CYS A 78 -1.27 27.24 12.78
C CYS A 78 -1.94 26.58 11.60
N VAL A 79 -3.26 26.26 11.74
CA VAL A 79 -4.05 25.53 10.74
C VAL A 79 -5.45 26.09 10.44
N SER A 80 -6.07 25.54 9.37
CA SER A 80 -7.38 25.93 8.84
C SER A 80 -8.49 25.66 9.82
N GLN A 81 -9.46 26.55 9.90
CA GLN A 81 -10.63 26.37 10.73
C GLN A 81 -11.83 26.25 9.80
N ASP A 82 -12.31 27.40 9.25
CA ASP A 82 -13.45 27.45 8.32
C ASP A 82 -12.97 27.39 6.88
N LEU A 83 -13.49 26.46 6.10
CA LEU A 83 -13.17 26.27 4.71
C LEU A 83 -14.36 26.52 3.82
N GLU A 84 -14.13 27.08 2.63
CA GLU A 84 -15.20 27.35 1.70
C GLU A 84 -14.96 26.72 0.33
N PRO A 85 -16.04 26.44 -0.46
CA PRO A 85 -15.81 25.85 -1.78
C PRO A 85 -15.43 26.92 -2.83
N LEU A 86 -14.93 26.44 -3.99
CA LEU A 86 -14.57 27.18 -5.19
C LEU A 86 -15.42 26.61 -6.35
N THR A 87 -16.08 27.48 -7.08
CA THR A 87 -16.84 27.09 -8.26
C THR A 87 -15.96 27.30 -9.51
N ILE A 88 -15.78 26.25 -10.30
CA ILE A 88 -14.99 26.30 -11.51
C ILE A 88 -15.83 25.90 -12.70
N LEU A 89 -15.36 26.29 -13.90
CA LEU A 89 -15.95 25.97 -15.18
C LEU A 89 -14.87 25.38 -16.06
N TYR A 90 -15.17 24.19 -16.61
CA TYR A 90 -14.31 23.53 -17.57
C TYR A 90 -15.13 22.99 -18.74
N TYR A 91 -14.45 22.75 -19.88
CA TYR A 91 -15.10 22.27 -21.10
C TYR A 91 -14.76 20.86 -21.46
N ILE A 92 -15.78 20.10 -21.91
CA ILE A 92 -15.60 18.77 -22.48
C ILE A 92 -16.00 19.00 -23.94
N GLY A 93 -15.01 19.37 -24.76
CA GLY A 93 -15.27 19.77 -26.13
C GLY A 93 -15.94 21.14 -26.13
N LYS A 94 -17.19 21.20 -26.64
CA LYS A 94 -18.05 22.40 -26.69
C LYS A 94 -18.93 22.45 -25.42
N THR A 95 -19.04 21.34 -24.68
CA THR A 95 -19.87 21.22 -23.47
C THR A 95 -19.29 21.93 -22.22
N PRO A 96 -19.95 22.98 -21.69
CA PRO A 96 -19.46 23.60 -20.45
C PRO A 96 -19.91 22.77 -19.24
N LYS A 97 -19.02 22.64 -18.25
CA LYS A 97 -19.28 21.92 -17.01
C LYS A 97 -18.91 22.78 -15.80
N ILE A 98 -19.87 22.99 -14.90
CA ILE A 98 -19.69 23.76 -13.68
C ILE A 98 -19.51 22.82 -12.49
N GLU A 99 -18.42 22.97 -11.73
CA GLU A 99 -18.15 22.15 -10.55
C GLU A 99 -17.86 22.99 -9.34
N GLN A 100 -18.46 22.63 -8.23
CA GLN A 100 -18.17 23.22 -6.93
C GLN A 100 -17.13 22.29 -6.31
N LEU A 101 -15.90 22.78 -6.14
CA LEU A 101 -14.83 22.02 -5.51
C LEU A 101 -14.84 22.44 -4.04
N SER A 102 -15.13 21.51 -3.14
CA SER A 102 -15.23 21.84 -1.72
C SER A 102 -13.87 21.97 -1.02
N ASN A 103 -13.85 22.75 0.09
CA ASN A 103 -12.71 22.99 0.94
C ASN A 103 -11.47 23.43 0.19
N MET A 104 -11.65 24.36 -0.74
CA MET A 104 -10.58 24.88 -1.56
C MET A 104 -9.97 26.16 -0.97
N ILE A 105 -10.83 26.98 -0.31
CA ILE A 105 -10.50 28.28 0.31
C ILE A 105 -10.54 28.25 1.86
N VAL A 106 -9.49 28.79 2.51
CA VAL A 106 -9.47 28.92 3.97
C VAL A 106 -9.98 30.31 4.33
N LYS A 107 -11.01 30.36 5.17
CA LYS A 107 -11.63 31.61 5.59
C LYS A 107 -11.13 32.08 6.99
N SER A 108 -10.72 31.13 7.88
CA SER A 108 -10.22 31.44 9.21
C SER A 108 -9.22 30.41 9.67
N CYS A 109 -8.43 30.76 10.70
CA CYS A 109 -7.40 29.93 11.29
C CYS A 109 -7.62 29.57 12.76
N LYS A 110 -6.87 28.56 13.21
CA LYS A 110 -6.86 28.08 14.58
C LYS A 110 -5.46 27.55 14.91
N CYS A 111 -5.09 27.51 16.21
CA CYS A 111 -3.84 26.91 16.68
C CYS A 111 -4.26 25.55 17.22
N SER A 112 -3.80 24.45 16.58
CA SER A 112 -4.21 23.07 16.92
C SER A 112 -3.07 22.22 17.50
N ALA B 1 -2.22 5.24 8.67
CA ALA B 1 -2.54 5.93 9.91
C ALA B 1 -1.30 6.33 10.66
N LEU B 2 -1.24 7.62 11.05
CA LEU B 2 -0.12 8.18 11.79
C LEU B 2 -0.42 8.06 13.26
N ASP B 3 -0.43 6.83 13.78
CA ASP B 3 -0.70 6.49 15.18
C ASP B 3 0.52 5.90 15.86
N ALA B 4 0.40 5.51 17.15
CA ALA B 4 1.49 4.91 17.94
C ALA B 4 2.07 3.67 17.23
N ALA B 5 1.17 2.80 16.73
CA ALA B 5 1.48 1.56 16.01
C ALA B 5 2.50 1.80 14.89
N TYR B 6 2.28 2.82 14.04
CA TYR B 6 3.22 3.13 12.99
C TYR B 6 4.37 3.98 13.50
N CYS B 7 4.04 5.18 14.03
CA CYS B 7 4.97 6.22 14.44
C CYS B 7 6.03 5.87 15.48
N PHE B 8 5.64 5.10 16.48
CA PHE B 8 6.59 4.72 17.53
C PHE B 8 7.47 3.56 17.14
N ARG B 9 6.99 2.72 16.21
CA ARG B 9 7.72 1.55 15.73
C ARG B 9 8.63 1.85 14.51
N ASN B 10 8.55 3.05 13.90
CA ASN B 10 9.30 3.43 12.70
C ASN B 10 9.88 4.83 12.76
N VAL B 11 11.06 5.05 12.15
CA VAL B 11 11.64 6.40 12.12
C VAL B 11 10.95 7.18 11.00
N GLN B 12 10.52 8.45 11.27
CA GLN B 12 9.83 9.30 10.30
C GLN B 12 10.18 10.76 10.44
N ASP B 13 10.56 11.42 9.36
CA ASP B 13 10.88 12.85 9.39
C ASP B 13 9.70 13.72 8.96
N ASN B 14 8.70 13.07 8.35
CA ASN B 14 7.44 13.69 7.95
C ASN B 14 6.46 13.51 9.11
N CYS B 15 5.42 14.34 9.10
CA CYS B 15 4.34 14.37 10.06
C CYS B 15 4.10 13.04 10.75
N CYS B 16 4.33 13.00 12.06
CA CYS B 16 4.12 11.80 12.86
C CYS B 16 3.81 12.14 14.29
N LEU B 17 3.13 11.19 14.96
CA LEU B 17 2.84 11.21 16.37
C LEU B 17 4.18 11.00 17.06
N ARG B 18 4.56 11.97 17.91
CA ARG B 18 5.80 12.02 18.66
C ARG B 18 5.47 11.80 20.13
N PRO B 19 6.30 11.05 20.89
CA PRO B 19 5.98 10.84 22.32
C PRO B 19 6.35 12.05 23.18
N LEU B 20 5.49 12.35 24.18
CA LEU B 20 5.71 13.45 25.14
C LEU B 20 4.96 13.18 26.42
N TYR B 21 5.68 13.28 27.56
CA TYR B 21 5.12 13.15 28.90
C TYR B 21 5.07 14.53 29.54
N ILE B 22 3.94 14.90 30.10
CA ILE B 22 3.78 16.20 30.77
C ILE B 22 3.60 16.00 32.26
N ASP B 23 4.50 16.57 33.07
CA ASP B 23 4.43 16.56 34.52
C ASP B 23 3.71 17.84 34.92
N PHE B 24 2.58 17.73 35.63
CA PHE B 24 1.76 18.89 35.96
C PHE B 24 2.48 20.00 36.69
N LYS B 25 3.02 19.73 37.88
CA LYS B 25 3.75 20.73 38.69
C LYS B 25 5.00 21.25 37.93
N ARG B 26 5.87 20.31 37.43
CA ARG B 26 7.08 20.65 36.68
C ARG B 26 6.85 21.44 35.40
N ASP B 27 6.03 20.88 34.48
CA ASP B 27 5.84 21.40 33.15
C ASP B 27 4.78 22.43 32.95
N LEU B 28 3.81 22.57 33.87
CA LEU B 28 2.72 23.52 33.67
C LEU B 28 2.53 24.48 34.83
N GLY B 29 3.05 24.11 35.99
CA GLY B 29 2.92 24.86 37.23
C GLY B 29 1.56 24.69 37.89
N TRP B 30 0.81 23.58 37.59
CA TRP B 30 -0.53 23.25 38.10
C TRP B 30 -0.37 22.60 39.45
N LYS B 31 -0.59 23.34 40.53
CA LYS B 31 -0.37 22.75 41.85
C LYS B 31 -1.65 22.28 42.52
N TRP B 32 -2.80 22.56 41.86
CA TRP B 32 -4.14 22.25 42.32
C TRP B 32 -4.55 20.79 42.17
N ILE B 33 -3.83 20.06 41.32
CA ILE B 33 -4.11 18.69 40.94
C ILE B 33 -3.41 17.60 41.79
N HIS B 34 -4.19 16.59 42.23
CA HIS B 34 -3.70 15.52 43.09
C HIS B 34 -3.18 14.36 42.31
N GLU B 35 -3.98 13.80 41.39
CA GLU B 35 -3.61 12.65 40.56
C GLU B 35 -4.11 12.79 39.12
N PRO B 36 -3.39 12.32 38.07
CA PRO B 36 -2.02 11.74 38.07
C PRO B 36 -0.98 12.85 38.29
N LYS B 37 0.33 12.52 38.24
CA LYS B 37 1.35 13.55 38.46
C LYS B 37 1.79 14.13 37.12
N GLY B 38 1.42 13.41 36.07
CA GLY B 38 1.66 13.75 34.70
C GLY B 38 1.03 12.76 33.77
N TYR B 39 1.15 13.00 32.46
CA TYR B 39 0.53 12.10 31.47
C TYR B 39 1.26 12.10 30.15
N ASN B 40 0.99 11.08 29.34
CA ASN B 40 1.56 10.93 28.01
C ASN B 40 0.63 11.61 27.03
N ALA B 41 0.84 12.92 26.87
CA ALA B 41 0.04 13.81 26.01
C ALA B 41 0.30 13.55 24.55
N ASN B 42 1.60 13.41 24.21
CA ASN B 42 2.15 13.28 22.86
C ASN B 42 1.91 14.58 22.06
N PHE B 43 2.53 14.66 20.88
CA PHE B 43 2.39 15.76 19.94
C PHE B 43 2.58 15.31 18.49
N CYS B 44 2.21 16.19 17.56
CA CYS B 44 2.31 15.96 16.13
C CYS B 44 3.36 16.89 15.58
N ALA B 45 4.36 16.33 14.91
CA ALA B 45 5.44 17.10 14.29
C ALA B 45 6.00 16.36 13.08
N GLY B 46 6.59 17.13 12.15
CA GLY B 46 7.17 16.59 10.94
C GLY B 46 6.70 17.26 9.68
N ALA B 47 7.48 17.10 8.60
CA ALA B 47 7.25 17.68 7.29
C ALA B 47 5.93 17.26 6.68
N CYS B 48 5.31 18.14 5.87
CA CYS B 48 4.06 17.81 5.19
C CYS B 48 4.29 17.76 3.65
N PRO B 49 5.04 16.75 3.13
CA PRO B 49 5.26 16.70 1.66
C PRO B 49 3.98 16.37 0.89
N TYR B 50 4.04 16.57 -0.43
CA TYR B 50 2.94 16.33 -1.34
C TYR B 50 2.20 15.04 -1.08
N LEU B 51 0.91 15.18 -0.76
CA LEU B 51 -0.06 14.13 -0.46
C LEU B 51 0.10 13.32 0.80
N TRP B 52 1.12 13.61 1.60
CA TRP B 52 1.38 12.89 2.85
C TRP B 52 0.32 13.18 3.89
N SER B 53 -0.53 12.19 4.18
CA SER B 53 -1.60 12.21 5.17
C SER B 53 -2.45 13.52 5.19
N SER B 54 -2.86 13.98 3.97
CA SER B 54 -3.60 15.22 3.71
C SER B 54 -5.01 15.16 4.18
N ASP B 55 -5.42 16.16 4.97
CA ASP B 55 -6.72 16.29 5.60
C ASP B 55 -7.86 16.64 4.60
N THR B 56 -7.79 17.82 3.97
CA THR B 56 -8.83 18.36 3.09
C THR B 56 -8.24 18.65 1.73
N GLN B 57 -9.13 19.10 0.77
CA GLN B 57 -8.73 19.47 -0.60
C GLN B 57 -7.69 20.56 -0.54
N HIS B 58 -7.91 21.55 0.37
CA HIS B 58 -6.99 22.66 0.64
C HIS B 58 -5.60 22.17 0.99
N SER B 59 -5.47 21.16 1.89
CA SER B 59 -4.15 20.61 2.24
C SER B 59 -3.53 19.84 1.08
N ARG B 60 -4.35 19.13 0.28
CA ARG B 60 -3.85 18.45 -0.90
C ARG B 60 -3.23 19.49 -1.83
N VAL B 61 -4.00 20.56 -2.16
CA VAL B 61 -3.55 21.63 -3.00
C VAL B 61 -2.31 22.33 -2.46
N LEU B 62 -2.28 22.69 -1.18
CA LEU B 62 -1.08 23.34 -0.64
C LEU B 62 0.17 22.47 -0.59
N SER B 63 0.04 21.15 -0.28
CA SER B 63 1.19 20.24 -0.27
C SER B 63 1.82 20.33 -1.66
N LEU B 64 0.98 20.47 -2.71
CA LEU B 64 1.42 20.62 -4.09
C LEU B 64 2.03 22.02 -4.31
N TYR B 65 1.30 23.10 -3.96
CA TYR B 65 1.80 24.48 -4.08
C TYR B 65 3.18 24.61 -3.41
N ASN B 66 3.31 24.11 -2.17
CA ASN B 66 4.55 24.16 -1.41
C ASN B 66 5.67 23.26 -1.95
N THR B 67 5.33 22.28 -2.80
CA THR B 67 6.36 21.46 -3.45
C THR B 67 7.01 22.34 -4.55
N ILE B 68 6.16 23.03 -5.36
CA ILE B 68 6.53 23.95 -6.43
C ILE B 68 7.16 25.26 -5.90
N ASN B 69 6.51 25.94 -4.93
CA ASN B 69 7.01 27.20 -4.38
C ASN B 69 7.19 27.15 -2.85
N PRO B 70 8.30 26.53 -2.38
CA PRO B 70 8.53 26.47 -0.92
C PRO B 70 8.69 27.86 -0.28
N GLU B 71 9.27 28.81 -1.04
CA GLU B 71 9.55 30.19 -0.63
C GLU B 71 8.35 30.93 -0.03
N ALA B 72 7.12 30.62 -0.49
CA ALA B 72 5.86 31.25 -0.03
C ALA B 72 5.51 30.94 1.43
N SER B 73 6.13 29.90 2.03
CA SER B 73 5.92 29.44 3.41
C SER B 73 4.48 28.93 3.65
N ALA B 74 3.80 28.51 2.58
CA ALA B 74 2.41 28.08 2.60
C ALA B 74 2.15 26.57 2.77
N SER B 75 3.10 25.85 3.36
CA SER B 75 2.97 24.40 3.61
C SER B 75 1.82 24.04 4.58
N PRO B 76 1.12 22.88 4.36
CA PRO B 76 0.19 22.38 5.40
C PRO B 76 0.95 22.04 6.70
N CYS B 77 0.26 21.94 7.83
CA CYS B 77 0.94 21.67 9.11
C CYS B 77 0.62 20.34 9.73
N CYS B 78 1.58 19.79 10.48
CA CYS B 78 1.36 18.50 11.14
C CYS B 78 0.53 18.70 12.41
N VAL B 79 -0.73 18.20 12.41
CA VAL B 79 -1.66 18.40 13.55
C VAL B 79 -2.42 17.17 14.02
N SER B 80 -3.10 17.31 15.16
CA SER B 80 -3.89 16.26 15.82
C SER B 80 -5.08 15.82 14.97
N GLN B 81 -5.35 14.53 14.99
CA GLN B 81 -6.52 13.99 14.32
C GLN B 81 -7.41 13.42 15.41
N ASP B 82 -7.04 12.24 15.98
CA ASP B 82 -7.83 11.62 17.04
C ASP B 82 -7.28 11.94 18.42
N LEU B 83 -8.17 12.34 19.33
CA LEU B 83 -7.77 12.68 20.69
C LEU B 83 -8.49 11.86 21.72
N GLU B 84 -7.91 11.76 22.90
CA GLU B 84 -8.47 11.02 24.01
C GLU B 84 -8.55 11.85 25.31
N PRO B 85 -9.52 11.54 26.19
CA PRO B 85 -9.62 12.32 27.44
C PRO B 85 -8.64 11.82 28.50
N LEU B 86 -8.49 12.59 29.58
CA LEU B 86 -7.64 12.24 30.70
C LEU B 86 -8.43 12.50 31.96
N THR B 87 -8.63 11.44 32.75
CA THR B 87 -9.32 11.49 34.04
C THR B 87 -8.35 11.98 35.12
N ILE B 88 -8.72 13.08 35.82
CA ILE B 88 -7.93 13.67 36.89
C ILE B 88 -8.66 13.60 38.25
N LEU B 89 -7.88 13.65 39.35
CA LEU B 89 -8.39 13.71 40.71
C LEU B 89 -7.81 14.96 41.38
N TYR B 90 -8.68 15.80 41.96
CA TYR B 90 -8.27 16.99 42.69
C TYR B 90 -9.14 17.18 43.95
N TYR B 91 -8.65 17.92 44.93
CA TYR B 91 -9.34 18.15 46.19
C TYR B 91 -9.84 19.56 46.38
N ILE B 92 -11.06 19.70 46.91
CA ILE B 92 -11.65 20.98 47.32
C ILE B 92 -11.74 20.82 48.84
N GLY B 93 -10.67 21.24 49.52
CA GLY B 93 -10.49 21.02 50.94
C GLY B 93 -10.25 19.55 51.16
N LYS B 94 -11.19 18.88 51.87
CA LYS B 94 -11.19 17.45 52.21
C LYS B 94 -11.90 16.64 51.09
N THR B 95 -12.74 17.34 50.28
CA THR B 95 -13.58 16.75 49.22
C THR B 95 -12.81 16.29 47.98
N PRO B 96 -12.79 14.98 47.66
CA PRO B 96 -12.17 14.55 46.40
C PRO B 96 -13.13 14.76 45.22
N LYS B 97 -12.55 15.21 44.07
CA LYS B 97 -13.27 15.50 42.84
C LYS B 97 -12.62 14.81 41.66
N ILE B 98 -13.41 13.99 40.95
CA ILE B 98 -12.97 13.26 39.77
C ILE B 98 -13.47 13.99 38.54
N GLU B 99 -12.54 14.49 37.72
CA GLU B 99 -12.90 15.22 36.52
C GLU B 99 -12.37 14.59 35.25
N GLN B 100 -13.17 14.62 34.17
CA GLN B 100 -12.69 14.14 32.87
C GLN B 100 -12.38 15.38 32.07
N LEU B 101 -11.14 15.53 31.66
CA LEU B 101 -10.76 16.63 30.80
C LEU B 101 -10.67 15.98 29.42
N SER B 102 -11.48 16.45 28.46
CA SER B 102 -11.49 15.91 27.09
C SER B 102 -10.39 16.49 26.21
N ASN B 103 -10.00 15.73 25.17
CA ASN B 103 -9.00 16.10 24.17
C ASN B 103 -7.69 16.51 24.76
N MET B 104 -7.20 15.71 25.73
CA MET B 104 -5.94 15.94 26.42
C MET B 104 -4.80 15.14 25.80
N ILE B 105 -5.08 13.94 25.30
CA ILE B 105 -4.06 13.09 24.69
C ILE B 105 -4.28 13.01 23.16
N VAL B 106 -3.22 13.22 22.36
CA VAL B 106 -3.30 13.03 20.90
C VAL B 106 -2.95 11.61 20.57
N LYS B 107 -3.86 10.90 19.85
CA LYS B 107 -3.68 9.51 19.44
C LYS B 107 -3.18 9.31 17.98
N SER B 108 -3.64 10.18 17.04
CA SER B 108 -3.24 10.12 15.64
C SER B 108 -3.02 11.51 15.07
N CYS B 109 -2.24 11.61 13.99
CA CYS B 109 -1.91 12.87 13.30
C CYS B 109 -2.46 12.96 11.85
N LYS B 110 -2.43 14.19 11.31
CA LYS B 110 -2.81 14.53 9.93
C LYS B 110 -2.08 15.79 9.50
N CYS B 111 -1.95 15.99 8.17
CA CYS B 111 -1.38 17.20 7.57
C CYS B 111 -2.53 18.10 7.14
N SER B 112 -2.68 19.29 7.77
CA SER B 112 -3.77 20.24 7.54
C SER B 112 -3.34 21.66 7.09
N ALA C 1 5.79 -6.16 -5.06
CA ALA C 1 6.57 -7.20 -5.76
C ALA C 1 7.62 -7.91 -4.90
N LEU C 2 7.87 -9.19 -5.19
CA LEU C 2 8.81 -10.04 -4.47
C LEU C 2 10.19 -10.01 -5.13
N ASP C 3 10.78 -8.80 -5.21
CA ASP C 3 12.08 -8.52 -5.81
C ASP C 3 13.15 -8.14 -4.79
N ALA C 4 14.38 -7.83 -5.27
CA ALA C 4 15.50 -7.45 -4.42
C ALA C 4 15.14 -6.28 -3.51
N ALA C 5 14.48 -5.23 -4.08
CA ALA C 5 14.02 -4.01 -3.41
C ALA C 5 13.25 -4.33 -2.13
N TYR C 6 12.28 -5.24 -2.20
CA TYR C 6 11.54 -5.62 -1.01
C TYR C 6 12.29 -6.68 -0.20
N CYS C 7 12.57 -7.84 -0.81
CA CYS C 7 13.15 -9.05 -0.21
C CYS C 7 14.46 -8.91 0.50
N PHE C 8 15.39 -8.14 -0.07
CA PHE C 8 16.70 -8.00 0.53
C PHE C 8 16.71 -6.95 1.64
N ARG C 9 15.78 -5.99 1.57
CA ARG C 9 15.66 -4.90 2.54
C ARG C 9 14.76 -5.24 3.74
N ASN C 10 14.04 -6.39 3.71
CA ASN C 10 13.08 -6.79 4.75
C ASN C 10 13.16 -8.26 5.13
N VAL C 11 12.93 -8.58 6.40
CA VAL C 11 12.92 -9.97 6.87
C VAL C 11 11.53 -10.58 6.53
N GLN C 12 11.53 -11.81 5.97
CA GLN C 12 10.33 -12.53 5.56
C GLN C 12 10.55 -14.01 5.61
N ASP C 13 9.63 -14.74 6.26
CA ASP C 13 9.71 -16.21 6.33
C ASP C 13 8.85 -16.85 5.24
N ASN C 14 7.99 -16.01 4.65
CA ASN C 14 7.12 -16.35 3.55
C ASN C 14 7.93 -16.18 2.28
N CYS C 15 7.44 -16.78 1.17
CA CYS C 15 8.01 -16.74 -0.15
C CYS C 15 8.67 -15.40 -0.48
N CYS C 16 9.96 -15.44 -0.78
CA CYS C 16 10.76 -14.26 -1.09
C CYS C 16 11.94 -14.66 -1.90
N LEU C 17 12.54 -13.67 -2.58
CA LEU C 17 13.77 -13.79 -3.33
C LEU C 17 14.93 -13.84 -2.29
N ARG C 18 15.72 -14.91 -2.34
CA ARG C 18 16.84 -15.14 -1.44
C ARG C 18 18.14 -14.94 -2.20
N PRO C 19 19.21 -14.37 -1.58
CA PRO C 19 20.47 -14.18 -2.33
C PRO C 19 21.28 -15.46 -2.42
N LEU C 20 21.97 -15.63 -3.54
CA LEU C 20 22.83 -16.77 -3.77
C LEU C 20 23.81 -16.46 -4.85
N TYR C 21 25.09 -16.51 -4.46
CA TYR C 21 26.19 -16.38 -5.39
C TYR C 21 26.65 -17.80 -5.73
N ILE C 22 26.87 -18.04 -7.02
CA ILE C 22 27.34 -19.34 -7.48
C ILE C 22 28.66 -19.14 -8.18
N ASP C 23 29.69 -19.89 -7.71
CA ASP C 23 31.03 -19.96 -8.31
C ASP C 23 31.00 -21.23 -9.21
N PHE C 24 31.27 -21.05 -10.52
CA PHE C 24 31.22 -22.11 -11.52
C PHE C 24 32.06 -23.31 -11.20
N LYS C 25 33.37 -23.12 -10.92
CA LYS C 25 34.26 -24.22 -10.60
C LYS C 25 33.93 -24.84 -9.25
N ARG C 26 33.88 -24.02 -8.17
CA ARG C 26 33.62 -24.49 -6.82
C ARG C 26 32.24 -25.17 -6.62
N ASP C 27 31.15 -24.58 -7.15
CA ASP C 27 29.80 -25.09 -6.92
C ASP C 27 29.16 -25.95 -8.01
N LEU C 28 29.54 -25.77 -9.27
CA LEU C 28 28.93 -26.58 -10.33
C LEU C 28 29.90 -27.58 -10.95
N GLY C 29 31.20 -27.33 -10.76
CA GLY C 29 32.25 -28.13 -11.36
C GLY C 29 32.45 -27.80 -12.84
N TRP C 30 32.03 -26.58 -13.27
CA TRP C 30 32.17 -26.14 -14.65
C TRP C 30 33.49 -25.47 -14.78
N LYS C 31 34.41 -26.10 -15.52
CA LYS C 31 35.78 -25.60 -15.67
C LYS C 31 36.02 -24.91 -17.01
N TRP C 32 35.02 -24.91 -17.90
CA TRP C 32 35.08 -24.35 -19.24
C TRP C 32 34.86 -22.83 -19.40
N ILE C 33 34.27 -22.13 -18.39
CA ILE C 33 34.04 -20.68 -18.48
C ILE C 33 35.29 -19.90 -18.02
N HIS C 34 35.70 -18.90 -18.83
CA HIS C 34 36.85 -18.07 -18.51
C HIS C 34 36.44 -16.95 -17.56
N GLU C 35 35.31 -16.30 -17.84
CA GLU C 35 34.79 -15.14 -17.12
C GLU C 35 33.24 -15.11 -17.28
N PRO C 36 32.45 -14.79 -16.21
CA PRO C 36 32.83 -14.51 -14.82
C PRO C 36 33.15 -15.80 -14.06
N LYS C 37 33.68 -15.72 -12.84
CA LYS C 37 34.04 -16.93 -12.07
C LYS C 37 32.83 -17.42 -11.30
N GLY C 38 31.79 -16.60 -11.33
CA GLY C 38 30.51 -16.85 -10.70
C GLY C 38 29.54 -15.73 -10.99
N TYR C 39 28.35 -15.85 -10.41
CA TYR C 39 27.27 -14.87 -10.60
C TYR C 39 26.25 -15.02 -9.48
N ASN C 40 25.36 -14.04 -9.37
CA ASN C 40 24.30 -14.08 -8.38
C ASN C 40 23.05 -14.63 -9.03
N ALA C 41 22.87 -15.93 -8.93
CA ALA C 41 21.72 -16.57 -9.54
C ALA C 41 20.46 -16.24 -8.73
N ASN C 42 20.61 -16.32 -7.39
CA ASN C 42 19.58 -16.16 -6.36
C ASN C 42 18.62 -17.28 -6.48
N PHE C 43 17.64 -17.35 -5.58
CA PHE C 43 16.59 -18.37 -5.60
C PHE C 43 15.34 -17.90 -4.85
N CYS C 44 14.25 -18.67 -4.98
CA CYS C 44 12.96 -18.41 -4.39
C CYS C 44 12.69 -19.45 -3.33
N ALA C 45 12.41 -19.00 -2.10
CA ALA C 45 12.13 -19.87 -0.95
C ALA C 45 11.28 -19.17 0.09
N GLY C 46 10.48 -19.96 0.80
CA GLY C 46 9.61 -19.44 1.84
C GLY C 46 8.19 -19.94 1.72
N ALA C 47 7.46 -19.87 2.84
CA ALA C 47 6.06 -20.28 2.98
C ALA C 47 5.13 -19.59 1.97
N CYS C 48 4.07 -20.31 1.58
CA CYS C 48 3.09 -19.76 0.67
C CYS C 48 1.71 -19.67 1.40
N PRO C 49 1.55 -18.71 2.36
CA PRO C 49 0.27 -18.58 3.07
C PRO C 49 -0.84 -18.06 2.17
N TYR C 50 -2.09 -18.15 2.66
CA TYR C 50 -3.27 -17.74 1.91
C TYR C 50 -3.11 -16.40 1.25
N LEU C 51 -3.30 -16.39 -0.08
CA LEU C 51 -3.25 -15.23 -0.99
C LEU C 51 -1.93 -14.45 -1.08
N TRP C 52 -0.82 -14.99 -0.53
CA TRP C 52 0.49 -14.37 -0.60
C TRP C 52 1.08 -14.63 -1.97
N SER C 53 1.19 -13.56 -2.77
CA SER C 53 1.79 -13.55 -4.12
C SER C 53 1.41 -14.73 -5.04
N SER C 54 0.13 -15.14 -5.00
CA SER C 54 -0.47 -16.24 -5.77
C SER C 54 -0.36 -15.96 -7.25
N ASP C 55 -0.05 -17.01 -8.04
CA ASP C 55 0.16 -16.99 -9.49
C ASP C 55 -1.16 -17.14 -10.28
N THR C 56 -1.85 -18.28 -10.13
CA THR C 56 -3.08 -18.59 -10.84
C THR C 56 -4.21 -18.81 -9.85
N GLN C 57 -5.44 -19.05 -10.37
CA GLN C 57 -6.62 -19.33 -9.56
C GLN C 57 -6.35 -20.57 -8.70
N HIS C 58 -5.67 -21.60 -9.31
CA HIS C 58 -5.24 -22.84 -8.65
C HIS C 58 -4.40 -22.54 -7.42
N SER C 59 -3.39 -21.64 -7.56
CA SER C 59 -2.46 -21.15 -6.53
C SER C 59 -3.25 -20.49 -5.39
N ARG C 60 -4.27 -19.67 -5.73
CA ARG C 60 -5.15 -18.99 -4.77
C ARG C 60 -5.93 -20.02 -3.98
N VAL C 61 -6.64 -20.92 -4.70
CA VAL C 61 -7.45 -21.99 -4.11
C VAL C 61 -6.61 -22.89 -3.20
N LEU C 62 -5.45 -23.34 -3.66
CA LEU C 62 -4.57 -24.20 -2.88
C LEU C 62 -4.02 -23.58 -1.63
N SER C 63 -3.63 -22.29 -1.68
CA SER C 63 -3.13 -21.57 -0.50
C SER C 63 -4.27 -21.55 0.57
N LEU C 64 -5.56 -21.49 0.14
CA LEU C 64 -6.74 -21.57 1.01
C LEU C 64 -6.89 -23.04 1.51
N TYR C 65 -6.92 -24.03 0.61
CA TYR C 65 -6.98 -25.44 0.98
C TYR C 65 -5.91 -25.77 2.03
N ASN C 66 -4.65 -25.36 1.78
CA ASN C 66 -3.51 -25.62 2.66
C ASN C 66 -3.56 -24.84 4.00
N THR C 67 -4.40 -23.79 4.08
CA THR C 67 -4.59 -23.06 5.33
C THR C 67 -5.51 -23.95 6.22
N ILE C 68 -6.60 -24.47 5.62
CA ILE C 68 -7.56 -25.36 6.25
C ILE C 68 -6.99 -26.77 6.53
N ASN C 69 -6.36 -27.41 5.53
CA ASN C 69 -5.80 -28.75 5.68
C ASN C 69 -4.29 -28.82 5.34
N PRO C 70 -3.43 -28.40 6.28
CA PRO C 70 -1.97 -28.46 6.02
C PRO C 70 -1.46 -29.88 5.79
N GLU C 71 -2.06 -30.85 6.51
CA GLU C 71 -1.73 -32.29 6.48
C GLU C 71 -1.64 -32.90 5.07
N ALA C 72 -2.45 -32.41 4.11
CA ALA C 72 -2.50 -32.90 2.73
C ALA C 72 -1.22 -32.68 1.91
N SER C 73 -0.31 -31.78 2.39
CA SER C 73 0.97 -31.40 1.76
C SER C 73 0.78 -30.72 0.38
N ALA C 74 -0.42 -30.13 0.16
CA ALA C 74 -0.81 -29.53 -1.11
C ALA C 74 -0.58 -28.03 -1.24
N SER C 75 0.36 -27.48 -0.48
CA SER C 75 0.72 -26.06 -0.52
C SER C 75 1.29 -25.61 -1.87
N PRO C 76 0.98 -24.37 -2.33
CA PRO C 76 1.66 -23.82 -3.52
C PRO C 76 3.16 -23.65 -3.22
N CYS C 77 3.97 -23.41 -4.27
CA CYS C 77 5.44 -23.26 -4.17
C CYS C 77 6.01 -21.92 -4.49
N CYS C 78 7.07 -21.58 -3.76
CA CYS C 78 7.79 -20.35 -3.96
C CYS C 78 8.74 -20.56 -5.14
N VAL C 79 8.33 -20.01 -6.31
CA VAL C 79 9.04 -20.16 -7.58
C VAL C 79 9.38 -18.86 -8.29
N SER C 80 10.28 -18.97 -9.30
CA SER C 80 10.75 -17.86 -10.12
C SER C 80 9.65 -17.20 -10.92
N GLN C 81 9.71 -15.87 -11.03
CA GLN C 81 8.77 -15.13 -11.87
C GLN C 81 9.58 -14.48 -12.99
N ASP C 82 10.34 -13.42 -12.68
CA ASP C 82 11.14 -12.74 -13.69
C ASP C 82 12.57 -13.22 -13.68
N LEU C 83 13.10 -13.48 -14.87
CA LEU C 83 14.43 -14.03 -15.04
C LEU C 83 15.30 -13.20 -15.96
N GLU C 84 16.61 -13.23 -15.73
CA GLU C 84 17.57 -12.48 -16.52
C GLU C 84 18.66 -13.36 -17.12
N PRO C 85 19.21 -12.96 -18.31
CA PRO C 85 20.32 -13.75 -18.89
C PRO C 85 21.69 -13.41 -18.25
N LEU C 86 22.69 -14.23 -18.58
CA LEU C 86 24.04 -14.08 -18.05
C LEU C 86 25.01 -14.18 -19.20
N THR C 87 25.81 -13.12 -19.40
CA THR C 87 26.82 -13.11 -20.47
C THR C 87 28.08 -13.79 -19.98
N ILE C 88 28.55 -14.74 -20.77
CA ILE C 88 29.74 -15.48 -20.39
C ILE C 88 30.79 -15.41 -21.48
N LEU C 89 32.07 -15.55 -21.07
CA LEU C 89 33.21 -15.55 -21.97
C LEU C 89 33.96 -16.89 -21.81
N TYR C 90 34.03 -17.67 -22.89
CA TYR C 90 34.78 -18.92 -22.86
C TYR C 90 35.70 -19.04 -24.10
N TYR C 91 36.73 -19.87 -24.00
CA TYR C 91 37.69 -20.04 -25.09
C TYR C 91 37.62 -21.37 -25.76
N ILE C 92 37.76 -21.39 -27.09
CA ILE C 92 37.90 -22.62 -27.88
C ILE C 92 39.34 -22.51 -28.38
N GLY C 93 40.28 -23.05 -27.60
CA GLY C 93 41.71 -22.90 -27.86
C GLY C 93 42.09 -21.45 -27.58
N LYS C 94 42.53 -20.73 -28.64
CA LYS C 94 42.91 -19.32 -28.65
C LYS C 94 41.69 -18.41 -28.85
N THR C 95 40.63 -19.00 -29.42
CA THR C 95 39.41 -18.30 -29.79
C THR C 95 38.50 -17.87 -28.65
N PRO C 96 38.23 -16.56 -28.50
CA PRO C 96 37.28 -16.13 -27.46
C PRO C 96 35.85 -16.18 -27.96
N LYS C 97 34.93 -16.67 -27.12
CA LYS C 97 33.52 -16.79 -27.46
C LYS C 97 32.63 -16.17 -26.37
N ILE C 98 31.74 -15.26 -26.79
CA ILE C 98 30.78 -14.62 -25.89
C ILE C 98 29.41 -15.30 -26.02
N GLU C 99 28.83 -15.73 -24.89
CA GLU C 99 27.51 -16.36 -24.88
C GLU C 99 26.60 -15.74 -23.89
N GLN C 100 25.38 -15.47 -24.31
CA GLN C 100 24.31 -15.01 -23.43
C GLN C 100 23.57 -16.29 -23.09
N LEU C 101 23.61 -16.66 -21.81
CA LEU C 101 22.88 -17.84 -21.34
C LEU C 101 21.57 -17.29 -20.75
N SER C 102 20.42 -17.63 -21.37
CA SER C 102 19.16 -17.05 -20.90
C SER C 102 18.57 -17.72 -19.68
N ASN C 103 17.76 -16.96 -18.90
CA ASN C 103 17.05 -17.39 -17.71
C ASN C 103 17.94 -18.08 -16.72
N MET C 104 19.08 -17.45 -16.46
CA MET C 104 20.10 -17.90 -15.54
C MET C 104 19.98 -17.24 -14.15
N ILE C 105 19.40 -16.02 -14.07
CA ILE C 105 19.26 -15.28 -12.80
C ILE C 105 17.78 -15.03 -12.44
N VAL C 106 17.37 -15.37 -11.20
CA VAL C 106 16.01 -15.06 -10.77
C VAL C 106 15.95 -13.65 -10.22
N LYS C 107 15.05 -12.82 -10.78
CA LYS C 107 14.91 -11.41 -10.40
C LYS C 107 13.74 -11.14 -9.47
N SER C 108 12.62 -11.91 -9.60
CA SER C 108 11.42 -11.81 -8.76
C SER C 108 10.79 -13.19 -8.55
N CYS C 109 10.00 -13.36 -7.48
CA CYS C 109 9.31 -14.59 -7.10
C CYS C 109 7.80 -14.52 -7.15
N LYS C 110 7.16 -15.70 -6.99
CA LYS C 110 5.72 -15.90 -6.92
C LYS C 110 5.41 -17.22 -6.19
N CYS C 111 4.14 -17.40 -5.79
CA CYS C 111 3.65 -18.63 -5.18
C CYS C 111 2.79 -19.34 -6.23
N SER C 112 3.21 -20.55 -6.68
CA SER C 112 2.51 -21.33 -7.72
C SER C 112 2.03 -22.73 -7.31
N ALA D 1 6.38 -36.63 -19.69
CA ALA D 1 5.48 -35.61 -19.13
C ALA D 1 5.00 -36.00 -17.76
N LEU D 2 5.01 -35.05 -16.82
CA LEU D 2 4.51 -35.33 -15.47
C LEU D 2 3.00 -35.08 -15.44
N ASP D 3 2.23 -35.99 -16.07
CA ASP D 3 0.78 -35.97 -16.14
C ASP D 3 0.17 -37.28 -15.57
N ALA D 4 -1.20 -37.39 -15.61
CA ALA D 4 -1.98 -38.54 -15.11
C ALA D 4 -1.47 -39.88 -15.67
N ALA D 5 -1.21 -39.90 -17.00
CA ALA D 5 -0.69 -41.06 -17.72
C ALA D 5 0.54 -41.62 -17.02
N TYR D 6 1.50 -40.77 -16.68
CA TYR D 6 2.71 -41.23 -16.03
C TYR D 6 2.51 -41.34 -14.51
N CYS D 7 2.22 -40.20 -13.87
CA CYS D 7 2.11 -40.03 -12.42
C CYS D 7 1.14 -40.97 -11.72
N PHE D 8 -0.06 -41.16 -12.27
CA PHE D 8 -1.05 -41.97 -11.60
C PHE D 8 -0.85 -43.46 -11.80
N ARG D 9 -0.11 -43.83 -12.86
CA ARG D 9 0.19 -45.22 -13.19
C ARG D 9 1.47 -45.72 -12.54
N ASN D 10 2.28 -44.84 -11.92
CA ASN D 10 3.59 -45.22 -11.36
C ASN D 10 3.90 -44.52 -10.04
N VAL D 11 4.70 -45.19 -9.20
CA VAL D 11 5.13 -44.62 -7.92
C VAL D 11 6.34 -43.69 -8.18
N GLN D 12 6.35 -42.50 -7.55
CA GLN D 12 7.40 -41.50 -7.71
C GLN D 12 7.47 -40.61 -6.50
N ASP D 13 8.66 -40.44 -5.93
CA ASP D 13 8.86 -39.58 -4.77
C ASP D 13 9.36 -38.20 -5.20
N ASN D 14 9.78 -38.15 -6.46
CA ASN D 14 10.21 -36.94 -7.13
C ASN D 14 8.97 -36.26 -7.65
N CYS D 15 9.11 -34.97 -7.98
CA CYS D 15 8.07 -34.11 -8.51
C CYS D 15 7.13 -34.84 -9.45
N CYS D 16 5.86 -34.90 -9.07
CA CYS D 16 4.83 -35.53 -9.85
C CYS D 16 3.49 -34.92 -9.56
N LEU D 17 2.53 -35.17 -10.46
CA LEU D 17 1.15 -34.76 -10.32
C LEU D 17 0.52 -35.73 -9.33
N ARG D 18 -0.08 -35.16 -8.28
CA ARG D 18 -0.71 -35.88 -7.20
C ARG D 18 -2.22 -35.72 -7.29
N PRO D 19 -3.03 -36.77 -7.02
CA PRO D 19 -4.48 -36.58 -7.11
C PRO D 19 -5.06 -35.85 -5.90
N LEU D 20 -6.03 -34.95 -6.14
CA LEU D 20 -6.72 -34.20 -5.09
C LEU D 20 -8.08 -33.78 -5.53
N TYR D 21 -9.09 -34.15 -4.73
CA TYR D 21 -10.48 -33.78 -4.95
C TYR D 21 -10.81 -32.80 -3.83
N ILE D 22 -11.13 -31.53 -4.20
CA ILE D 22 -11.45 -30.46 -3.27
C ILE D 22 -12.96 -30.40 -3.19
N ASP D 23 -13.55 -30.59 -1.97
CA ASP D 23 -15.01 -30.45 -1.68
C ASP D 23 -15.25 -28.95 -1.36
N PHE D 24 -16.08 -28.25 -2.18
CA PHE D 24 -16.29 -26.80 -2.00
C PHE D 24 -16.67 -26.38 -0.60
N LYS D 25 -17.74 -26.99 -0.02
CA LYS D 25 -18.19 -26.67 1.31
C LYS D 25 -17.19 -27.16 2.36
N ARG D 26 -16.84 -28.45 2.35
CA ARG D 26 -15.95 -29.05 3.34
C ARG D 26 -14.56 -28.48 3.34
N ASP D 27 -13.97 -28.35 2.18
CA ASP D 27 -12.58 -27.94 2.13
C ASP D 27 -12.28 -26.45 2.04
N LEU D 28 -13.16 -25.68 1.40
CA LEU D 28 -12.89 -24.26 1.20
C LEU D 28 -13.88 -23.32 1.91
N GLY D 29 -15.04 -23.85 2.25
CA GLY D 29 -16.09 -23.07 2.86
C GLY D 29 -16.94 -22.30 1.84
N TRP D 30 -16.95 -22.73 0.57
CA TRP D 30 -17.73 -22.09 -0.48
C TRP D 30 -19.09 -22.72 -0.50
N LYS D 31 -20.10 -21.96 -0.11
CA LYS D 31 -21.46 -22.48 0.02
C LYS D 31 -22.38 -22.06 -1.12
N TRP D 32 -21.87 -21.24 -2.07
CA TRP D 32 -22.62 -20.67 -3.20
C TRP D 32 -22.75 -21.54 -4.47
N ILE D 33 -21.94 -22.62 -4.63
CA ILE D 33 -22.02 -23.45 -5.84
C ILE D 33 -23.13 -24.51 -5.73
N HIS D 34 -23.92 -24.68 -6.80
CA HIS D 34 -24.95 -25.71 -6.87
C HIS D 34 -24.34 -27.05 -7.36
N GLU D 35 -23.54 -27.00 -8.41
CA GLU D 35 -22.93 -28.16 -9.06
C GLU D 35 -21.62 -27.71 -9.73
N PRO D 36 -20.52 -28.44 -9.57
CA PRO D 36 -20.35 -29.68 -8.79
C PRO D 36 -20.25 -29.44 -7.26
N LYS D 37 -20.09 -30.51 -6.48
CA LYS D 37 -19.95 -30.40 -5.03
C LYS D 37 -18.48 -30.33 -4.64
N GLY D 38 -17.65 -30.62 -5.62
CA GLY D 38 -16.20 -30.62 -5.53
C GLY D 38 -15.60 -31.00 -6.87
N TYR D 39 -14.27 -30.96 -6.97
CA TYR D 39 -13.60 -31.21 -8.24
C TYR D 39 -12.19 -31.68 -8.05
N ASN D 40 -11.67 -32.35 -9.07
CA ASN D 40 -10.34 -32.94 -9.09
C ASN D 40 -9.29 -31.90 -9.49
N ALA D 41 -8.94 -31.06 -8.52
CA ALA D 41 -7.99 -29.98 -8.70
C ALA D 41 -6.62 -30.49 -9.00
N ASN D 42 -6.20 -31.55 -8.28
CA ASN D 42 -4.86 -32.15 -8.23
C ASN D 42 -3.85 -31.16 -7.66
N PHE D 43 -2.61 -31.59 -7.47
CA PHE D 43 -1.52 -30.74 -7.04
C PHE D 43 -0.18 -31.33 -7.48
N CYS D 44 0.89 -30.51 -7.38
CA CYS D 44 2.24 -30.86 -7.74
C CYS D 44 3.06 -30.93 -6.47
N ALA D 45 3.69 -32.08 -6.24
CA ALA D 45 4.54 -32.29 -5.08
C ALA D 45 5.62 -33.34 -5.40
N GLY D 46 6.73 -33.25 -4.67
CA GLY D 46 7.85 -34.16 -4.82
C GLY D 46 9.20 -33.48 -4.99
N ALA D 47 10.27 -34.24 -4.75
CA ALA D 47 11.66 -33.81 -4.87
C ALA D 47 11.99 -33.34 -6.28
N CYS D 48 12.93 -32.39 -6.38
CA CYS D 48 13.36 -31.88 -7.67
C CYS D 48 14.86 -32.22 -7.88
N PRO D 49 15.20 -33.51 -8.13
CA PRO D 49 16.62 -33.84 -8.31
C PRO D 49 17.19 -33.30 -9.61
N TYR D 50 18.52 -33.42 -9.76
CA TYR D 50 19.27 -33.00 -10.92
C TYR D 50 18.59 -33.36 -12.25
N LEU D 51 18.25 -32.33 -13.04
CA LEU D 51 17.64 -32.39 -14.37
C LEU D 51 16.27 -33.04 -14.51
N TRP D 52 15.59 -33.26 -13.38
CA TRP D 52 14.26 -33.84 -13.39
C TRP D 52 13.25 -32.76 -13.72
N SER D 53 12.65 -32.88 -14.92
CA SER D 53 11.60 -32.01 -15.44
C SER D 53 11.77 -30.48 -15.25
N SER D 54 12.97 -29.98 -15.58
CA SER D 54 13.39 -28.60 -15.43
C SER D 54 12.70 -27.63 -16.36
N ASP D 55 12.17 -26.56 -15.78
CA ASP D 55 11.45 -25.47 -16.44
C ASP D 55 12.41 -24.54 -17.26
N THR D 56 13.34 -23.88 -16.59
CA THR D 56 14.28 -22.92 -17.17
C THR D 56 15.72 -23.36 -16.91
N GLN D 57 16.71 -22.65 -17.50
CA GLN D 57 18.15 -22.88 -17.30
C GLN D 57 18.47 -22.76 -15.83
N HIS D 58 17.90 -21.74 -15.18
CA HIS D 58 18.02 -21.48 -13.75
C HIS D 58 17.62 -22.72 -12.92
N SER D 59 16.44 -23.34 -13.23
CA SER D 59 16.00 -24.56 -12.54
C SER D 59 17.01 -25.71 -12.78
N ARG D 60 17.54 -25.87 -14.03
CA ARG D 60 18.55 -26.90 -14.35
C ARG D 60 19.79 -26.70 -13.48
N VAL D 61 20.32 -25.46 -13.46
CA VAL D 61 21.49 -25.08 -12.66
C VAL D 61 21.22 -25.33 -11.17
N LEU D 62 20.07 -24.88 -10.62
CA LEU D 62 19.76 -25.11 -9.19
C LEU D 62 19.56 -26.55 -8.81
N SER D 63 19.08 -27.40 -9.73
CA SER D 63 18.93 -28.83 -9.48
C SER D 63 20.32 -29.48 -9.32
N LEU D 64 21.35 -28.91 -10.00
CA LEU D 64 22.76 -29.28 -9.88
C LEU D 64 23.37 -28.68 -8.60
N TYR D 65 23.21 -27.36 -8.37
CA TYR D 65 23.68 -26.70 -7.15
C TYR D 65 23.20 -27.44 -5.90
N ASN D 66 21.90 -27.77 -5.85
CA ASN D 66 21.31 -28.46 -4.71
C ASN D 66 21.74 -29.95 -4.57
N THR D 67 22.31 -30.53 -5.63
CA THR D 67 22.84 -31.88 -5.57
C THR D 67 24.18 -31.78 -4.77
N ILE D 68 25.01 -30.79 -5.14
CA ILE D 68 26.31 -30.47 -4.53
C ILE D 68 26.15 -29.89 -3.10
N ASN D 69 25.33 -28.84 -2.93
CA ASN D 69 25.13 -28.19 -1.64
C ASN D 69 23.66 -28.17 -1.19
N PRO D 70 23.16 -29.32 -0.66
CA PRO D 70 21.76 -29.36 -0.19
C PRO D 70 21.48 -28.37 0.95
N GLU D 71 22.48 -28.14 1.83
CA GLU D 71 22.46 -27.27 3.01
C GLU D 71 21.93 -25.84 2.73
N ALA D 72 22.21 -25.29 1.53
CA ALA D 72 21.79 -23.94 1.10
C ALA D 72 20.25 -23.75 1.01
N SER D 73 19.48 -24.88 0.96
CA SER D 73 18.02 -24.96 0.84
C SER D 73 17.51 -24.37 -0.49
N ALA D 74 18.38 -24.34 -1.51
CA ALA D 74 18.13 -23.71 -2.80
C ALA D 74 17.60 -24.62 -3.91
N SER D 75 16.94 -25.71 -3.56
CA SER D 75 16.35 -26.64 -4.52
C SER D 75 15.21 -26.02 -5.35
N PRO D 76 15.08 -26.37 -6.66
CA PRO D 76 13.88 -25.96 -7.43
C PRO D 76 12.61 -26.57 -6.79
N CYS D 77 11.44 -26.01 -7.12
CA CYS D 77 10.17 -26.44 -6.53
C CYS D 77 9.28 -27.19 -7.49
N CYS D 78 8.48 -28.12 -6.98
CA CYS D 78 7.56 -28.85 -7.83
C CYS D 78 6.30 -28.01 -8.03
N VAL D 79 6.06 -27.53 -9.28
CA VAL D 79 4.94 -26.64 -9.61
C VAL D 79 4.11 -26.97 -10.83
N SER D 80 2.99 -26.29 -10.98
CA SER D 80 2.03 -26.46 -12.08
C SER D 80 2.60 -26.09 -13.44
N GLN D 81 2.27 -26.85 -14.46
CA GLN D 81 2.68 -26.55 -15.82
C GLN D 81 1.43 -26.30 -16.62
N ASP D 82 0.65 -27.34 -16.97
CA ASP D 82 -0.58 -27.17 -17.76
C ASP D 82 -1.79 -27.11 -16.85
N LEU D 83 -2.65 -26.11 -17.08
CA LEU D 83 -3.84 -25.89 -16.28
C LEU D 83 -5.12 -25.94 -17.07
N GLU D 84 -6.21 -26.40 -16.46
CA GLU D 84 -7.49 -26.48 -17.15
C GLU D 84 -8.62 -25.78 -16.40
N PRO D 85 -9.68 -25.31 -17.12
CA PRO D 85 -10.79 -24.66 -16.42
C PRO D 85 -11.77 -25.65 -15.82
N LEU D 86 -12.67 -25.11 -15.00
CA LEU D 86 -13.72 -25.80 -14.29
C LEU D 86 -15.02 -25.11 -14.60
N THR D 87 -16.00 -25.87 -15.08
CA THR D 87 -17.33 -25.32 -15.34
C THR D 87 -18.22 -25.51 -14.10
N ILE D 88 -18.77 -24.42 -13.59
CA ILE D 88 -19.62 -24.45 -12.41
C ILE D 88 -21.02 -23.89 -12.71
N LEU D 89 -22.00 -24.30 -11.88
CA LEU D 89 -23.40 -23.86 -11.95
C LEU D 89 -23.80 -23.40 -10.57
N TYR D 90 -24.30 -22.16 -10.53
CA TYR D 90 -24.78 -21.53 -9.32
C TYR D 90 -26.08 -20.78 -9.61
N TYR D 91 -26.89 -20.56 -8.57
CA TYR D 91 -28.17 -19.90 -8.69
C TYR D 91 -28.20 -18.51 -8.10
N ILE D 92 -28.86 -17.57 -8.79
CA ILE D 92 -29.15 -16.24 -8.28
C ILE D 92 -30.68 -16.28 -8.16
N GLY D 93 -31.15 -16.69 -6.98
CA GLY D 93 -32.57 -16.92 -6.76
C GLY D 93 -32.99 -18.18 -7.52
N LYS D 94 -33.90 -18.02 -8.50
CA LYS D 94 -34.40 -19.07 -9.39
C LYS D 94 -33.53 -19.15 -10.66
N THR D 95 -32.72 -18.09 -10.92
CA THR D 95 -31.87 -17.97 -12.12
C THR D 95 -30.62 -18.86 -12.12
N PRO D 96 -30.50 -19.86 -13.03
CA PRO D 96 -29.27 -20.64 -13.08
C PRO D 96 -28.18 -19.89 -13.85
N LYS D 97 -26.93 -19.97 -13.37
CA LYS D 97 -25.78 -19.31 -13.97
C LYS D 97 -24.61 -20.29 -14.14
N ILE D 98 -24.09 -20.39 -15.38
CA ILE D 98 -22.96 -21.26 -15.72
C ILE D 98 -21.67 -20.44 -15.83
N GLU D 99 -20.63 -20.84 -15.11
CA GLU D 99 -19.36 -20.13 -15.15
C GLU D 99 -18.21 -21.05 -15.41
N GLN D 100 -17.31 -20.65 -16.31
CA GLN D 100 -16.09 -21.36 -16.55
C GLN D 100 -15.07 -20.63 -15.72
N LEU D 101 -14.52 -21.29 -14.69
CA LEU D 101 -13.50 -20.70 -13.85
C LEU D 101 -12.18 -21.22 -14.41
N SER D 102 -11.32 -20.34 -14.91
CA SER D 102 -10.06 -20.77 -15.51
C SER D 102 -8.98 -21.12 -14.51
N ASN D 103 -8.02 -21.97 -14.95
CA ASN D 103 -6.84 -22.41 -14.20
C ASN D 103 -7.16 -22.92 -12.82
N MET D 104 -8.22 -23.75 -12.74
CA MET D 104 -8.69 -24.34 -11.51
C MET D 104 -8.09 -25.72 -11.29
N ILE D 105 -7.81 -26.45 -12.37
CA ILE D 105 -7.26 -27.81 -12.37
C ILE D 105 -5.82 -27.88 -12.94
N VAL D 106 -4.94 -28.64 -12.27
CA VAL D 106 -3.58 -28.86 -12.75
C VAL D 106 -3.55 -30.20 -13.49
N LYS D 107 -3.07 -30.17 -14.74
CA LYS D 107 -2.97 -31.33 -15.61
C LYS D 107 -1.56 -31.90 -15.65
N SER D 108 -0.54 -31.05 -15.52
CA SER D 108 0.85 -31.49 -15.55
C SER D 108 1.74 -30.64 -14.66
N CYS D 109 2.89 -31.20 -14.25
CA CYS D 109 3.90 -30.57 -13.37
C CYS D 109 5.23 -30.30 -14.01
N LYS D 110 6.05 -29.49 -13.31
CA LYS D 110 7.41 -29.14 -13.71
C LYS D 110 8.18 -28.79 -12.47
N CYS D 111 9.51 -28.77 -12.55
CA CYS D 111 10.41 -28.35 -11.49
C CYS D 111 10.93 -26.95 -11.86
N SER D 112 10.61 -25.94 -11.03
CA SER D 112 11.00 -24.54 -11.26
C SER D 112 11.85 -23.92 -10.11
N VAL E 2 10.01 11.23 -18.49
CA VAL E 2 8.56 11.04 -18.44
C VAL E 2 8.19 9.78 -19.23
N GLN E 3 7.46 8.86 -18.59
CA GLN E 3 7.07 7.60 -19.20
C GLN E 3 5.85 7.00 -18.54
N LEU E 4 4.96 6.41 -19.35
CA LEU E 4 3.77 5.74 -18.86
C LEU E 4 3.98 4.25 -19.08
N VAL E 5 3.88 3.48 -17.99
CA VAL E 5 4.09 2.04 -18.05
C VAL E 5 2.82 1.34 -17.69
N GLN E 6 2.30 0.57 -18.64
CA GLN E 6 1.05 -0.17 -18.49
C GLN E 6 1.27 -1.63 -18.06
N SER E 7 0.21 -2.20 -17.47
CA SER E 7 0.15 -3.59 -17.03
C SER E 7 0.25 -4.51 -18.28
N GLY E 8 0.56 -5.80 -18.05
CA GLY E 8 0.70 -6.79 -19.11
C GLY E 8 -0.60 -7.24 -19.74
N ALA E 9 -0.49 -8.02 -20.86
CA ALA E 9 -1.64 -8.54 -21.61
C ALA E 9 -2.51 -9.46 -20.76
N GLU E 10 -3.80 -9.51 -21.08
CA GLU E 10 -4.80 -10.31 -20.36
C GLU E 10 -5.79 -11.03 -21.26
N VAL E 11 -6.35 -12.11 -20.74
CA VAL E 11 -7.39 -12.91 -21.39
C VAL E 11 -8.54 -12.88 -20.46
N LYS E 12 -9.72 -12.59 -20.99
CA LYS E 12 -10.88 -12.51 -20.13
C LYS E 12 -12.06 -13.17 -20.77
N LYS E 13 -12.83 -13.95 -19.96
CA LYS E 13 -14.03 -14.66 -20.44
C LYS E 13 -15.12 -13.60 -20.75
N PRO E 14 -16.00 -13.81 -21.75
CA PRO E 14 -17.07 -12.81 -22.00
C PRO E 14 -17.95 -12.61 -20.76
N GLY E 15 -18.45 -11.40 -20.56
CA GLY E 15 -19.26 -11.05 -19.40
C GLY E 15 -18.44 -10.63 -18.21
N SER E 16 -17.14 -10.93 -18.24
CA SER E 16 -16.17 -10.58 -17.21
C SER E 16 -15.80 -9.08 -17.25
N SER E 17 -14.82 -8.71 -16.42
CA SER E 17 -14.30 -7.35 -16.34
C SER E 17 -12.76 -7.35 -16.25
N VAL E 18 -12.13 -6.29 -16.75
CA VAL E 18 -10.67 -6.16 -16.76
C VAL E 18 -10.23 -4.83 -16.14
N LYS E 19 -9.20 -4.83 -15.30
CA LYS E 19 -8.64 -3.63 -14.69
C LYS E 19 -7.22 -3.47 -15.27
N VAL E 20 -6.99 -2.43 -16.09
CA VAL E 20 -5.69 -2.18 -16.72
C VAL E 20 -5.05 -1.01 -15.97
N SER E 21 -3.79 -1.16 -15.54
CA SER E 21 -3.09 -0.10 -14.82
C SER E 21 -2.12 0.67 -15.75
N CYS E 22 -1.68 1.83 -15.28
CA CYS E 22 -0.80 2.73 -16.00
C CYS E 22 -0.03 3.59 -14.95
N LYS E 23 1.25 3.28 -14.76
CA LYS E 23 2.08 4.01 -13.80
C LYS E 23 2.86 5.18 -14.45
N ALA E 24 2.80 6.35 -13.83
CA ALA E 24 3.53 7.51 -14.35
C ALA E 24 4.83 7.77 -13.58
N SER E 25 5.97 7.86 -14.31
CA SER E 25 7.33 8.17 -13.80
C SER E 25 7.46 9.71 -13.59
N GLY E 26 7.67 10.12 -12.33
CA GLY E 26 7.84 11.53 -11.96
C GLY E 26 6.65 12.19 -11.30
N TYR E 27 6.73 13.54 -11.19
CA TYR E 27 5.75 14.45 -10.60
C TYR E 27 4.97 15.18 -11.71
N THR E 28 4.26 14.39 -12.53
CA THR E 28 3.45 14.83 -13.67
C THR E 28 2.00 14.35 -13.52
N PHE E 29 1.79 13.44 -12.55
CA PHE E 29 0.51 12.83 -12.26
C PHE E 29 -0.48 13.84 -11.70
N SER E 30 0.03 14.68 -10.83
CA SER E 30 -0.59 15.79 -10.11
C SER E 30 -1.09 16.94 -11.04
N SER E 31 -0.72 16.88 -12.33
CA SER E 31 -0.98 17.99 -13.22
C SER E 31 -1.66 17.69 -14.54
N ASN E 32 -1.64 16.40 -14.96
CA ASN E 32 -2.18 16.00 -16.24
C ASN E 32 -3.46 15.24 -16.23
N VAL E 33 -4.29 15.47 -17.25
CA VAL E 33 -5.50 14.71 -17.50
C VAL E 33 -4.98 13.41 -18.16
N ILE E 34 -5.46 12.26 -17.70
CA ILE E 34 -5.09 10.98 -18.27
C ILE E 34 -6.30 10.46 -19.05
N SER E 35 -6.12 10.23 -20.36
CA SER E 35 -7.10 9.69 -21.26
C SER E 35 -6.84 8.20 -21.52
N TRP E 36 -7.92 7.43 -21.87
CA TRP E 36 -7.85 6.01 -22.22
C TRP E 36 -8.41 5.87 -23.63
N VAL E 37 -7.62 5.22 -24.49
CA VAL E 37 -7.95 5.00 -25.91
C VAL E 37 -7.73 3.53 -26.23
N ARG E 38 -8.64 2.93 -26.98
CA ARG E 38 -8.44 1.55 -27.39
C ARG E 38 -8.29 1.46 -28.87
N GLN E 39 -7.73 0.39 -29.35
CA GLN E 39 -7.54 0.16 -30.78
C GLN E 39 -7.73 -1.31 -31.09
N ALA E 40 -8.75 -1.59 -31.88
CA ALA E 40 -9.07 -2.94 -32.31
C ALA E 40 -8.97 -2.97 -33.84
N PRO E 41 -8.57 -4.09 -34.48
CA PRO E 41 -8.53 -4.11 -35.95
C PRO E 41 -9.87 -3.69 -36.58
N GLY E 42 -10.99 -4.19 -36.02
CA GLY E 42 -12.35 -3.84 -36.45
C GLY E 42 -12.66 -2.34 -36.42
N GLN E 43 -13.09 -1.82 -35.23
CA GLN E 43 -13.45 -0.42 -34.96
C GLN E 43 -12.33 0.68 -34.97
N GLY E 44 -11.05 0.29 -35.05
CA GLY E 44 -9.94 1.24 -35.04
C GLY E 44 -9.76 1.94 -33.70
N LEU E 45 -9.15 3.19 -33.72
CA LEU E 45 -8.89 4.01 -32.52
C LEU E 45 -10.18 4.60 -31.94
N GLU E 46 -10.44 4.36 -30.63
CA GLU E 46 -11.65 4.84 -29.94
C GLU E 46 -11.27 5.39 -28.61
N TRP E 47 -11.72 6.62 -28.32
CA TRP E 47 -11.52 7.28 -27.03
C TRP E 47 -12.57 6.75 -26.10
N MET E 48 -12.16 6.39 -24.88
CA MET E 48 -13.05 5.80 -23.90
C MET E 48 -13.51 6.77 -22.82
N GLY E 49 -12.58 7.58 -22.34
CA GLY E 49 -12.81 8.54 -21.30
C GLY E 49 -11.49 8.97 -20.69
N GLY E 50 -11.60 9.89 -19.74
CA GLY E 50 -10.47 10.46 -19.05
C GLY E 50 -10.75 10.74 -17.59
N VAL E 51 -9.71 11.04 -16.85
CA VAL E 51 -9.75 11.38 -15.44
C VAL E 51 -8.83 12.57 -15.16
N ILE E 52 -9.31 13.54 -14.38
CA ILE E 52 -8.57 14.72 -13.90
C ILE E 52 -8.12 14.37 -12.48
N PRO E 53 -6.81 14.40 -12.21
CA PRO E 53 -6.32 14.03 -10.86
C PRO E 53 -6.52 15.11 -9.78
N ILE E 54 -6.36 14.69 -8.49
CA ILE E 54 -6.51 15.48 -7.26
C ILE E 54 -8.00 15.81 -7.02
N VAL E 55 -8.67 16.37 -8.03
CA VAL E 55 -10.08 16.71 -7.97
C VAL E 55 -10.94 15.46 -8.25
N ASP E 56 -10.32 14.45 -8.88
CA ASP E 56 -10.86 13.15 -9.26
C ASP E 56 -12.22 13.14 -9.99
N ILE E 57 -12.26 13.96 -11.05
CA ILE E 57 -13.39 14.04 -11.96
C ILE E 57 -13.06 13.12 -13.15
N ALA E 58 -13.95 12.12 -13.41
CA ALA E 58 -13.84 11.21 -14.56
C ALA E 58 -14.96 11.55 -15.49
N ASN E 59 -14.70 11.44 -16.79
CA ASN E 59 -15.65 11.74 -17.85
C ASN E 59 -15.57 10.64 -18.87
N TYR E 60 -16.72 10.17 -19.33
CA TYR E 60 -16.73 9.03 -20.26
C TYR E 60 -17.41 9.29 -21.58
N ALA E 61 -16.96 8.58 -22.63
CA ALA E 61 -17.58 8.62 -23.96
C ALA E 61 -18.94 7.92 -23.82
N GLN E 62 -19.99 8.39 -24.52
CA GLN E 62 -21.31 7.74 -24.41
C GLN E 62 -21.32 6.23 -24.57
N ARG E 63 -20.73 5.72 -25.66
CA ARG E 63 -20.72 4.28 -25.94
C ARG E 63 -20.09 3.40 -24.83
N PHE E 64 -19.38 4.01 -23.87
CA PHE E 64 -18.72 3.30 -22.76
C PHE E 64 -19.32 3.61 -21.40
N LYS E 65 -20.05 4.76 -21.25
CA LYS E 65 -20.68 5.18 -19.99
C LYS E 65 -21.62 4.10 -19.47
N GLY E 66 -21.28 3.58 -18.28
CA GLY E 66 -22.01 2.49 -17.63
C GLY E 66 -21.20 1.22 -17.52
N ARG E 67 -20.05 1.11 -18.28
CA ARG E 67 -19.17 -0.07 -18.30
C ARG E 67 -17.77 0.27 -17.90
N VAL E 68 -17.40 1.54 -17.99
CA VAL E 68 -16.03 1.97 -17.70
C VAL E 68 -15.92 2.75 -16.40
N THR E 69 -14.78 2.58 -15.71
CA THR E 69 -14.42 3.34 -14.52
C THR E 69 -12.96 3.67 -14.66
N ILE E 70 -12.62 4.96 -14.57
CA ILE E 70 -11.25 5.41 -14.64
C ILE E 70 -10.94 6.05 -13.32
N THR E 71 -9.97 5.52 -12.59
CA THR E 71 -9.61 5.98 -11.24
C THR E 71 -8.14 6.35 -11.20
N ALA E 72 -7.79 7.28 -10.32
CA ALA E 72 -6.42 7.79 -10.13
C ALA E 72 -5.95 7.62 -8.68
N ASP E 73 -5.00 6.69 -8.46
CA ASP E 73 -4.39 6.45 -7.15
C ASP E 73 -3.12 7.32 -7.09
N GLU E 74 -3.28 8.59 -6.64
CA GLU E 74 -2.19 9.58 -6.60
C GLU E 74 -0.97 9.18 -5.75
N SER E 75 -1.17 8.28 -4.75
CA SER E 75 -0.14 7.72 -3.88
C SER E 75 0.91 6.89 -4.67
N THR E 76 0.44 6.00 -5.59
CA THR E 76 1.28 5.19 -6.47
C THR E 76 1.54 5.86 -7.83
N SER E 77 0.96 7.09 -8.05
CA SER E 77 1.00 7.85 -9.32
C SER E 77 0.56 6.90 -10.46
N THR E 78 -0.60 6.27 -10.29
CA THR E 78 -1.11 5.24 -11.19
C THR E 78 -2.57 5.47 -11.52
N THR E 79 -2.93 5.28 -12.79
CA THR E 79 -4.32 5.38 -13.25
C THR E 79 -4.78 3.96 -13.60
N TYR E 80 -6.02 3.68 -13.28
CA TYR E 80 -6.63 2.39 -13.54
C TYR E 80 -7.82 2.56 -14.45
N MET E 81 -8.01 1.60 -15.33
CA MET E 81 -9.15 1.57 -16.22
C MET E 81 -9.81 0.21 -16.05
N GLU E 82 -11.08 0.26 -15.72
CA GLU E 82 -11.85 -0.96 -15.57
C GLU E 82 -13.00 -0.99 -16.55
N LEU E 83 -12.99 -2.00 -17.42
CA LEU E 83 -14.05 -2.21 -18.41
C LEU E 83 -14.78 -3.51 -18.05
N SER E 84 -16.10 -3.43 -17.85
CA SER E 84 -16.93 -4.55 -17.42
C SER E 84 -17.87 -5.03 -18.52
N SER E 85 -18.56 -6.15 -18.27
CA SER E 85 -19.48 -6.80 -19.23
C SER E 85 -18.78 -6.90 -20.56
N LEU E 86 -17.62 -7.59 -20.54
CA LEU E 86 -16.75 -7.74 -21.70
C LEU E 86 -17.41 -8.57 -22.79
N ARG E 87 -17.30 -8.08 -24.01
CA ARG E 87 -17.79 -8.78 -25.21
C ARG E 87 -16.59 -8.95 -26.16
N SER E 88 -16.71 -9.78 -27.21
CA SER E 88 -15.60 -10.04 -28.13
C SER E 88 -15.07 -8.79 -28.78
N GLU E 89 -15.96 -7.81 -28.98
CA GLU E 89 -15.65 -6.52 -29.62
C GLU E 89 -14.76 -5.66 -28.74
N ASP E 90 -14.55 -6.07 -27.47
CA ASP E 90 -13.69 -5.39 -26.52
C ASP E 90 -12.24 -5.88 -26.62
N THR E 91 -11.97 -6.85 -27.49
CA THR E 91 -10.63 -7.35 -27.78
C THR E 91 -9.94 -6.22 -28.54
N ALA E 92 -8.88 -5.66 -27.90
CA ALA E 92 -8.11 -4.53 -28.42
C ALA E 92 -6.91 -4.26 -27.56
N VAL E 93 -6.06 -3.32 -28.05
CA VAL E 93 -4.90 -2.77 -27.35
C VAL E 93 -5.43 -1.51 -26.68
N TYR E 94 -5.25 -1.44 -25.38
CA TYR E 94 -5.72 -0.33 -24.55
C TYR E 94 -4.54 0.54 -24.22
N TYR E 95 -4.67 1.84 -24.48
CA TYR E 95 -3.60 2.79 -24.16
C TYR E 95 -4.08 3.83 -23.17
N CYS E 96 -3.20 4.25 -22.27
CA CYS E 96 -3.45 5.43 -21.43
C CYS E 96 -2.57 6.49 -22.07
N ALA E 97 -3.00 7.74 -22.05
CA ALA E 97 -2.24 8.84 -22.59
C ALA E 97 -2.52 10.09 -21.79
N SER E 98 -1.57 10.97 -21.70
CA SER E 98 -1.86 12.20 -21.02
C SER E 98 -2.14 13.26 -22.11
N THR E 99 -3.12 14.13 -21.85
CA THR E 99 -3.49 15.18 -22.80
C THR E 99 -2.58 16.41 -22.66
N LEU E 100 -2.62 17.29 -23.66
CA LEU E 100 -1.88 18.55 -23.69
C LEU E 100 -2.35 19.56 -22.64
N GLY E 101 -3.59 19.45 -22.18
CA GLY E 101 -4.12 20.34 -21.15
C GLY E 101 -5.58 20.11 -20.80
N LEU E 102 -6.44 20.14 -21.82
CA LEU E 102 -7.88 19.98 -21.64
C LEU E 102 -8.33 18.52 -21.49
N VAL E 103 -9.59 18.32 -21.10
CA VAL E 103 -10.17 17.00 -20.93
C VAL E 103 -10.19 16.31 -22.29
N LEU E 104 -10.63 17.01 -23.33
CA LEU E 104 -10.61 16.57 -24.71
C LEU E 104 -9.47 17.35 -25.38
N ASP E 105 -8.35 16.68 -25.68
CA ASP E 105 -7.20 17.35 -26.26
C ASP E 105 -6.30 16.35 -27.01
N ALA E 106 -5.21 16.85 -27.60
CA ALA E 106 -4.17 16.06 -28.26
C ALA E 106 -3.42 15.34 -27.15
N MET E 107 -2.91 14.14 -27.43
CA MET E 107 -2.20 13.33 -26.43
C MET E 107 -0.76 13.14 -26.82
N ASP E 108 0.18 13.71 -26.03
CA ASP E 108 1.62 13.65 -26.27
C ASP E 108 2.34 12.42 -25.71
N TYR E 109 2.03 11.99 -24.49
CA TYR E 109 2.68 10.83 -23.89
C TYR E 109 1.72 9.67 -23.86
N TRP E 110 2.20 8.50 -24.31
CA TRP E 110 1.40 7.29 -24.37
C TRP E 110 2.11 6.16 -23.67
N GLY E 111 1.33 5.21 -23.17
CA GLY E 111 1.88 4.00 -22.59
C GLY E 111 2.19 3.05 -23.72
N GLN E 112 2.87 1.94 -23.42
CA GLN E 112 3.22 0.99 -24.48
C GLN E 112 2.00 0.28 -25.11
N GLY E 113 0.89 0.26 -24.39
CA GLY E 113 -0.33 -0.44 -24.77
C GLY E 113 -0.49 -1.75 -24.02
N THR E 114 -1.75 -2.22 -23.89
CA THR E 114 -2.09 -3.47 -23.21
C THR E 114 -3.09 -4.26 -24.06
N LEU E 115 -2.70 -5.48 -24.49
CA LEU E 115 -3.61 -6.31 -25.27
C LEU E 115 -4.61 -7.06 -24.36
N VAL E 116 -5.90 -6.85 -24.60
CA VAL E 116 -6.92 -7.52 -23.85
C VAL E 116 -7.67 -8.38 -24.86
N THR E 117 -7.62 -9.69 -24.61
CA THR E 117 -8.30 -10.68 -25.44
C THR E 117 -9.56 -11.14 -24.72
N VAL E 118 -10.71 -11.03 -25.41
CA VAL E 118 -11.98 -11.45 -24.84
C VAL E 118 -12.41 -12.71 -25.55
N SER E 119 -12.25 -13.86 -24.87
CA SER E 119 -12.54 -15.16 -25.42
C SER E 119 -12.90 -16.17 -24.36
N SER E 120 -13.78 -17.13 -24.73
CA SER E 120 -14.15 -18.25 -23.84
C SER E 120 -13.09 -19.37 -23.95
N ALA E 121 -12.19 -19.29 -24.98
CA ALA E 121 -11.16 -20.28 -25.28
C ALA E 121 -10.14 -20.41 -24.19
N SER E 122 -9.50 -21.57 -24.13
CA SER E 122 -8.49 -21.89 -23.13
C SER E 122 -7.07 -21.57 -23.53
N THR E 123 -6.35 -21.10 -22.51
CA THR E 123 -4.95 -20.75 -22.58
C THR E 123 -4.15 -22.00 -22.88
N LYS E 124 -3.30 -21.91 -23.89
CA LYS E 124 -2.39 -23.00 -24.26
C LYS E 124 -1.02 -22.38 -24.55
N GLY E 125 0.01 -23.00 -23.99
CA GLY E 125 1.41 -22.61 -24.20
C GLY E 125 1.90 -23.09 -25.56
N PRO E 126 2.92 -22.43 -26.14
CA PRO E 126 3.38 -22.86 -27.48
C PRO E 126 4.33 -24.05 -27.50
N SER E 127 4.47 -24.65 -28.69
CA SER E 127 5.44 -25.69 -28.97
C SER E 127 6.44 -24.97 -29.87
N VAL E 128 7.72 -24.94 -29.47
CA VAL E 128 8.74 -24.25 -30.25
C VAL E 128 9.55 -25.25 -31.06
N PHE E 129 9.60 -25.07 -32.38
CA PHE E 129 10.34 -25.97 -33.27
C PHE E 129 11.44 -25.27 -34.01
N PRO E 130 12.62 -25.89 -34.20
CA PRO E 130 13.66 -25.21 -35.00
C PRO E 130 13.39 -25.24 -36.50
N LEU E 131 13.93 -24.25 -37.21
CA LEU E 131 13.85 -24.13 -38.66
C LEU E 131 15.28 -24.03 -39.12
N ALA E 132 15.77 -25.14 -39.72
CA ALA E 132 17.14 -25.28 -40.19
C ALA E 132 17.15 -25.81 -41.61
N PRO E 133 18.10 -25.36 -42.47
CA PRO E 133 18.15 -25.85 -43.86
C PRO E 133 18.68 -27.26 -43.98
N CYS E 134 18.71 -27.80 -45.21
CA CYS E 134 19.11 -29.16 -45.50
C CYS E 134 20.57 -29.44 -45.64
N SER E 135 21.43 -28.40 -45.62
CA SER E 135 22.89 -28.50 -45.80
C SER E 135 23.29 -28.73 -47.27
N ARG E 136 22.32 -29.13 -48.10
CA ARG E 136 22.46 -29.29 -49.54
C ARG E 136 22.29 -27.89 -50.19
N SER E 137 21.19 -27.16 -49.83
CA SER E 137 20.79 -25.85 -50.36
C SER E 137 21.58 -24.67 -49.81
N THR E 138 22.35 -24.91 -48.72
CA THR E 138 23.19 -23.91 -48.04
C THR E 138 24.33 -23.30 -48.91
N SER E 139 24.35 -23.64 -50.23
CA SER E 139 25.32 -23.23 -51.26
C SER E 139 25.38 -21.70 -51.63
N GLU E 140 25.37 -20.80 -50.61
CA GLU E 140 25.42 -19.34 -50.80
C GLU E 140 26.28 -18.68 -49.70
N SER E 141 26.31 -17.32 -49.65
CA SER E 141 27.05 -16.53 -48.65
C SER E 141 26.19 -16.25 -47.39
N THR E 142 24.85 -16.18 -47.56
CA THR E 142 23.87 -15.96 -46.49
C THR E 142 22.94 -17.15 -46.34
N ALA E 143 22.68 -17.48 -45.08
CA ALA E 143 21.83 -18.59 -44.65
C ALA E 143 20.70 -18.07 -43.77
N ALA E 144 19.60 -18.79 -43.74
CA ALA E 144 18.51 -18.43 -42.86
C ALA E 144 18.24 -19.56 -41.88
N LEU E 145 17.96 -19.16 -40.65
CA LEU E 145 17.58 -20.05 -39.56
C LEU E 145 16.33 -19.45 -38.98
N GLY E 146 15.64 -20.24 -38.20
CA GLY E 146 14.48 -19.72 -37.51
C GLY E 146 13.95 -20.73 -36.53
N CYS E 147 12.81 -20.37 -35.95
CA CYS E 147 12.06 -21.25 -35.09
C CYS E 147 10.58 -20.90 -35.26
N LEU E 148 9.77 -21.93 -35.14
CA LEU E 148 8.35 -21.89 -35.33
C LEU E 148 7.64 -22.00 -33.98
N VAL E 149 6.92 -20.93 -33.61
CA VAL E 149 6.19 -20.85 -32.33
C VAL E 149 4.74 -21.24 -32.65
N LYS E 150 4.40 -22.53 -32.42
CA LYS E 150 3.13 -23.11 -32.81
C LYS E 150 2.15 -23.42 -31.70
N ASP E 151 0.84 -23.31 -32.04
CA ASP E 151 -0.32 -23.68 -31.24
C ASP E 151 -0.42 -23.07 -29.87
N TYR E 152 -0.46 -21.73 -29.78
CA TYR E 152 -0.60 -21.03 -28.51
C TYR E 152 -1.85 -20.18 -28.51
N PHE E 153 -2.31 -19.82 -27.33
CA PHE E 153 -3.48 -18.96 -27.11
C PHE E 153 -3.43 -18.42 -25.69
N PRO E 154 -3.69 -17.12 -25.48
CA PRO E 154 -3.95 -16.09 -26.50
C PRO E 154 -2.65 -15.43 -26.96
N GLU E 155 -2.79 -14.34 -27.70
CA GLU E 155 -1.67 -13.50 -28.10
C GLU E 155 -1.31 -12.65 -26.84
N PRO E 156 -0.04 -12.21 -26.63
CA PRO E 156 1.12 -12.31 -27.51
C PRO E 156 2.23 -13.24 -27.00
N VAL E 157 3.20 -13.49 -27.89
CA VAL E 157 4.42 -14.21 -27.55
C VAL E 157 5.52 -13.22 -27.87
N THR E 158 6.58 -13.24 -27.05
CA THR E 158 7.78 -12.43 -27.22
C THR E 158 8.84 -13.38 -27.78
N VAL E 159 9.51 -12.98 -28.87
CA VAL E 159 10.59 -13.78 -29.47
C VAL E 159 11.85 -12.96 -29.60
N SER E 160 12.93 -13.46 -29.04
CA SER E 160 14.23 -12.82 -29.17
C SER E 160 15.25 -13.89 -29.60
N TRP E 161 16.38 -13.43 -30.16
CA TRP E 161 17.47 -14.31 -30.54
C TRP E 161 18.68 -13.97 -29.75
N ASN E 162 19.27 -14.99 -29.12
CA ASN E 162 20.47 -14.89 -28.30
C ASN E 162 20.30 -13.87 -27.18
N SER E 163 19.12 -13.94 -26.49
CA SER E 163 18.73 -13.08 -25.36
C SER E 163 18.70 -11.58 -25.70
N GLY E 164 18.57 -11.23 -26.99
CA GLY E 164 18.53 -9.85 -27.46
C GLY E 164 19.82 -9.38 -28.08
N ALA E 165 20.91 -10.16 -27.93
CA ALA E 165 22.21 -9.82 -28.53
C ALA E 165 22.19 -9.92 -30.05
N LEU E 166 21.17 -10.61 -30.61
CA LEU E 166 21.02 -10.77 -32.05
C LEU E 166 19.75 -10.07 -32.50
N THR E 167 19.94 -8.96 -33.24
CA THR E 167 18.83 -8.12 -33.70
C THR E 167 18.89 -7.88 -35.19
N SER E 168 20.12 -7.83 -35.72
CA SER E 168 20.34 -7.60 -37.14
C SER E 168 20.01 -8.84 -37.95
N GLY E 169 19.15 -8.69 -38.96
CA GLY E 169 18.75 -9.79 -39.83
C GLY E 169 17.48 -10.52 -39.40
N VAL E 170 17.01 -10.22 -38.16
CA VAL E 170 15.84 -10.82 -37.51
C VAL E 170 14.54 -10.29 -38.09
N HIS E 171 13.59 -11.20 -38.32
CA HIS E 171 12.23 -10.91 -38.76
C HIS E 171 11.29 -11.81 -37.97
N THR E 172 10.54 -11.22 -37.03
CA THR E 172 9.52 -11.95 -36.30
C THR E 172 8.21 -11.66 -37.03
N PHE E 173 7.58 -12.68 -37.57
CA PHE E 173 6.37 -12.50 -38.36
C PHE E 173 5.14 -12.28 -37.51
N PRO E 174 4.15 -11.51 -38.01
CA PRO E 174 2.89 -11.38 -37.25
C PRO E 174 2.24 -12.76 -37.09
N ALA E 175 1.62 -13.02 -35.94
CA ALA E 175 0.96 -14.30 -35.68
C ALA E 175 -0.22 -14.48 -36.60
N VAL E 176 -0.49 -15.71 -37.00
CA VAL E 176 -1.64 -16.04 -37.83
C VAL E 176 -2.54 -16.94 -37.02
N LEU E 177 -3.83 -16.76 -37.18
CA LEU E 177 -4.77 -17.61 -36.47
C LEU E 177 -4.97 -18.80 -37.38
N GLN E 178 -4.76 -19.99 -36.85
CA GLN E 178 -4.89 -21.21 -37.62
C GLN E 178 -6.34 -21.74 -37.60
N SER E 179 -6.65 -22.70 -38.48
CA SER E 179 -7.93 -23.38 -38.60
C SER E 179 -8.41 -23.97 -37.27
N SER E 180 -7.46 -24.33 -36.38
CA SER E 180 -7.71 -24.88 -35.04
C SER E 180 -8.14 -23.83 -33.99
N GLY E 181 -7.97 -22.54 -34.31
CA GLY E 181 -8.31 -21.46 -33.39
C GLY E 181 -7.16 -21.08 -32.48
N LEU E 182 -5.97 -21.66 -32.75
CA LEU E 182 -4.72 -21.39 -32.03
C LEU E 182 -3.80 -20.57 -32.93
N TYR E 183 -2.96 -19.74 -32.33
CA TYR E 183 -2.04 -18.92 -33.12
C TYR E 183 -0.75 -19.66 -33.43
N SER E 184 -0.04 -19.17 -34.44
CA SER E 184 1.22 -19.69 -34.93
C SER E 184 2.04 -18.53 -35.40
N LEU E 185 3.34 -18.59 -35.16
CA LEU E 185 4.30 -17.52 -35.48
C LEU E 185 5.66 -18.13 -35.86
N SER E 186 6.37 -17.48 -36.76
CA SER E 186 7.73 -17.91 -37.12
C SER E 186 8.65 -16.71 -36.95
N SER E 187 9.84 -16.96 -36.46
CA SER E 187 10.84 -15.91 -36.31
C SER E 187 12.05 -16.40 -37.09
N VAL E 188 12.57 -15.58 -37.97
CA VAL E 188 13.72 -15.96 -38.78
C VAL E 188 14.86 -14.98 -38.59
N VAL E 189 16.05 -15.42 -38.97
CA VAL E 189 17.27 -14.64 -38.91
C VAL E 189 18.16 -15.02 -40.08
N THR E 190 18.68 -14.03 -40.79
CA THR E 190 19.63 -14.24 -41.87
C THR E 190 21.02 -13.97 -41.33
N VAL E 191 21.91 -14.95 -41.56
CA VAL E 191 23.29 -14.94 -41.05
C VAL E 191 24.33 -15.24 -42.15
N PRO E 192 25.62 -14.85 -41.99
CA PRO E 192 26.62 -15.26 -43.00
C PRO E 192 26.88 -16.77 -42.84
N SER E 193 26.86 -17.53 -43.97
CA SER E 193 27.07 -18.98 -43.97
C SER E 193 28.31 -19.43 -43.17
N SER E 194 29.36 -18.60 -43.17
CA SER E 194 30.57 -18.83 -42.40
C SER E 194 30.25 -19.09 -40.91
N SER E 195 29.23 -18.39 -40.35
CA SER E 195 28.75 -18.46 -38.95
C SER E 195 28.22 -19.83 -38.56
N LEU E 196 27.48 -20.49 -39.48
CA LEU E 196 26.88 -21.82 -39.29
C LEU E 196 27.92 -22.83 -38.88
N GLY E 197 27.75 -23.34 -37.66
CA GLY E 197 28.65 -24.32 -37.08
C GLY E 197 29.72 -23.70 -36.20
N THR E 198 29.86 -22.36 -36.28
CA THR E 198 30.87 -21.63 -35.47
C THR E 198 30.16 -20.87 -34.35
N LYS E 199 29.06 -20.15 -34.73
CA LYS E 199 28.23 -19.36 -33.83
C LYS E 199 26.98 -20.12 -33.37
N THR E 200 26.59 -19.92 -32.09
CA THR E 200 25.42 -20.50 -31.45
C THR E 200 24.19 -19.59 -31.63
N TYR E 201 23.11 -20.17 -32.17
CA TYR E 201 21.85 -19.48 -32.39
C TYR E 201 20.76 -20.11 -31.52
N THR E 202 20.13 -19.28 -30.65
CA THR E 202 19.11 -19.69 -29.71
C THR E 202 17.95 -18.73 -29.80
N CYS E 203 16.72 -19.23 -30.04
CA CYS E 203 15.58 -18.34 -29.98
C CYS E 203 14.83 -18.54 -28.66
N ASN E 204 14.63 -17.41 -27.96
CA ASN E 204 14.00 -17.32 -26.65
C ASN E 204 12.57 -16.89 -26.82
N VAL E 205 11.66 -17.75 -26.39
CA VAL E 205 10.23 -17.52 -26.53
C VAL E 205 9.54 -17.36 -25.15
N ASP E 206 8.73 -16.31 -25.01
CA ASP E 206 8.02 -16.04 -23.75
C ASP E 206 6.54 -15.83 -24.02
N HIS E 207 5.72 -16.67 -23.35
CA HIS E 207 4.26 -16.62 -23.43
C HIS E 207 3.72 -16.44 -22.02
N LYS E 208 3.69 -15.17 -21.56
CA LYS E 208 3.26 -14.87 -20.18
C LYS E 208 1.91 -15.47 -19.80
N PRO E 209 0.86 -15.42 -20.68
CA PRO E 209 -0.44 -16.01 -20.30
C PRO E 209 -0.43 -17.45 -19.82
N SER E 210 0.47 -18.29 -20.34
CA SER E 210 0.56 -19.70 -19.96
C SER E 210 1.79 -19.98 -19.12
N ASN E 211 2.56 -18.89 -18.73
CA ASN E 211 3.79 -18.96 -17.90
C ASN E 211 4.86 -19.83 -18.60
N THR E 212 4.93 -19.76 -19.94
CA THR E 212 5.87 -20.51 -20.75
C THR E 212 7.09 -19.66 -21.11
N LYS E 213 8.27 -20.23 -20.83
CA LYS E 213 9.56 -19.66 -21.18
C LYS E 213 10.31 -20.81 -21.82
N VAL E 214 10.64 -20.67 -23.11
CA VAL E 214 11.35 -21.68 -23.89
C VAL E 214 12.60 -21.07 -24.52
N ASP E 215 13.73 -21.79 -24.45
CA ASP E 215 15.02 -21.43 -25.06
C ASP E 215 15.33 -22.57 -26.00
N LYS E 216 15.30 -22.30 -27.29
CA LYS E 216 15.46 -23.36 -28.25
C LYS E 216 16.75 -23.25 -29.04
N ARG E 217 17.62 -24.28 -28.94
CA ARG E 217 18.82 -24.19 -29.76
C ARG E 217 18.52 -24.59 -31.19
N VAL E 218 18.77 -23.69 -32.13
CA VAL E 218 18.62 -23.95 -33.56
C VAL E 218 20.01 -24.44 -34.07
N HIS E 219 20.11 -25.71 -34.49
CA HIS E 219 21.35 -26.24 -35.05
C HIS E 219 21.54 -25.75 -36.48
N HIS E 220 22.80 -25.69 -36.95
CA HIS E 220 23.16 -25.14 -38.28
C HIS E 220 22.58 -25.82 -39.52
N HIS E 221 22.03 -27.05 -39.39
CA HIS E 221 21.39 -27.83 -40.46
C HIS E 221 20.35 -28.84 -39.93
N HIS E 222 19.55 -29.37 -40.86
CA HIS E 222 18.50 -30.32 -40.57
C HIS E 222 18.95 -31.63 -39.95
N HIS E 223 18.01 -32.25 -39.19
CA HIS E 223 18.04 -33.42 -38.34
C HIS E 223 19.10 -33.17 -37.34
N HIS E 224 18.60 -32.88 -36.15
CA HIS E 224 19.40 -32.55 -35.08
C HIS E 224 19.04 -33.37 -33.80
N VAL F 2 3.40 40.08 39.98
CA VAL F 2 2.00 39.80 39.63
C VAL F 2 1.00 40.93 40.05
N GLN F 3 0.07 41.30 39.13
CA GLN F 3 -0.98 42.28 39.40
C GLN F 3 -2.33 41.80 38.89
N LEU F 4 -3.39 42.00 39.69
CA LEU F 4 -4.74 41.64 39.26
C LEU F 4 -5.49 42.93 39.13
N VAL F 5 -5.99 43.21 37.93
CA VAL F 5 -6.68 44.47 37.71
C VAL F 5 -8.13 44.23 37.44
N GLN F 6 -8.96 44.80 38.30
CA GLN F 6 -10.40 44.65 38.22
C GLN F 6 -11.06 45.79 37.49
N SER F 7 -12.27 45.52 36.96
CA SER F 7 -13.12 46.47 36.28
C SER F 7 -13.54 47.57 37.31
N GLY F 8 -13.95 48.73 36.80
CA GLY F 8 -14.31 49.87 37.64
C GLY F 8 -15.59 49.70 38.40
N ALA F 9 -15.89 50.66 39.30
CA ALA F 9 -17.11 50.68 40.11
C ALA F 9 -18.35 50.75 39.24
N GLU F 10 -19.43 50.12 39.72
CA GLU F 10 -20.68 50.04 39.00
C GLU F 10 -21.87 50.34 39.87
N VAL F 11 -22.88 50.90 39.21
CA VAL F 11 -24.17 51.24 39.78
C VAL F 11 -25.15 50.40 39.01
N LYS F 12 -25.98 49.68 39.74
CA LYS F 12 -26.92 48.77 39.12
C LYS F 12 -28.27 48.93 39.76
N LYS F 13 -29.34 48.91 38.96
CA LYS F 13 -30.71 49.03 39.47
C LYS F 13 -31.05 47.72 40.20
N PRO F 14 -31.90 47.73 41.26
CA PRO F 14 -32.27 46.44 41.91
C PRO F 14 -32.92 45.48 40.90
N GLY F 15 -32.69 44.18 41.08
CA GLY F 15 -33.22 43.15 40.20
C GLY F 15 -32.33 42.89 38.99
N SER F 16 -31.38 43.78 38.75
CA SER F 16 -30.43 43.68 37.67
C SER F 16 -29.32 42.64 37.96
N SER F 17 -28.33 42.56 37.07
CA SER F 17 -27.18 41.68 37.21
C SER F 17 -25.88 42.45 36.88
N VAL F 18 -24.76 42.04 37.47
CA VAL F 18 -23.48 42.70 37.25
C VAL F 18 -22.40 41.68 36.87
N LYS F 19 -21.53 42.01 35.92
CA LYS F 19 -20.42 41.16 35.51
C LYS F 19 -19.16 41.94 35.84
N VAL F 20 -18.36 41.47 36.81
CA VAL F 20 -17.11 42.12 37.26
C VAL F 20 -15.94 41.36 36.66
N SER F 21 -15.01 42.06 36.01
CA SER F 21 -13.85 41.41 35.40
C SER F 21 -12.60 41.53 36.25
N CYS F 22 -11.60 40.71 35.96
CA CYS F 22 -10.35 40.67 36.69
C CYS F 22 -9.28 40.13 35.74
N LYS F 23 -8.43 41.06 35.25
CA LYS F 23 -7.34 40.75 34.33
C LYS F 23 -6.08 40.41 35.12
N ALA F 24 -5.40 39.33 34.71
CA ALA F 24 -4.18 38.88 35.38
C ALA F 24 -2.91 39.03 34.54
N SER F 25 -1.74 39.15 35.21
CA SER F 25 -0.40 39.22 34.59
C SER F 25 0.02 37.87 33.91
N GLY F 26 -0.56 37.66 32.72
CA GLY F 26 -0.34 36.53 31.80
C GLY F 26 -0.39 35.11 32.35
N TYR F 27 0.81 34.57 32.66
CA TYR F 27 1.00 33.19 33.12
C TYR F 27 0.51 32.85 34.54
N THR F 28 -0.24 33.75 35.19
CA THR F 28 -0.82 33.46 36.50
C THR F 28 -2.29 32.98 36.36
N PHE F 29 -2.68 32.69 35.10
CA PHE F 29 -3.97 32.18 34.62
C PHE F 29 -3.72 30.69 34.35
N SER F 30 -2.57 30.39 33.71
CA SER F 30 -2.07 29.06 33.34
C SER F 30 -1.77 28.12 34.48
N SER F 31 -1.43 28.67 35.66
CA SER F 31 -1.00 27.93 36.85
C SER F 31 -1.83 28.22 38.12
N ASN F 32 -2.48 29.40 38.18
CA ASN F 32 -3.26 29.77 39.36
C ASN F 32 -4.74 29.52 39.36
N VAL F 33 -5.34 29.79 40.52
CA VAL F 33 -6.75 29.62 40.83
C VAL F 33 -7.26 30.98 41.26
N ILE F 34 -8.37 31.41 40.71
CA ILE F 34 -8.90 32.69 41.14
C ILE F 34 -10.07 32.54 42.10
N SER F 35 -10.02 33.25 43.20
CA SER F 35 -11.09 33.24 44.18
C SER F 35 -11.82 34.57 44.08
N TRP F 36 -13.10 34.57 44.45
CA TRP F 36 -13.89 35.78 44.52
C TRP F 36 -14.41 35.94 45.95
N VAL F 37 -14.12 37.09 46.53
CA VAL F 37 -14.46 37.41 47.92
C VAL F 37 -15.17 38.75 47.95
N ARG F 38 -16.23 38.85 48.75
CA ARG F 38 -16.93 40.12 48.87
C ARG F 38 -16.90 40.68 50.28
N GLN F 39 -16.94 42.01 50.37
CA GLN F 39 -16.96 42.69 51.64
C GLN F 39 -18.02 43.80 51.60
N ALA F 40 -19.13 43.58 52.34
CA ALA F 40 -20.24 44.54 52.41
C ALA F 40 -19.83 45.73 53.32
N PRO F 41 -20.44 46.94 53.20
CA PRO F 41 -20.00 48.07 54.04
C PRO F 41 -20.00 47.77 55.53
N GLY F 42 -18.83 48.03 56.12
CA GLY F 42 -18.55 47.81 57.54
C GLY F 42 -18.72 46.38 57.99
N GLN F 43 -18.37 45.43 57.12
CA GLN F 43 -18.51 44.00 57.39
C GLN F 43 -17.20 43.26 57.13
N GLY F 44 -17.21 41.99 57.51
CA GLY F 44 -16.14 41.05 57.28
C GLY F 44 -16.11 40.56 55.84
N LEU F 45 -15.34 39.50 55.60
CA LEU F 45 -15.14 38.95 54.27
C LEU F 45 -15.94 37.67 53.99
N GLU F 46 -16.52 37.60 52.82
CA GLU F 46 -17.35 36.48 52.39
C GLU F 46 -16.76 35.85 51.13
N TRP F 47 -16.41 34.58 51.19
CA TRP F 47 -15.91 33.86 50.03
C TRP F 47 -17.12 33.45 49.18
N MET F 48 -17.03 33.68 47.87
CA MET F 48 -18.14 33.40 46.97
C MET F 48 -17.92 32.14 46.19
N GLY F 49 -16.69 31.96 45.74
CA GLY F 49 -16.28 30.82 44.95
C GLY F 49 -14.99 31.11 44.22
N GLY F 50 -14.65 30.23 43.30
CA GLY F 50 -13.46 30.39 42.48
C GLY F 50 -13.49 29.59 41.19
N VAL F 51 -12.44 29.71 40.40
CA VAL F 51 -12.30 29.05 39.10
C VAL F 51 -10.82 28.72 38.80
N ILE F 52 -10.60 27.62 38.08
CA ILE F 52 -9.29 27.17 37.56
C ILE F 52 -9.36 27.66 36.11
N PRO F 53 -8.77 28.83 35.80
CA PRO F 53 -8.98 29.43 34.47
C PRO F 53 -8.62 28.63 33.21
N ILE F 54 -7.49 27.92 33.25
CA ILE F 54 -7.06 27.16 32.11
C ILE F 54 -8.03 26.02 31.64
N VAL F 55 -8.81 25.47 32.57
CA VAL F 55 -9.73 24.35 32.32
C VAL F 55 -11.22 24.74 32.54
N ASP F 56 -11.46 26.02 32.93
CA ASP F 56 -12.76 26.64 33.23
C ASP F 56 -13.62 25.85 34.24
N ILE F 57 -13.00 25.33 35.30
CA ILE F 57 -13.72 24.59 36.34
C ILE F 57 -13.99 25.54 37.48
N ALA F 58 -15.28 25.73 37.83
CA ALA F 58 -15.72 26.65 38.87
C ALA F 58 -16.31 25.90 40.03
N ASN F 59 -16.13 26.46 41.24
CA ASN F 59 -16.63 25.90 42.48
C ASN F 59 -17.24 27.07 43.27
N TYR F 60 -18.36 26.84 43.92
CA TYR F 60 -19.05 27.92 44.60
C TYR F 60 -19.33 27.59 46.06
N ALA F 61 -19.53 28.63 46.86
CA ALA F 61 -19.99 28.52 48.25
C ALA F 61 -21.51 28.25 48.13
N GLN F 62 -22.10 27.38 48.97
CA GLN F 62 -23.54 27.14 48.80
C GLN F 62 -24.50 28.36 48.76
N ARG F 63 -24.30 29.40 49.62
CA ARG F 63 -25.18 30.58 49.58
C ARG F 63 -25.06 31.42 48.30
N PHE F 64 -24.08 31.10 47.43
CA PHE F 64 -23.84 31.86 46.20
C PHE F 64 -24.21 31.18 44.90
N LYS F 65 -24.23 29.84 44.84
CA LYS F 65 -24.75 29.16 43.65
C LYS F 65 -26.20 29.64 43.65
N GLY F 66 -26.75 29.87 42.49
CA GLY F 66 -28.10 30.38 42.47
C GLY F 66 -28.16 31.81 42.03
N ARG F 67 -27.07 32.57 42.20
CA ARG F 67 -27.03 33.94 41.74
C ARG F 67 -25.67 34.28 41.16
N VAL F 68 -24.66 33.43 41.41
CA VAL F 68 -23.29 33.68 40.94
C VAL F 68 -22.84 32.73 39.87
N THR F 69 -22.04 33.24 38.95
CA THR F 69 -21.37 32.50 37.87
C THR F 69 -19.96 33.06 37.81
N ILE F 70 -18.97 32.18 37.89
CA ILE F 70 -17.58 32.57 37.77
C ILE F 70 -17.07 31.88 36.48
N THR F 71 -16.59 32.69 35.54
CA THR F 71 -16.13 32.18 34.24
C THR F 71 -14.73 32.68 33.92
N ALA F 72 -14.06 31.97 33.01
CA ALA F 72 -12.75 32.38 32.58
C ALA F 72 -12.77 32.62 31.08
N ASP F 73 -12.09 33.71 30.63
CA ASP F 73 -11.92 34.06 29.21
C ASP F 73 -10.49 33.73 28.84
N GLU F 74 -10.33 32.54 28.21
CA GLU F 74 -9.08 31.93 27.74
C GLU F 74 -8.08 32.95 27.19
N SER F 75 -8.53 33.64 26.13
CA SER F 75 -7.81 34.67 25.40
C SER F 75 -7.31 35.79 26.34
N THR F 76 -8.18 36.78 26.65
CA THR F 76 -7.92 37.99 27.45
C THR F 76 -7.23 37.81 28.83
N SER F 77 -7.00 36.55 29.27
CA SER F 77 -6.37 36.22 30.56
C SER F 77 -7.20 36.84 31.73
N THR F 78 -8.54 36.88 31.52
CA THR F 78 -9.50 37.51 32.40
C THR F 78 -10.47 36.50 33.02
N THR F 79 -10.78 36.70 34.31
CA THR F 79 -11.80 35.95 35.03
C THR F 79 -12.99 36.91 35.25
N TYR F 80 -14.21 36.40 35.16
CA TYR F 80 -15.43 37.17 35.30
C TYR F 80 -16.25 36.63 36.42
N MET F 81 -16.92 37.47 37.15
CA MET F 81 -17.83 37.01 38.17
C MET F 81 -19.08 37.80 37.97
N GLU F 82 -20.21 37.06 37.78
CA GLU F 82 -21.55 37.61 37.54
C GLU F 82 -22.51 37.32 38.69
N LEU F 83 -23.10 38.35 39.26
CA LEU F 83 -24.09 38.24 40.33
C LEU F 83 -25.42 38.82 39.81
N SER F 84 -26.49 38.03 39.88
CA SER F 84 -27.81 38.39 39.36
C SER F 84 -28.84 38.63 40.47
N SER F 85 -30.05 39.13 40.07
CA SER F 85 -31.17 39.48 40.97
C SER F 85 -30.62 40.30 42.13
N LEU F 86 -29.98 41.42 41.77
CA LEU F 86 -29.32 42.30 42.71
C LEU F 86 -30.26 42.96 43.69
N ARG F 87 -29.89 42.93 44.96
CA ARG F 87 -30.63 43.56 46.06
C ARG F 87 -29.70 44.54 46.77
N SER F 88 -30.23 45.40 47.63
CA SER F 88 -29.44 46.41 48.33
C SER F 88 -28.31 45.82 49.15
N GLU F 89 -28.52 44.62 49.68
CA GLU F 89 -27.55 43.90 50.48
C GLU F 89 -26.37 43.35 49.67
N ASP F 90 -26.44 43.50 48.33
CA ASP F 90 -25.36 43.10 47.42
C ASP F 90 -24.41 44.26 47.19
N THR F 91 -24.73 45.47 47.75
CA THR F 91 -23.84 46.64 47.70
C THR F 91 -22.61 46.21 48.50
N ALA F 92 -21.45 46.09 47.82
CA ALA F 92 -20.20 45.61 48.41
C ALA F 92 -19.00 45.87 47.52
N VAL F 93 -17.80 45.56 48.06
CA VAL F 93 -16.56 45.59 47.30
C VAL F 93 -16.28 44.13 47.00
N TYR F 94 -16.11 43.82 45.72
CA TYR F 94 -15.87 42.48 45.23
C TYR F 94 -14.43 42.37 44.84
N TYR F 95 -13.74 41.38 45.38
CA TYR F 95 -12.32 41.15 45.08
C TYR F 95 -12.10 39.82 44.40
N CYS F 96 -11.15 39.76 43.47
CA CYS F 96 -10.67 38.49 42.94
C CYS F 96 -9.30 38.34 43.61
N ALA F 97 -8.90 37.11 43.86
CA ALA F 97 -7.60 36.84 44.43
C ALA F 97 -7.04 35.56 43.89
N SER F 98 -5.72 35.51 43.74
CA SER F 98 -4.97 34.34 43.28
C SER F 98 -4.68 33.49 44.53
N THR F 99 -4.88 32.18 44.47
CA THR F 99 -4.61 31.30 45.61
C THR F 99 -3.15 30.84 45.59
N LEU F 100 -2.65 30.31 46.72
CA LEU F 100 -1.29 29.80 46.87
C LEU F 100 -0.98 28.60 46.01
N GLY F 101 -2.01 27.82 45.64
CA GLY F 101 -1.84 26.66 44.79
C GLY F 101 -3.08 25.81 44.62
N LEU F 102 -3.72 25.43 45.73
CA LEU F 102 -4.90 24.58 45.73
C LEU F 102 -6.20 25.33 45.40
N VAL F 103 -7.29 24.57 45.15
CA VAL F 103 -8.59 25.14 44.85
C VAL F 103 -9.04 25.95 46.05
N LEU F 104 -8.96 25.34 47.26
CA LEU F 104 -9.24 26.04 48.52
C LEU F 104 -7.88 26.30 49.17
N ASP F 105 -7.48 27.55 49.21
CA ASP F 105 -6.17 27.93 49.73
C ASP F 105 -6.15 29.38 50.16
N ALA F 106 -5.02 29.79 50.76
CA ALA F 106 -4.73 31.15 51.20
C ALA F 106 -4.54 31.98 49.91
N MET F 107 -4.89 33.26 49.95
CA MET F 107 -4.83 34.15 48.81
C MET F 107 -3.77 35.22 48.97
N ASP F 108 -2.69 35.16 48.17
CA ASP F 108 -1.56 36.10 48.20
C ASP F 108 -1.72 37.36 47.37
N TYR F 109 -2.21 37.24 46.13
CA TYR F 109 -2.40 38.42 45.28
C TYR F 109 -3.86 38.76 45.19
N TRP F 110 -4.18 40.05 45.40
CA TRP F 110 -5.54 40.57 45.37
C TRP F 110 -5.68 41.67 44.34
N GLY F 111 -6.88 41.80 43.80
CA GLY F 111 -7.18 42.89 42.89
C GLY F 111 -7.50 44.10 43.75
N GLN F 112 -7.60 45.29 43.15
CA GLN F 112 -7.88 46.50 43.91
C GLN F 112 -9.27 46.52 44.55
N GLY F 113 -10.17 45.71 44.03
CA GLY F 113 -11.56 45.64 44.47
C GLY F 113 -12.46 46.36 43.49
N THR F 114 -13.76 46.00 43.50
CA THR F 114 -14.77 46.61 42.66
C THR F 114 -15.99 46.92 43.49
N LEU F 115 -16.35 48.23 43.59
CA LEU F 115 -17.54 48.60 44.33
C LEU F 115 -18.74 48.42 43.45
N VAL F 116 -19.71 47.65 43.92
CA VAL F 116 -20.98 47.47 43.22
C VAL F 116 -22.04 48.09 44.14
N THR F 117 -22.63 49.24 43.75
CA THR F 117 -23.68 49.93 44.51
C THR F 117 -25.02 49.60 43.84
N VAL F 118 -25.96 49.03 44.63
CA VAL F 118 -27.30 48.68 44.13
C VAL F 118 -28.29 49.76 44.55
N SER F 119 -28.70 50.58 43.58
CA SER F 119 -29.58 51.71 43.81
C SER F 119 -30.44 52.03 42.59
N SER F 120 -31.66 52.50 42.85
CA SER F 120 -32.58 52.96 41.79
C SER F 120 -32.23 54.43 41.38
N ALA F 121 -31.45 55.14 42.22
CA ALA F 121 -31.05 56.52 42.04
C ALA F 121 -30.25 56.81 40.77
N SER F 122 -30.34 58.07 40.29
CA SER F 122 -29.59 58.68 39.16
C SER F 122 -28.55 59.64 39.79
N THR F 123 -27.56 60.14 39.03
CA THR F 123 -26.57 61.09 39.57
C THR F 123 -27.26 62.38 40.04
N LYS F 124 -27.04 62.76 41.29
CA LYS F 124 -27.60 63.96 41.89
C LYS F 124 -26.54 64.67 42.70
N GLY F 125 -26.45 65.99 42.51
CA GLY F 125 -25.57 66.89 43.23
C GLY F 125 -26.08 67.13 44.64
N PRO F 126 -25.19 67.41 45.62
CA PRO F 126 -25.67 67.61 47.00
C PRO F 126 -26.27 68.98 47.30
N SER F 127 -27.03 69.04 48.41
CA SER F 127 -27.58 70.26 48.96
C SER F 127 -26.74 70.46 50.23
N VAL F 128 -26.06 71.60 50.35
CA VAL F 128 -25.19 71.86 51.50
C VAL F 128 -25.92 72.79 52.48
N PHE F 129 -26.08 72.35 53.74
CA PHE F 129 -26.78 73.12 54.76
C PHE F 129 -25.89 73.43 55.93
N PRO F 130 -26.02 74.61 56.57
CA PRO F 130 -25.18 74.88 57.74
C PRO F 130 -25.63 74.13 58.98
N LEU F 131 -24.69 73.87 59.86
CA LEU F 131 -24.91 73.27 61.16
C LEU F 131 -24.39 74.25 62.18
N ALA F 132 -25.33 74.88 62.87
CA ALA F 132 -25.04 75.88 63.88
C ALA F 132 -25.96 75.67 65.07
N PRO F 133 -25.45 75.89 66.31
CA PRO F 133 -26.34 75.77 67.49
C PRO F 133 -27.14 77.06 67.71
N CYS F 134 -27.66 77.31 68.94
CA CYS F 134 -28.39 78.54 69.25
C CYS F 134 -27.96 79.21 70.54
N SER F 135 -27.69 78.41 71.59
CA SER F 135 -27.28 78.87 72.92
C SER F 135 -25.84 79.44 72.98
N SER F 139 -20.79 81.37 77.43
CA SER F 139 -20.83 80.46 78.58
C SER F 139 -19.79 79.31 78.51
N GLU F 140 -19.45 78.87 77.27
CA GLU F 140 -18.51 77.79 76.90
C GLU F 140 -17.22 78.33 76.22
N SER F 141 -16.13 77.55 76.17
CA SER F 141 -14.89 78.03 75.54
C SER F 141 -14.75 77.55 74.09
N THR F 142 -15.31 76.36 73.82
CA THR F 142 -15.29 75.73 72.51
C THR F 142 -16.69 75.61 71.93
N ALA F 143 -16.81 76.01 70.68
CA ALA F 143 -18.05 75.93 69.93
C ALA F 143 -17.85 75.06 68.68
N ALA F 144 -18.94 74.48 68.19
CA ALA F 144 -18.91 73.63 67.02
C ALA F 144 -19.78 74.18 65.93
N LEU F 145 -19.30 74.04 64.70
CA LEU F 145 -19.99 74.44 63.47
C LEU F 145 -19.83 73.27 62.53
N GLY F 146 -20.64 73.26 61.51
CA GLY F 146 -20.51 72.22 60.51
C GLY F 146 -21.39 72.48 59.33
N CYS F 147 -21.36 71.57 58.39
CA CYS F 147 -22.25 71.62 57.26
C CYS F 147 -22.70 70.21 56.93
N LEU F 148 -23.94 70.09 56.53
CA LEU F 148 -24.59 68.85 56.20
C LEU F 148 -24.68 68.74 54.68
N VAL F 149 -23.98 67.75 54.13
CA VAL F 149 -23.90 67.48 52.70
C VAL F 149 -24.97 66.40 52.42
N LYS F 150 -26.17 66.83 52.00
CA LYS F 150 -27.35 65.99 51.84
C LYS F 150 -27.78 65.67 50.42
N ASP F 151 -28.38 64.47 50.27
CA ASP F 151 -29.01 63.94 49.07
C ASP F 151 -28.19 63.96 47.81
N TYR F 152 -27.05 63.28 47.82
CA TYR F 152 -26.20 63.17 46.63
C TYR F 152 -26.08 61.73 46.22
N PHE F 153 -25.58 61.54 45.00
CA PHE F 153 -25.35 60.22 44.43
C PHE F 153 -24.54 60.32 43.15
N PRO F 154 -23.53 59.46 42.97
CA PRO F 154 -23.02 58.45 43.91
C PRO F 154 -21.94 59.05 44.84
N GLU F 155 -21.21 58.18 45.54
CA GLU F 155 -20.08 58.56 46.36
C GLU F 155 -18.89 58.79 45.41
N PRO F 156 -17.88 59.63 45.73
CA PRO F 156 -17.65 60.37 46.96
C PRO F 156 -17.84 61.90 46.86
N VAL F 157 -17.85 62.57 48.02
CA VAL F 157 -17.80 64.01 48.13
C VAL F 157 -16.53 64.34 48.91
N THR F 158 -15.86 65.41 48.52
CA THR F 158 -14.66 65.93 49.15
C THR F 158 -15.12 67.14 49.97
N VAL F 159 -14.69 67.22 51.24
CA VAL F 159 -15.04 68.36 52.10
C VAL F 159 -13.79 68.96 52.74
N SER F 160 -13.57 70.25 52.55
CA SER F 160 -12.49 71.00 53.21
C SER F 160 -13.06 72.23 53.87
N TRP F 161 -12.36 72.80 54.82
CA TRP F 161 -12.78 74.03 55.47
C TRP F 161 -11.77 75.13 55.18
N ASN F 162 -12.29 76.28 54.73
CA ASN F 162 -11.51 77.47 54.39
C ASN F 162 -10.42 77.16 53.36
N SER F 163 -10.81 76.38 52.32
CA SER F 163 -9.97 75.96 51.20
C SER F 163 -8.72 75.16 51.63
N GLY F 164 -8.76 74.55 52.81
CA GLY F 164 -7.66 73.75 53.35
C GLY F 164 -6.87 74.44 54.44
N ALA F 165 -7.08 75.74 54.62
CA ALA F 165 -6.41 76.51 55.66
C ALA F 165 -6.87 76.07 57.08
N LEU F 166 -8.04 75.40 57.16
CA LEU F 166 -8.56 74.93 58.43
C LEU F 166 -8.60 73.42 58.44
N THR F 167 -7.74 72.82 59.28
CA THR F 167 -7.62 71.36 59.36
C THR F 167 -7.76 70.86 60.76
N SER F 168 -7.29 71.65 61.74
CA SER F 168 -7.36 71.29 63.15
C SER F 168 -8.76 71.44 63.68
N GLY F 169 -9.26 70.38 64.32
CA GLY F 169 -10.59 70.34 64.90
C GLY F 169 -11.67 69.83 63.96
N VAL F 170 -11.31 69.64 62.65
CA VAL F 170 -12.19 69.17 61.58
C VAL F 170 -12.40 67.66 61.69
N HIS F 171 -13.65 67.23 61.49
CA HIS F 171 -14.09 65.84 61.44
C HIS F 171 -15.08 65.67 60.32
N THR F 172 -14.69 65.00 59.23
CA THR F 172 -15.60 64.71 58.15
C THR F 172 -16.05 63.26 58.34
N PHE F 173 -17.36 63.06 58.51
CA PHE F 173 -17.91 61.75 58.81
C PHE F 173 -18.11 60.90 57.60
N PRO F 174 -18.04 59.55 57.75
CA PRO F 174 -18.32 58.67 56.59
C PRO F 174 -19.78 58.84 56.16
N ALA F 175 -20.02 58.78 54.85
CA ALA F 175 -21.38 58.93 54.30
C ALA F 175 -22.29 57.81 54.69
N VAL F 176 -23.57 58.11 54.89
CA VAL F 176 -24.59 57.10 55.20
C VAL F 176 -25.59 57.07 54.06
N LEU F 177 -26.05 55.89 53.73
CA LEU F 177 -27.04 55.76 52.69
C LEU F 177 -28.38 55.90 53.38
N GLN F 178 -29.20 56.82 52.89
CA GLN F 178 -30.51 57.11 53.47
C GLN F 178 -31.59 56.22 52.88
N SER F 179 -32.78 56.19 53.51
CA SER F 179 -33.96 55.41 53.08
C SER F 179 -34.34 55.71 51.63
N SER F 180 -34.07 56.94 51.16
CA SER F 180 -34.31 57.44 49.80
C SER F 180 -33.36 56.86 48.73
N GLY F 181 -32.27 56.24 49.17
CA GLY F 181 -31.26 55.70 48.26
C GLY F 181 -30.20 56.70 47.88
N LEU F 182 -30.20 57.87 48.56
CA LEU F 182 -29.22 58.95 48.36
C LEU F 182 -28.31 59.03 49.58
N TYR F 183 -27.06 59.47 49.39
CA TYR F 183 -26.11 59.62 50.49
C TYR F 183 -26.25 60.93 51.22
N SER F 184 -25.74 60.96 52.45
CA SER F 184 -25.75 62.11 53.34
C SER F 184 -24.48 62.06 54.17
N LEU F 185 -23.89 63.21 54.40
CA LEU F 185 -22.62 63.36 55.12
C LEU F 185 -22.63 64.66 55.92
N SER F 186 -21.92 64.66 57.06
CA SER F 186 -21.76 65.87 57.89
C SER F 186 -20.28 66.11 58.12
N SER F 187 -19.86 67.36 58.04
CA SER F 187 -18.49 67.75 58.33
C SER F 187 -18.56 68.79 59.43
N VAL F 188 -17.81 68.58 60.51
CA VAL F 188 -17.84 69.50 61.64
C VAL F 188 -16.47 70.05 61.93
N VAL F 189 -16.45 71.12 62.72
CA VAL F 189 -15.23 71.80 63.15
C VAL F 189 -15.46 72.40 64.54
N THR F 190 -14.52 72.16 65.45
CA THR F 190 -14.54 72.77 66.78
C THR F 190 -13.56 73.92 66.80
N VAL F 191 -14.04 75.07 67.26
CA VAL F 191 -13.29 76.34 67.25
C VAL F 191 -13.33 77.05 68.62
N PRO F 192 -12.39 77.97 68.94
CA PRO F 192 -12.52 78.72 70.21
C PRO F 192 -13.63 79.76 70.05
N SER F 193 -14.55 79.85 71.02
CA SER F 193 -15.68 80.78 70.98
C SER F 193 -15.29 82.23 70.63
N SER F 194 -14.07 82.65 71.05
CA SER F 194 -13.46 83.96 70.77
C SER F 194 -13.41 84.26 69.25
N SER F 195 -13.17 83.22 68.42
CA SER F 195 -13.12 83.25 66.95
C SER F 195 -14.46 83.63 66.34
N LEU F 196 -15.56 83.16 66.94
CA LEU F 196 -16.91 83.46 66.46
C LEU F 196 -17.13 84.98 66.41
N GLY F 197 -17.48 85.45 65.22
CA GLY F 197 -17.69 86.87 64.93
C GLY F 197 -16.45 87.57 64.43
N THR F 198 -15.28 86.94 64.58
CA THR F 198 -14.00 87.51 64.13
C THR F 198 -13.53 86.74 62.89
N LYS F 199 -13.59 85.39 62.95
CA LYS F 199 -13.18 84.47 61.88
C LYS F 199 -14.34 83.98 61.03
N THR F 200 -14.08 83.78 59.73
CA THR F 200 -15.01 83.29 58.71
C THR F 200 -14.86 81.78 58.53
N TYR F 201 -15.99 81.06 58.48
CA TYR F 201 -16.01 79.62 58.28
C TYR F 201 -16.83 79.18 57.06
N THR F 202 -16.14 78.80 55.98
CA THR F 202 -16.74 78.27 54.76
C THR F 202 -16.37 76.79 54.60
N CYS F 203 -17.35 75.92 54.34
CA CYS F 203 -17.02 74.53 54.06
C CYS F 203 -17.09 74.35 52.56
N ASN F 204 -15.99 73.83 52.00
CA ASN F 204 -15.81 73.66 50.56
C ASN F 204 -16.14 72.21 50.18
N VAL F 205 -17.20 72.03 49.36
CA VAL F 205 -17.72 70.71 48.98
C VAL F 205 -17.53 70.45 47.50
N ASP F 206 -16.94 69.30 47.15
CA ASP F 206 -16.74 68.91 45.76
C ASP F 206 -17.31 67.50 45.47
N HIS F 207 -18.19 67.39 44.47
CA HIS F 207 -18.83 66.15 44.05
C HIS F 207 -18.59 66.12 42.57
N LYS F 208 -17.45 65.51 42.17
CA LYS F 208 -17.03 65.37 40.77
C LYS F 208 -18.07 64.66 39.89
N PRO F 209 -18.74 63.56 40.33
CA PRO F 209 -19.76 62.90 39.47
C PRO F 209 -20.90 63.78 38.91
N SER F 210 -21.29 64.82 39.65
CA SER F 210 -22.34 65.76 39.22
C SER F 210 -21.75 67.12 38.86
N ASN F 211 -20.41 67.25 38.84
CA ASN F 211 -19.67 68.48 38.56
C ASN F 211 -20.08 69.64 39.50
N THR F 212 -20.37 69.30 40.78
CA THR F 212 -20.80 70.25 41.80
C THR F 212 -19.62 70.69 42.65
N LYS F 213 -19.50 72.01 42.81
CA LYS F 213 -18.51 72.67 43.66
C LYS F 213 -19.31 73.70 44.44
N VAL F 214 -19.40 73.53 45.76
CA VAL F 214 -20.16 74.41 46.64
C VAL F 214 -19.27 75.00 47.72
N ASP F 215 -19.43 76.32 47.97
CA ASP F 215 -18.76 77.04 49.06
C ASP F 215 -19.85 77.57 49.96
N LYS F 216 -19.92 77.06 51.17
CA LYS F 216 -20.97 77.44 52.06
C LYS F 216 -20.40 78.04 53.29
N ARG F 217 -20.71 79.32 53.48
CA ARG F 217 -20.36 80.12 54.64
C ARG F 217 -21.37 79.73 55.71
N VAL F 218 -20.89 79.46 56.94
CA VAL F 218 -21.73 79.04 58.05
C VAL F 218 -21.82 80.20 59.02
N HIS F 219 -23.04 80.52 59.45
CA HIS F 219 -23.27 81.65 60.35
C HIS F 219 -23.43 81.32 61.84
N HIS F 220 -24.70 81.32 62.28
CA HIS F 220 -25.24 81.05 63.62
C HIS F 220 -26.77 81.10 63.48
N HIS F 221 -27.54 80.52 64.44
CA HIS F 221 -29.00 80.51 64.31
C HIS F 221 -29.70 81.86 64.56
N VAL G 2 -15.22 -12.02 14.44
CA VAL G 2 -15.77 -11.73 13.10
C VAL G 2 -16.47 -10.37 13.10
N GLN G 3 -16.02 -9.46 12.21
CA GLN G 3 -16.57 -8.10 12.12
C GLN G 3 -16.34 -7.47 10.76
N LEU G 4 -17.32 -6.70 10.30
CA LEU G 4 -17.22 -5.95 9.05
C LEU G 4 -17.14 -4.46 9.42
N VAL G 5 -16.11 -3.79 8.93
CA VAL G 5 -15.90 -2.38 9.27
C VAL G 5 -15.97 -1.54 8.01
N GLN G 6 -16.94 -0.63 8.01
CA GLN G 6 -17.21 0.26 6.89
C GLN G 6 -16.53 1.65 6.99
N SER G 7 -16.25 2.27 5.80
CA SER G 7 -15.67 3.60 5.65
C SER G 7 -16.63 4.65 6.30
N GLY G 8 -16.15 5.87 6.54
CA GLY G 8 -16.92 6.93 7.19
C GLY G 8 -17.97 7.58 6.32
N ALA G 9 -18.82 8.42 6.93
CA ALA G 9 -19.89 9.16 6.25
C ALA G 9 -19.33 10.13 5.19
N GLU G 10 -20.15 10.40 4.14
CA GLU G 10 -19.77 11.24 3.02
C GLU G 10 -20.88 12.13 2.53
N VAL G 11 -20.50 13.27 1.95
CA VAL G 11 -21.40 14.23 1.31
C VAL G 11 -20.95 14.28 -0.13
N LYS G 12 -21.91 14.19 -1.05
CA LYS G 12 -21.60 14.17 -2.45
C LYS G 12 -22.59 15.03 -3.22
N LYS G 13 -22.08 15.79 -4.20
CA LYS G 13 -22.91 16.68 -5.05
C LYS G 13 -23.71 15.79 -6.02
N PRO G 14 -24.94 16.18 -6.43
CA PRO G 14 -25.67 15.35 -7.42
C PRO G 14 -24.86 15.18 -8.71
N GLY G 15 -25.01 14.02 -9.37
CA GLY G 15 -24.27 13.70 -10.58
C GLY G 15 -22.91 13.09 -10.30
N SER G 16 -22.46 13.22 -9.06
CA SER G 16 -21.18 12.67 -8.62
C SER G 16 -21.23 11.12 -8.42
N SER G 17 -20.14 10.55 -7.89
CA SER G 17 -20.04 9.15 -7.56
C SER G 17 -19.41 8.95 -6.16
N VAL G 18 -19.73 7.83 -5.48
CA VAL G 18 -19.21 7.51 -4.15
C VAL G 18 -18.66 6.09 -4.10
N LYS G 19 -17.50 5.88 -3.45
CA LYS G 19 -16.90 4.55 -3.28
C LYS G 19 -16.91 4.27 -1.78
N VAL G 20 -17.73 3.30 -1.33
CA VAL G 20 -17.82 2.92 0.08
C VAL G 20 -17.02 1.62 0.27
N SER G 21 -16.14 1.56 1.27
CA SER G 21 -15.36 0.35 1.54
C SER G 21 -15.93 -0.43 2.72
N CYS G 22 -15.49 -1.66 2.82
CA CYS G 22 -15.93 -2.57 3.87
C CYS G 22 -14.82 -3.58 4.09
N LYS G 23 -14.18 -3.53 5.25
CA LYS G 23 -13.06 -4.40 5.63
C LYS G 23 -13.53 -5.56 6.51
N ALA G 24 -13.09 -6.78 6.19
CA ALA G 24 -13.46 -7.98 6.93
C ALA G 24 -12.33 -8.51 7.78
N SER G 25 -12.60 -8.75 9.07
CA SER G 25 -11.70 -9.35 10.05
C SER G 25 -11.55 -10.87 9.67
N GLY G 26 -10.36 -11.45 9.88
CA GLY G 26 -10.05 -12.86 9.59
C GLY G 26 -10.04 -13.29 8.12
N TYR G 27 -9.54 -14.53 7.85
CA TYR G 27 -9.48 -15.08 6.47
C TYR G 27 -10.83 -15.62 5.96
N THR G 28 -11.89 -15.38 6.74
CA THR G 28 -13.25 -15.79 6.42
C THR G 28 -13.90 -14.85 5.31
N PHE G 29 -13.04 -14.11 4.58
CA PHE G 29 -13.39 -13.23 3.46
C PHE G 29 -13.40 -14.11 2.18
N SER G 30 -12.53 -15.13 2.18
CA SER G 30 -12.35 -16.13 1.13
C SER G 30 -13.59 -16.96 0.92
N SER G 31 -14.22 -17.33 2.03
CA SER G 31 -15.36 -18.21 2.08
C SER G 31 -16.67 -17.48 2.34
N ASN G 32 -16.91 -16.33 1.65
CA ASN G 32 -18.17 -15.58 1.84
C ASN G 32 -18.64 -14.62 0.80
N VAL G 33 -19.90 -14.75 0.37
CA VAL G 33 -20.54 -13.81 -0.54
C VAL G 33 -20.84 -12.49 0.24
N ILE G 34 -20.43 -11.33 -0.30
CA ILE G 34 -20.70 -10.06 0.34
C ILE G 34 -21.77 -9.36 -0.45
N SER G 35 -22.87 -8.98 0.20
CA SER G 35 -23.99 -8.22 -0.40
C SER G 35 -23.92 -6.75 0.06
N TRP G 36 -24.59 -5.85 -0.70
CA TRP G 36 -24.71 -4.42 -0.38
C TRP G 36 -26.17 -4.03 -0.34
N VAL G 37 -26.57 -3.46 0.79
CA VAL G 37 -27.97 -3.12 1.09
C VAL G 37 -28.04 -1.65 1.53
N ARG G 38 -29.01 -0.94 1.02
CA ARG G 38 -29.14 0.44 1.44
C ARG G 38 -30.48 0.72 2.13
N GLN G 39 -30.48 1.72 3.01
CA GLN G 39 -31.67 2.10 3.74
C GLN G 39 -31.79 3.60 3.75
N ALA G 40 -32.82 4.13 3.06
CA ALA G 40 -33.07 5.59 2.99
C ALA G 40 -33.58 6.08 4.35
N PRO G 41 -33.34 7.35 4.77
CA PRO G 41 -33.76 7.76 6.12
C PRO G 41 -35.23 7.48 6.46
N GLY G 42 -35.41 6.71 7.54
CA GLY G 42 -36.71 6.27 8.06
C GLY G 42 -37.52 5.41 7.09
N GLN G 43 -36.83 4.56 6.32
CA GLN G 43 -37.41 3.69 5.28
C GLN G 43 -36.93 2.26 5.43
N GLY G 44 -37.46 1.38 4.58
CA GLY G 44 -37.13 -0.03 4.53
C GLY G 44 -35.79 -0.28 3.86
N LEU G 45 -35.50 -1.56 3.59
CA LEU G 45 -34.22 -1.96 3.03
C LEU G 45 -34.23 -2.29 1.55
N GLU G 46 -33.18 -1.90 0.86
CA GLU G 46 -33.03 -2.14 -0.56
C GLU G 46 -31.74 -2.91 -0.86
N TRP G 47 -31.86 -4.08 -1.50
CA TRP G 47 -30.69 -4.83 -1.91
C TRP G 47 -30.16 -4.24 -3.22
N MET G 48 -28.86 -4.06 -3.29
CA MET G 48 -28.22 -3.45 -4.44
C MET G 48 -27.54 -4.45 -5.33
N GLY G 49 -26.86 -5.37 -4.68
CA GLY G 49 -26.11 -6.41 -5.36
C GLY G 49 -25.12 -7.03 -4.41
N GLY G 50 -24.22 -7.81 -4.98
CA GLY G 50 -23.19 -8.48 -4.20
C GLY G 50 -22.05 -9.05 -5.03
N VAL G 51 -21.08 -9.65 -4.36
CA VAL G 51 -19.90 -10.19 -4.99
C VAL G 51 -19.41 -11.46 -4.25
N ILE G 52 -18.87 -12.44 -5.03
CA ILE G 52 -18.22 -13.67 -4.57
C ILE G 52 -16.71 -13.27 -4.61
N PRO G 53 -16.13 -12.88 -3.44
CA PRO G 53 -14.77 -12.30 -3.45
C PRO G 53 -13.58 -13.04 -4.06
N ILE G 54 -13.47 -14.35 -3.83
CA ILE G 54 -12.32 -15.11 -4.31
C ILE G 54 -12.28 -15.37 -5.85
N VAL G 55 -13.41 -15.12 -6.51
CA VAL G 55 -13.54 -15.29 -7.95
C VAL G 55 -13.98 -14.00 -8.64
N ASP G 56 -14.17 -12.90 -7.84
CA ASP G 56 -14.61 -11.56 -8.24
C ASP G 56 -15.81 -11.55 -9.21
N ILE G 57 -16.84 -12.35 -8.89
CA ILE G 57 -18.07 -12.42 -9.68
C ILE G 57 -19.08 -11.54 -8.95
N ALA G 58 -19.61 -10.56 -9.65
CA ALA G 58 -20.58 -9.62 -9.08
C ALA G 58 -21.93 -9.79 -9.74
N ASN G 59 -22.99 -9.59 -8.97
CA ASN G 59 -24.37 -9.65 -9.45
C ASN G 59 -25.11 -8.45 -8.92
N TYR G 60 -25.97 -7.86 -9.74
CA TYR G 60 -26.61 -6.62 -9.36
C TYR G 60 -28.11 -6.67 -9.51
N ALA G 61 -28.83 -5.84 -8.73
CA ALA G 61 -30.28 -5.70 -8.83
C ALA G 61 -30.52 -4.86 -10.09
N GLN G 62 -31.59 -5.15 -10.87
CA GLN G 62 -31.80 -4.40 -12.12
C GLN G 62 -31.81 -2.86 -12.00
N ARG G 63 -32.54 -2.32 -11.04
CA ARG G 63 -32.61 -0.87 -10.85
C ARG G 63 -31.26 -0.15 -10.56
N PHE G 64 -30.21 -0.94 -10.27
CA PHE G 64 -28.86 -0.46 -10.00
C PHE G 64 -27.85 -0.78 -11.12
N LYS G 65 -28.12 -1.83 -11.96
CA LYS G 65 -27.29 -2.20 -13.15
C LYS G 65 -27.06 -0.96 -13.98
N GLY G 66 -25.79 -0.64 -14.18
CA GLY G 66 -25.42 0.53 -14.96
C GLY G 66 -24.78 1.62 -14.13
N ARG G 67 -25.16 1.73 -12.82
CA ARG G 67 -24.65 2.76 -11.88
C ARG G 67 -23.79 2.24 -10.78
N VAL G 68 -23.89 0.94 -10.48
CA VAL G 68 -23.16 0.35 -9.38
C VAL G 68 -22.09 -0.59 -9.83
N THR G 69 -21.00 -0.65 -9.08
CA THR G 69 -19.89 -1.56 -9.30
C THR G 69 -19.51 -2.06 -7.92
N ILE G 70 -19.48 -3.36 -7.75
CA ILE G 70 -19.07 -3.97 -6.49
C ILE G 70 -17.81 -4.77 -6.82
N THR G 71 -16.72 -4.45 -6.14
CA THR G 71 -15.42 -5.08 -6.38
C THR G 71 -14.85 -5.63 -5.09
N ALA G 72 -14.01 -6.65 -5.21
CA ALA G 72 -13.37 -7.30 -4.08
C ALA G 72 -11.87 -7.08 -4.21
N ASP G 73 -11.21 -6.71 -3.10
CA ASP G 73 -9.75 -6.63 -3.03
C ASP G 73 -9.32 -7.64 -1.96
N GLU G 74 -9.18 -8.89 -2.39
CA GLU G 74 -8.83 -10.06 -1.60
C GLU G 74 -7.54 -9.90 -0.74
N SER G 75 -6.61 -9.04 -1.18
CA SER G 75 -5.35 -8.72 -0.51
C SER G 75 -5.57 -7.93 0.82
N THR G 76 -6.43 -6.90 0.79
CA THR G 76 -6.78 -6.06 1.96
C THR G 76 -8.05 -6.58 2.69
N SER G 77 -8.61 -7.72 2.19
CA SER G 77 -9.87 -8.34 2.63
C SER G 77 -10.96 -7.24 2.72
N THR G 78 -11.08 -6.42 1.63
CA THR G 78 -11.97 -5.26 1.51
C THR G 78 -12.90 -5.36 0.31
N THR G 79 -14.14 -4.94 0.48
CA THR G 79 -15.12 -4.91 -0.59
C THR G 79 -15.41 -3.45 -0.84
N TYR G 80 -15.62 -3.11 -2.10
CA TYR G 80 -15.90 -1.74 -2.47
C TYR G 80 -17.20 -1.66 -3.21
N MET G 81 -17.95 -0.62 -2.98
CA MET G 81 -19.22 -0.39 -3.63
C MET G 81 -19.12 1.01 -4.18
N GLU G 82 -19.30 1.14 -5.47
CA GLU G 82 -19.26 2.42 -6.11
C GLU G 82 -20.58 2.71 -6.79
N LEU G 83 -21.24 3.78 -6.37
CA LEU G 83 -22.51 4.19 -6.94
C LEU G 83 -22.28 5.54 -7.63
N SER G 84 -22.61 5.61 -8.93
CA SER G 84 -22.38 6.78 -9.76
C SER G 84 -23.68 7.48 -10.17
N SER G 85 -23.57 8.66 -10.80
CA SER G 85 -24.68 9.50 -11.24
C SER G 85 -25.66 9.63 -10.08
N LEU G 86 -25.13 10.13 -8.95
CA LEU G 86 -25.86 10.28 -7.69
C LEU G 86 -27.00 11.25 -7.81
N ARG G 87 -28.17 10.85 -7.32
CA ARG G 87 -29.38 11.68 -7.25
C ARG G 87 -29.74 11.85 -5.75
N SER G 88 -30.72 12.70 -5.38
CA SER G 88 -31.09 12.95 -3.99
C SER G 88 -31.63 11.70 -3.31
N GLU G 89 -32.31 10.83 -4.08
CA GLU G 89 -32.90 9.59 -3.62
C GLU G 89 -31.83 8.54 -3.25
N ASP G 90 -30.53 8.86 -3.52
CA ASP G 90 -29.42 8.02 -3.16
C ASP G 90 -28.91 8.32 -1.75
N THR G 91 -29.47 9.36 -1.11
CA THR G 91 -29.15 9.71 0.28
C THR G 91 -29.70 8.54 1.11
N ALA G 92 -28.76 7.78 1.77
CA ALA G 92 -29.08 6.61 2.55
C ALA G 92 -27.87 6.11 3.39
N VAL G 93 -28.15 5.11 4.27
CA VAL G 93 -27.14 4.37 5.01
C VAL G 93 -26.89 3.12 4.19
N TYR G 94 -25.64 2.89 3.83
CA TYR G 94 -25.21 1.79 3.01
C TYR G 94 -24.55 0.77 3.90
N TYR G 95 -25.01 -0.49 3.79
CA TYR G 95 -24.45 -1.59 4.56
C TYR G 95 -23.86 -2.64 3.66
N CYS G 96 -22.75 -3.26 4.09
CA CYS G 96 -22.26 -4.47 3.42
C CYS G 96 -22.66 -5.56 4.41
N ALA G 97 -22.97 -6.75 3.90
CA ALA G 97 -23.33 -7.88 4.74
C ALA G 97 -22.86 -9.16 4.10
N SER G 98 -22.40 -10.10 4.91
CA SER G 98 -22.03 -11.40 4.38
C SER G 98 -23.28 -12.30 4.45
N THR G 99 -23.55 -13.10 3.41
CA THR G 99 -24.71 -13.98 3.37
C THR G 99 -24.44 -15.31 4.07
N LEU G 100 -25.50 -16.11 4.22
CA LEU G 100 -25.44 -17.45 4.82
C LEU G 100 -24.76 -18.50 3.93
N GLY G 101 -24.76 -18.28 2.63
CA GLY G 101 -24.09 -19.19 1.70
C GLY G 101 -24.25 -18.83 0.25
N LEU G 102 -25.50 -18.69 -0.20
CA LEU G 102 -25.82 -18.39 -1.58
C LEU G 102 -25.69 -16.92 -1.94
N VAL G 103 -25.77 -16.61 -3.24
CA VAL G 103 -25.65 -15.23 -3.76
C VAL G 103 -26.85 -14.44 -3.22
N LEU G 104 -28.04 -15.02 -3.32
CA LEU G 104 -29.26 -14.45 -2.74
C LEU G 104 -29.57 -15.34 -1.51
N ASP G 105 -29.39 -14.77 -0.32
CA ASP G 105 -29.57 -15.48 0.93
C ASP G 105 -29.77 -14.48 2.07
N ALA G 106 -29.99 -15.02 3.27
CA ALA G 106 -30.14 -14.27 4.51
C ALA G 106 -28.76 -13.75 4.87
N MET G 107 -28.68 -12.58 5.51
CA MET G 107 -27.41 -11.96 5.88
C MET G 107 -27.19 -11.93 7.37
N ASP G 108 -26.18 -12.68 7.87
CA ASP G 108 -25.83 -12.77 9.30
C ASP G 108 -24.91 -11.69 9.85
N TYR G 109 -23.85 -11.35 9.13
CA TYR G 109 -22.91 -10.32 9.60
C TYR G 109 -23.11 -9.06 8.81
N TRP G 110 -23.20 -7.93 9.50
CA TRP G 110 -23.40 -6.63 8.91
C TRP G 110 -22.32 -5.67 9.37
N GLY G 111 -22.02 -4.69 8.52
CA GLY G 111 -21.09 -3.62 8.86
C GLY G 111 -21.87 -2.58 9.64
N GLN G 112 -21.19 -1.59 10.24
CA GLN G 112 -21.88 -0.59 11.05
C GLN G 112 -22.81 0.33 10.23
N GLY G 113 -22.58 0.43 8.93
CA GLY G 113 -23.32 1.29 8.03
C GLY G 113 -22.50 2.53 7.67
N THR G 114 -22.82 3.16 6.53
CA THR G 114 -22.17 4.37 5.99
C THR G 114 -23.22 5.34 5.49
N LEU G 115 -23.31 6.54 6.12
CA LEU G 115 -24.26 7.54 5.66
C LEU G 115 -23.72 8.30 4.44
N VAL G 116 -24.47 8.28 3.34
CA VAL G 116 -24.08 9.00 2.15
C VAL G 116 -25.20 10.01 1.93
N THR G 117 -24.81 11.29 1.98
CA THR G 117 -25.73 12.40 1.77
C THR G 117 -25.46 12.96 0.38
N VAL G 118 -26.50 12.99 -0.46
CA VAL G 118 -26.42 13.57 -1.80
C VAL G 118 -27.14 14.92 -1.76
N SER G 119 -26.34 15.98 -1.75
CA SER G 119 -26.85 17.35 -1.69
C SER G 119 -25.91 18.32 -2.35
N SER G 120 -26.50 19.41 -2.90
CA SER G 120 -25.74 20.51 -3.52
C SER G 120 -25.20 21.46 -2.43
N ALA G 121 -25.79 21.40 -1.20
CA ALA G 121 -25.44 22.22 -0.04
C ALA G 121 -24.00 22.10 0.40
N SER G 122 -23.44 23.16 1.00
CA SER G 122 -22.04 23.17 1.44
C SER G 122 -21.84 22.70 2.88
N THR G 123 -20.69 22.07 3.12
CA THR G 123 -20.29 21.65 4.45
C THR G 123 -20.16 22.88 5.37
N LYS G 124 -20.83 22.83 6.52
CA LYS G 124 -20.76 23.87 7.54
C LYS G 124 -20.67 23.20 8.91
N GLY G 125 -19.77 23.70 9.75
CA GLY G 125 -19.57 23.24 11.11
C GLY G 125 -20.62 23.83 12.02
N PRO G 126 -20.95 23.16 13.14
CA PRO G 126 -21.99 23.69 14.01
C PRO G 126 -21.54 24.81 14.94
N SER G 127 -22.53 25.51 15.48
CA SER G 127 -22.37 26.50 16.52
C SER G 127 -22.99 25.79 17.73
N VAL G 128 -22.19 25.62 18.81
CA VAL G 128 -22.66 24.94 20.00
C VAL G 128 -23.02 25.95 21.07
N PHE G 129 -24.29 25.91 21.53
CA PHE G 129 -24.77 26.83 22.57
C PHE G 129 -25.21 26.09 23.82
N PRO G 130 -24.94 26.61 25.03
CA PRO G 130 -25.45 25.95 26.23
C PRO G 130 -26.95 26.15 26.42
N LEU G 131 -27.58 25.17 27.11
CA LEU G 131 -28.99 25.21 27.50
C LEU G 131 -28.97 25.07 29.00
N ALA G 132 -29.28 26.17 29.67
CA ALA G 132 -29.26 26.27 31.13
C ALA G 132 -30.54 26.93 31.61
N PRO G 133 -31.07 26.52 32.77
CA PRO G 133 -32.29 27.14 33.31
C PRO G 133 -32.03 28.52 33.92
N CYS G 134 -33.05 29.14 34.53
CA CYS G 134 -32.86 30.45 35.14
C CYS G 134 -32.33 30.55 36.57
N SER G 135 -33.08 30.05 37.55
CA SER G 135 -32.76 30.13 38.99
C SER G 135 -34.06 29.81 39.69
N ARG G 136 -35.15 30.50 39.25
CA ARG G 136 -36.51 30.24 39.71
C ARG G 136 -37.01 28.95 38.97
N SER G 137 -36.34 28.64 37.82
CA SER G 137 -36.60 27.48 36.95
C SER G 137 -35.84 26.21 37.44
N THR G 138 -35.44 26.21 38.73
CA THR G 138 -34.70 25.13 39.40
C THR G 138 -35.39 24.80 40.77
N SER G 139 -36.73 24.69 40.74
CA SER G 139 -37.53 24.49 41.94
C SER G 139 -37.59 23.08 42.56
N GLU G 140 -37.43 22.00 41.74
CA GLU G 140 -37.50 20.62 42.22
C GLU G 140 -36.19 19.83 42.43
N SER G 141 -36.26 18.48 42.61
CA SER G 141 -35.10 17.62 42.92
C SER G 141 -34.22 17.31 41.72
N THR G 142 -34.80 17.35 40.50
CA THR G 142 -34.11 17.10 39.24
C THR G 142 -34.10 18.33 38.37
N ALA G 143 -32.95 18.57 37.72
CA ALA G 143 -32.69 19.69 36.84
C ALA G 143 -32.25 19.19 35.47
N ALA G 144 -32.43 20.04 34.45
CA ALA G 144 -32.00 19.67 33.13
C ALA G 144 -31.03 20.70 32.60
N LEU G 145 -30.03 20.21 31.90
CA LEU G 145 -29.04 21.02 31.21
C LEU G 145 -28.96 20.45 29.82
N GLY G 146 -28.37 21.19 28.92
CA GLY G 146 -28.19 20.68 27.58
C GLY G 146 -27.37 21.61 26.74
N CYS G 147 -27.18 21.22 25.50
CA CYS G 147 -26.53 22.10 24.54
C CYS G 147 -27.12 21.94 23.18
N LEU G 148 -27.25 23.05 22.49
CA LEU G 148 -27.88 23.19 21.19
C LEU G 148 -26.81 23.19 20.08
N VAL G 149 -26.84 22.16 19.25
CA VAL G 149 -25.90 21.99 18.14
C VAL G 149 -26.61 22.53 16.88
N LYS G 150 -26.36 23.80 16.54
CA LYS G 150 -27.06 24.52 15.48
C LYS G 150 -26.29 24.78 14.20
N ASP G 151 -27.04 24.79 13.08
CA ASP G 151 -26.61 25.15 11.72
C ASP G 151 -25.40 24.40 11.17
N TYR G 152 -25.52 23.08 11.07
CA TYR G 152 -24.43 22.25 10.53
C TYR G 152 -24.94 21.49 9.32
N PHE G 153 -23.98 21.01 8.51
CA PHE G 153 -24.24 20.23 7.31
C PHE G 153 -22.97 19.53 6.89
N PRO G 154 -23.04 18.23 6.57
CA PRO G 154 -24.24 17.38 6.57
C PRO G 154 -24.39 16.69 7.93
N GLU G 155 -25.17 15.62 7.94
CA GLU G 155 -25.29 14.80 9.12
C GLU G 155 -24.13 13.80 9.01
N PRO G 156 -23.59 13.26 10.12
CA PRO G 156 -24.02 13.36 11.52
C PRO G 156 -23.08 14.16 12.45
N VAL G 157 -23.58 14.43 13.66
CA VAL G 157 -22.81 15.00 14.76
C VAL G 157 -22.86 13.97 15.86
N THR G 158 -21.76 13.82 16.58
CA THR G 158 -21.63 12.92 17.74
C THR G 158 -21.70 13.86 18.96
N VAL G 159 -22.52 13.52 19.95
CA VAL G 159 -22.60 14.30 21.19
C VAL G 159 -22.44 13.39 22.41
N SER G 160 -21.49 13.70 23.28
CA SER G 160 -21.27 12.98 24.52
C SER G 160 -21.20 13.99 25.65
N TRP G 161 -21.44 13.53 26.88
CA TRP G 161 -21.36 14.35 28.06
C TRP G 161 -20.27 13.87 28.97
N ASN G 162 -19.38 14.80 29.37
CA ASN G 162 -18.23 14.55 30.25
C ASN G 162 -17.32 13.43 29.68
N SER G 163 -17.06 13.53 28.37
CA SER G 163 -16.23 12.61 27.58
C SER G 163 -16.72 11.14 27.61
N GLY G 164 -18.01 10.93 27.89
CA GLY G 164 -18.59 9.60 27.95
C GLY G 164 -18.85 9.10 29.35
N ALA G 165 -18.28 9.77 30.37
CA ALA G 165 -18.48 9.40 31.77
C ALA G 165 -19.92 9.64 32.22
N LEU G 166 -20.68 10.47 31.49
CA LEU G 166 -22.07 10.77 31.79
C LEU G 166 -22.95 10.22 30.68
N THR G 167 -23.72 9.17 30.99
CA THR G 167 -24.58 8.52 29.99
C THR G 167 -26.01 8.38 30.46
N SER G 168 -26.19 8.23 31.78
CA SER G 168 -27.49 8.09 32.38
C SER G 168 -28.19 9.45 32.44
N GLY G 169 -29.41 9.49 31.90
CA GLY G 169 -30.23 10.70 31.88
C GLY G 169 -30.08 11.51 30.60
N VAL G 170 -29.10 11.14 29.75
CA VAL G 170 -28.77 11.78 28.47
C VAL G 170 -29.76 11.40 27.39
N HIS G 171 -30.18 12.39 26.60
CA HIS G 171 -31.07 12.26 25.46
C HIS G 171 -30.55 13.17 24.36
N THR G 172 -30.02 12.57 23.29
CA THR G 172 -29.58 13.33 22.14
C THR G 172 -30.72 13.20 21.14
N PHE G 173 -31.30 14.31 20.75
CA PHE G 173 -32.44 14.30 19.86
C PHE G 173 -32.09 14.11 18.41
N PRO G 174 -32.99 13.46 17.59
CA PRO G 174 -32.73 13.38 16.13
C PRO G 174 -32.65 14.78 15.53
N ALA G 175 -31.76 14.97 14.58
CA ALA G 175 -31.56 16.28 13.96
C ALA G 175 -32.76 16.63 13.12
N VAL G 176 -33.08 17.93 13.06
CA VAL G 176 -34.18 18.45 12.23
C VAL G 176 -33.58 19.32 11.18
N LEU G 177 -34.14 19.26 9.99
CA LEU G 177 -33.65 20.09 8.92
C LEU G 177 -34.43 21.38 8.99
N GLN G 178 -33.72 22.49 9.06
CA GLN G 178 -34.33 23.82 9.20
C GLN G 178 -34.66 24.42 7.82
N SER G 179 -35.45 25.51 7.81
CA SER G 179 -35.84 26.29 6.61
C SER G 179 -34.63 26.71 5.77
N SER G 180 -33.48 26.93 6.44
CA SER G 180 -32.20 27.31 5.84
C SER G 180 -31.49 26.17 5.07
N GLY G 181 -31.93 24.92 5.28
CA GLY G 181 -31.31 23.74 4.68
C GLY G 181 -30.16 23.21 5.50
N LEU G 182 -30.02 23.70 6.74
CA LEU G 182 -28.99 23.27 7.69
C LEU G 182 -29.67 22.50 8.81
N TYR G 183 -28.94 21.55 9.42
CA TYR G 183 -29.49 20.77 10.53
C TYR G 183 -29.31 21.47 11.88
N SER G 184 -30.10 21.04 12.84
CA SER G 184 -30.11 21.53 14.21
C SER G 184 -30.46 20.37 15.12
N LEU G 185 -29.80 20.31 16.28
CA LEU G 185 -29.93 19.21 17.22
C LEU G 185 -29.75 19.75 18.64
N SER G 186 -30.39 19.12 19.63
CA SER G 186 -30.22 19.46 21.04
C SER G 186 -29.90 18.17 21.79
N SER G 187 -28.99 18.27 22.76
CA SER G 187 -28.65 17.15 23.62
C SER G 187 -28.91 17.58 25.03
N VAL G 188 -29.66 16.79 25.77
CA VAL G 188 -30.01 17.15 27.15
C VAL G 188 -29.60 16.09 28.12
N VAL G 189 -29.52 16.46 29.38
CA VAL G 189 -29.19 15.58 30.48
C VAL G 189 -29.96 16.02 31.71
N THR G 190 -30.57 15.04 32.39
CA THR G 190 -31.26 15.28 33.67
C THR G 190 -30.33 14.84 34.78
N VAL G 191 -30.16 15.76 35.76
CA VAL G 191 -29.26 15.61 36.89
C VAL G 191 -29.94 15.96 38.24
N PRO G 192 -29.43 15.45 39.39
CA PRO G 192 -30.03 15.88 40.67
C PRO G 192 -29.64 17.34 40.95
N SER G 193 -30.61 18.18 41.32
CA SER G 193 -30.40 19.62 41.60
C SER G 193 -29.22 19.89 42.54
N SER G 194 -28.98 18.97 43.50
CA SER G 194 -27.84 19.02 44.42
C SER G 194 -26.50 19.20 43.64
N SER G 195 -26.35 18.50 42.47
CA SER G 195 -25.19 18.49 41.57
C SER G 195 -24.83 19.86 40.99
N LEU G 196 -25.86 20.67 40.67
CA LEU G 196 -25.73 22.01 40.10
C LEU G 196 -24.90 22.91 40.95
N GLY G 197 -23.74 23.30 40.43
CA GLY G 197 -22.81 24.15 41.15
C GLY G 197 -21.72 23.38 41.87
N THR G 198 -21.88 22.04 41.96
CA THR G 198 -20.89 21.17 42.61
C THR G 198 -20.16 20.36 41.55
N LYS G 199 -20.92 19.78 40.60
CA LYS G 199 -20.42 18.96 39.49
C LYS G 199 -20.26 19.78 38.19
N THR G 200 -19.22 19.45 37.39
CA THR G 200 -18.93 20.07 36.09
C THR G 200 -19.59 19.28 34.97
N TYR G 201 -20.35 19.98 34.13
CA TYR G 201 -21.04 19.41 32.98
C TYR G 201 -20.49 20.00 31.69
N THR G 202 -20.01 19.15 30.82
CA THR G 202 -19.42 19.56 29.54
C THR G 202 -20.07 18.76 28.45
N CYS G 203 -20.40 19.41 27.33
CA CYS G 203 -20.82 18.60 26.21
C CYS G 203 -19.78 18.60 25.12
N ASN G 204 -19.41 17.40 24.68
CA ASN G 204 -18.38 17.20 23.67
C ASN G 204 -19.06 16.88 22.35
N VAL G 205 -18.96 17.82 21.39
CA VAL G 205 -19.57 17.74 20.06
C VAL G 205 -18.51 17.48 19.00
N ASP G 206 -18.77 16.48 18.13
CA ASP G 206 -17.86 16.13 17.05
C ASP G 206 -18.62 16.05 15.72
N HIS G 207 -18.24 16.91 14.75
CA HIS G 207 -18.79 16.92 13.42
C HIS G 207 -17.60 16.73 12.50
N LYS G 208 -17.28 15.45 12.20
CA LYS G 208 -16.14 15.04 11.36
C LYS G 208 -16.11 15.71 9.97
N PRO G 209 -17.27 15.81 9.22
CA PRO G 209 -17.23 16.48 7.90
C PRO G 209 -16.62 17.89 7.82
N SER G 210 -16.71 18.67 8.89
CA SER G 210 -16.18 20.02 8.94
C SER G 210 -14.96 20.12 9.88
N ASN G 211 -14.49 18.95 10.39
CA ASN G 211 -13.34 18.85 11.31
C ASN G 211 -13.55 19.66 12.60
N THR G 212 -14.79 19.68 13.10
CA THR G 212 -15.19 20.42 14.28
C THR G 212 -15.20 19.52 15.51
N LYS G 213 -14.53 19.95 16.57
CA LYS G 213 -14.48 19.31 17.87
C LYS G 213 -14.69 20.44 18.85
N VAL G 214 -15.81 20.44 19.58
CA VAL G 214 -16.19 21.47 20.53
C VAL G 214 -16.47 20.81 21.88
N ASP G 215 -15.97 21.40 22.97
CA ASP G 215 -16.26 20.93 24.32
C ASP G 215 -16.85 22.13 25.06
N LYS G 216 -18.17 22.33 24.91
CA LYS G 216 -18.81 23.47 25.55
C LYS G 216 -19.06 23.20 27.00
N ARG G 217 -18.54 24.07 27.88
CA ARG G 217 -18.77 24.00 29.32
C ARG G 217 -20.19 24.51 29.58
N VAL G 218 -21.02 23.71 30.24
CA VAL G 218 -22.40 24.11 30.55
C VAL G 218 -22.57 24.55 32.02
N HIS G 219 -22.77 25.86 32.26
CA HIS G 219 -22.94 26.42 33.60
C HIS G 219 -24.33 26.13 34.16
N HIS G 220 -24.41 25.91 35.49
CA HIS G 220 -25.62 25.54 36.24
C HIS G 220 -26.85 26.42 36.05
N HIS G 221 -26.69 27.64 35.51
CA HIS G 221 -27.80 28.53 35.22
C HIS G 221 -27.55 29.52 34.11
N HIS G 222 -28.61 30.24 33.71
CA HIS G 222 -28.54 31.20 32.65
C HIS G 222 -27.61 32.39 32.92
N HIS G 223 -27.11 32.95 31.81
CA HIS G 223 -26.16 34.03 31.61
C HIS G 223 -24.92 33.65 32.28
N HIS G 224 -23.98 33.25 31.44
CA HIS G 224 -22.73 32.77 31.91
C HIS G 224 -21.54 33.48 31.26
N GLN H 1 31.49 -46.68 -10.84
CA GLN H 1 32.65 -46.25 -11.62
C GLN H 1 32.28 -45.39 -12.84
N VAL H 2 32.98 -44.22 -13.00
CA VAL H 2 32.78 -43.27 -14.13
C VAL H 2 33.02 -44.03 -15.44
N GLN H 3 32.04 -43.98 -16.36
CA GLN H 3 32.11 -44.72 -17.61
C GLN H 3 31.25 -44.08 -18.70
N LEU H 4 31.75 -44.18 -19.94
CA LEU H 4 31.04 -43.73 -21.12
C LEU H 4 30.70 -44.99 -21.91
N VAL H 5 29.41 -45.18 -22.17
CA VAL H 5 28.94 -46.37 -22.88
C VAL H 5 28.33 -45.96 -24.20
N GLN H 6 28.92 -46.44 -25.27
CA GLN H 6 28.49 -46.11 -26.61
C GLN H 6 27.55 -47.17 -27.20
N SER H 7 26.76 -46.75 -28.21
CA SER H 7 25.85 -47.58 -28.97
C SER H 7 26.70 -48.65 -29.76
N GLY H 8 26.06 -49.74 -30.20
CA GLY H 8 26.74 -50.84 -30.89
C GLY H 8 27.17 -50.54 -32.30
N ALA H 9 27.96 -51.46 -32.90
CA ALA H 9 28.45 -51.36 -34.27
C ALA H 9 27.32 -51.31 -35.29
N GLU H 10 27.56 -50.62 -36.41
CA GLU H 10 26.59 -50.44 -37.47
C GLU H 10 27.19 -50.59 -38.85
N VAL H 11 26.35 -51.07 -39.77
CA VAL H 11 26.66 -51.23 -41.20
C VAL H 11 25.72 -50.28 -41.91
N LYS H 12 26.24 -49.44 -42.77
CA LYS H 12 25.45 -48.43 -43.44
C LYS H 12 25.73 -48.47 -44.90
N LYS H 13 24.73 -48.10 -45.70
CA LYS H 13 24.89 -48.03 -47.15
C LYS H 13 25.45 -46.62 -47.46
N PRO H 14 26.30 -46.45 -48.50
CA PRO H 14 26.78 -45.10 -48.85
C PRO H 14 25.62 -44.12 -49.12
N GLY H 15 25.84 -42.84 -48.80
CA GLY H 15 24.85 -41.78 -48.94
C GLY H 15 23.90 -41.69 -47.76
N SER H 16 23.91 -42.72 -46.91
CA SER H 16 23.11 -42.78 -45.70
C SER H 16 23.66 -41.84 -44.56
N SER H 17 23.03 -41.88 -43.40
CA SER H 17 23.47 -41.16 -42.22
C SER H 17 23.46 -42.09 -40.98
N VAL H 18 24.30 -41.81 -39.97
CA VAL H 18 24.39 -42.63 -38.76
C VAL H 18 24.30 -41.75 -37.52
N LYS H 19 23.56 -42.19 -36.49
CA LYS H 19 23.46 -41.49 -35.22
C LYS H 19 24.07 -42.45 -34.19
N VAL H 20 25.22 -42.08 -33.61
CA VAL H 20 25.94 -42.87 -32.62
C VAL H 20 25.68 -42.22 -31.30
N SER H 21 25.33 -42.99 -30.26
CA SER H 21 25.08 -42.44 -28.92
C SER H 21 26.22 -42.70 -27.94
N CYS H 22 26.21 -41.97 -26.82
CA CYS H 22 27.21 -42.05 -25.78
C CYS H 22 26.54 -41.76 -24.46
N LYS H 23 26.30 -42.79 -23.66
CA LYS H 23 25.62 -42.61 -22.37
C LYS H 23 26.65 -42.42 -21.28
N ALA H 24 26.48 -41.39 -20.47
CA ALA H 24 27.40 -41.10 -19.38
C ALA H 24 26.85 -41.47 -18.02
N SER H 25 27.73 -42.06 -17.18
CA SER H 25 27.45 -42.45 -15.78
C SER H 25 27.20 -41.19 -14.88
N GLY H 26 26.34 -40.29 -15.41
CA GLY H 26 25.81 -39.04 -14.87
C GLY H 26 26.80 -38.09 -14.25
N TYR H 27 26.44 -36.80 -14.22
CA TYR H 27 27.28 -35.77 -13.58
C TYR H 27 28.69 -35.62 -14.24
N THR H 28 28.99 -36.51 -15.21
CA THR H 28 30.16 -36.47 -16.09
C THR H 28 29.69 -35.48 -17.20
N PHE H 29 28.33 -35.37 -17.35
CA PHE H 29 27.60 -34.51 -18.29
C PHE H 29 27.21 -33.17 -17.70
N SER H 30 27.09 -33.11 -16.38
CA SER H 30 26.75 -31.91 -15.64
C SER H 30 27.89 -30.92 -15.57
N SER H 31 29.14 -31.44 -15.61
CA SER H 31 30.36 -30.66 -15.44
C SER H 31 31.32 -30.71 -16.61
N ASN H 32 31.19 -31.72 -17.49
CA ASN H 32 32.15 -31.87 -18.58
C ASN H 32 31.74 -31.53 -20.00
N VAL H 33 32.73 -31.59 -20.85
CA VAL H 33 32.64 -31.36 -22.27
C VAL H 33 32.92 -32.71 -22.84
N ILE H 34 32.16 -33.15 -23.85
CA ILE H 34 32.32 -34.41 -24.55
C ILE H 34 32.80 -34.04 -25.92
N SER H 35 33.85 -34.73 -26.38
CA SER H 35 34.48 -34.58 -27.70
C SER H 35 34.20 -35.86 -28.45
N TRP H 36 34.19 -35.78 -29.77
CA TRP H 36 34.00 -36.93 -30.65
C TRP H 36 35.24 -37.03 -31.53
N VAL H 37 35.85 -38.23 -31.51
CA VAL H 37 37.09 -38.52 -32.23
C VAL H 37 36.90 -39.78 -33.05
N ARG H 38 37.39 -39.77 -34.27
CA ARG H 38 37.28 -40.98 -35.10
C ARG H 38 38.63 -41.54 -35.52
N GLN H 39 38.68 -42.84 -35.69
CA GLN H 39 39.89 -43.54 -36.09
C GLN H 39 39.58 -44.54 -37.21
N ALA H 40 40.06 -44.26 -38.44
CA ALA H 40 39.88 -45.15 -39.59
C ALA H 40 40.75 -46.42 -39.44
N PRO H 41 40.39 -47.57 -40.05
CA PRO H 41 41.21 -48.79 -39.85
C PRO H 41 42.70 -48.63 -40.14
N GLY H 42 43.50 -48.93 -39.14
CA GLY H 42 44.95 -48.82 -39.17
C GLY H 42 45.48 -47.42 -39.41
N GLN H 43 44.78 -46.41 -38.84
CA GLN H 43 45.12 -44.99 -39.01
C GLN H 43 45.17 -44.29 -37.65
N GLY H 44 45.53 -43.00 -37.71
CA GLY H 44 45.59 -42.11 -36.58
C GLY H 44 44.23 -41.62 -36.13
N LEU H 45 44.22 -40.61 -35.24
CA LEU H 45 43.00 -40.04 -34.68
C LEU H 45 42.58 -38.71 -35.27
N GLU H 46 41.26 -38.55 -35.50
CA GLU H 46 40.66 -37.34 -36.08
C GLU H 46 39.63 -36.76 -35.15
N TRP H 47 39.83 -35.53 -34.71
CA TRP H 47 38.87 -34.86 -33.85
C TRP H 47 37.76 -34.31 -34.74
N MET H 48 36.50 -34.53 -34.34
CA MET H 48 35.36 -34.12 -35.13
C MET H 48 34.69 -32.90 -34.58
N GLY H 49 34.56 -32.85 -33.27
CA GLY H 49 33.93 -31.76 -32.57
C GLY H 49 33.56 -32.19 -31.17
N GLY H 50 32.75 -31.38 -30.49
CA GLY H 50 32.30 -31.64 -29.14
C GLY H 50 31.12 -30.81 -28.71
N VAL H 51 30.63 -31.05 -27.49
CA VAL H 51 29.45 -30.40 -26.94
C VAL H 51 29.57 -30.23 -25.39
N ILE H 52 29.00 -29.14 -24.84
CA ILE H 52 28.88 -28.85 -23.41
C ILE H 52 27.45 -29.30 -23.09
N PRO H 53 27.24 -30.53 -22.59
CA PRO H 53 25.86 -31.06 -22.49
C PRO H 53 24.80 -30.31 -21.73
N ILE H 54 25.13 -29.75 -20.57
CA ILE H 54 24.17 -29.04 -19.76
C ILE H 54 23.57 -27.76 -20.40
N VAL H 55 24.31 -27.14 -21.34
CA VAL H 55 23.87 -25.92 -22.03
C VAL H 55 23.65 -26.13 -23.53
N ASP H 56 23.89 -27.36 -24.03
CA ASP H 56 23.80 -27.81 -25.43
C ASP H 56 24.56 -26.92 -26.44
N ILE H 57 25.79 -26.53 -26.07
CA ILE H 57 26.62 -25.72 -26.98
C ILE H 57 27.61 -26.67 -27.67
N ALA H 58 27.58 -26.71 -29.02
CA ALA H 58 28.42 -27.58 -29.85
C ALA H 58 29.45 -26.79 -30.63
N ASN H 59 30.60 -27.41 -30.90
CA ASN H 59 31.68 -26.83 -31.67
C ASN H 59 32.20 -27.91 -32.60
N TYR H 60 32.60 -27.56 -33.81
CA TYR H 60 32.98 -28.56 -34.80
C TYR H 60 34.31 -28.26 -35.44
N ALA H 61 34.96 -29.28 -36.00
CA ALA H 61 36.16 -29.12 -36.80
C ALA H 61 35.62 -28.70 -38.21
N GLN H 62 36.26 -27.76 -38.90
CA GLN H 62 35.78 -27.32 -40.22
C GLN H 62 35.46 -28.43 -41.23
N ARG H 63 36.37 -29.43 -41.42
CA ARG H 63 36.15 -30.53 -42.38
C ARG H 63 34.89 -31.38 -42.12
N PHE H 64 34.31 -31.23 -40.90
CA PHE H 64 33.11 -31.92 -40.50
C PHE H 64 31.86 -31.08 -40.43
N LYS H 65 31.95 -29.77 -40.05
CA LYS H 65 30.84 -28.80 -40.08
C LYS H 65 30.17 -29.04 -41.45
N GLY H 66 28.86 -29.26 -41.49
CA GLY H 66 28.27 -29.54 -42.80
C GLY H 66 27.73 -30.94 -42.94
N ARG H 67 28.35 -31.90 -42.25
CA ARG H 67 27.92 -33.31 -42.27
C ARG H 67 27.63 -33.85 -40.88
N VAL H 68 28.15 -33.18 -39.83
CA VAL H 68 28.02 -33.63 -38.47
C VAL H 68 27.14 -32.72 -37.60
N THR H 69 26.45 -33.34 -36.63
CA THR H 69 25.62 -32.68 -35.65
C THR H 69 25.88 -33.39 -34.36
N ILE H 70 26.26 -32.64 -33.34
CA ILE H 70 26.53 -33.19 -32.01
C ILE H 70 25.49 -32.57 -31.09
N THR H 71 24.63 -33.40 -30.52
CA THR H 71 23.52 -32.96 -29.67
C THR H 71 23.59 -33.66 -28.31
N ALA H 72 22.97 -33.06 -27.32
CA ALA H 72 22.90 -33.59 -25.97
C ALA H 72 21.44 -33.74 -25.55
N ASP H 73 21.13 -34.80 -24.79
CA ASP H 73 19.82 -35.05 -24.23
C ASP H 73 19.90 -35.21 -22.71
N GLU H 74 19.42 -34.18 -21.97
CA GLU H 74 19.31 -34.05 -20.49
C GLU H 74 18.72 -35.29 -19.81
N SER H 75 17.49 -35.62 -20.21
CA SER H 75 16.61 -36.71 -19.79
C SER H 75 17.21 -38.14 -19.90
N THR H 76 18.40 -38.28 -20.53
CA THR H 76 19.06 -39.60 -20.67
C THR H 76 20.57 -39.54 -20.41
N SER H 77 21.15 -38.33 -20.18
CA SER H 77 22.61 -38.09 -20.05
C SER H 77 23.33 -38.78 -21.20
N THR H 78 22.90 -38.43 -22.41
CA THR H 78 23.41 -38.99 -23.64
C THR H 78 23.74 -37.88 -24.62
N THR H 79 24.91 -37.98 -25.25
CA THR H 79 25.23 -37.13 -26.37
C THR H 79 25.09 -38.05 -27.59
N TYR H 80 24.84 -37.43 -28.71
CA TYR H 80 24.67 -38.11 -29.96
C TYR H 80 25.56 -37.39 -30.96
N MET H 81 26.05 -38.13 -31.92
CA MET H 81 26.85 -37.60 -32.99
C MET H 81 26.25 -38.21 -34.23
N GLU H 82 25.76 -37.35 -35.14
CA GLU H 82 25.17 -37.77 -36.39
C GLU H 82 26.05 -37.35 -37.55
N LEU H 83 26.48 -38.32 -38.36
CA LEU H 83 27.29 -38.09 -39.56
C LEU H 83 26.47 -38.49 -40.77
N SER H 84 26.29 -37.56 -41.72
CA SER H 84 25.46 -37.76 -42.91
C SER H 84 26.27 -37.85 -44.19
N SER H 85 25.59 -38.22 -45.32
CA SER H 85 26.16 -38.40 -46.67
C SER H 85 27.40 -39.25 -46.51
N LEU H 86 27.19 -40.45 -45.95
CA LEU H 86 28.25 -41.41 -45.66
C LEU H 86 28.95 -41.92 -46.91
N ARG H 87 30.27 -41.97 -46.87
CA ARG H 87 31.10 -42.50 -47.93
C ARG H 87 31.98 -43.61 -47.32
N SER H 88 32.68 -44.40 -48.15
CA SER H 88 33.52 -45.51 -47.65
C SER H 88 34.59 -45.04 -46.69
N GLU H 89 35.09 -43.82 -46.89
CA GLU H 89 36.14 -43.22 -46.06
C GLU H 89 35.66 -42.84 -44.67
N ASP H 90 34.34 -42.98 -44.43
CA ASP H 90 33.74 -42.75 -43.12
C ASP H 90 33.74 -44.03 -42.26
N THR H 91 34.17 -45.20 -42.86
CA THR H 91 34.30 -46.47 -42.16
C THR H 91 35.41 -46.21 -41.13
N ALA H 92 35.05 -46.30 -39.83
CA ALA H 92 35.95 -45.99 -38.72
C ALA H 92 35.32 -46.34 -37.37
N VAL H 93 36.14 -46.28 -36.31
CA VAL H 93 35.70 -46.42 -34.93
C VAL H 93 35.52 -45.00 -34.44
N TYR H 94 34.33 -44.71 -33.91
CA TYR H 94 33.95 -43.41 -33.42
C TYR H 94 33.93 -43.45 -31.93
N TYR H 95 34.64 -42.52 -31.29
CA TYR H 95 34.73 -42.45 -29.84
C TYR H 95 34.16 -41.14 -29.34
N CYS H 96 33.53 -41.16 -28.18
CA CYS H 96 33.18 -39.95 -27.45
C CYS H 96 34.18 -39.97 -26.28
N ALA H 97 34.60 -38.79 -25.83
CA ALA H 97 35.50 -38.66 -24.70
C ALA H 97 35.19 -37.43 -23.90
N SER H 98 35.35 -37.49 -22.58
CA SER H 98 35.11 -36.29 -21.77
C SER H 98 36.46 -35.59 -21.62
N THR H 99 36.46 -34.23 -21.69
CA THR H 99 37.67 -33.45 -21.56
C THR H 99 38.05 -33.26 -20.10
N LEU H 100 39.25 -32.71 -19.89
CA LEU H 100 39.74 -32.37 -18.57
C LEU H 100 39.04 -31.18 -17.98
N GLY H 101 38.53 -30.27 -18.81
CA GLY H 101 37.84 -29.09 -18.30
C GLY H 101 37.38 -28.12 -19.35
N LEU H 102 38.28 -27.72 -20.25
CA LEU H 102 37.98 -26.79 -21.31
C LEU H 102 37.29 -27.43 -22.52
N VAL H 103 36.80 -26.61 -23.44
CA VAL H 103 36.13 -27.04 -24.66
C VAL H 103 37.14 -27.80 -25.52
N LEU H 104 38.35 -27.24 -25.69
CA LEU H 104 39.47 -27.90 -26.35
C LEU H 104 40.43 -28.27 -25.23
N ASP H 105 40.57 -29.57 -24.95
CA ASP H 105 41.40 -30.05 -23.86
C ASP H 105 41.81 -31.51 -24.09
N ALA H 106 42.60 -32.04 -23.15
CA ALA H 106 43.06 -33.41 -23.09
C ALA H 106 41.83 -34.24 -22.69
N MET H 107 41.75 -35.51 -23.17
CA MET H 107 40.59 -36.37 -22.89
C MET H 107 40.93 -37.55 -22.01
N ASP H 108 40.39 -37.60 -20.78
CA ASP H 108 40.67 -38.66 -19.78
C ASP H 108 39.77 -39.88 -19.82
N TYR H 109 38.46 -39.68 -19.99
CA TYR H 109 37.53 -40.81 -20.07
C TYR H 109 37.08 -40.98 -21.50
N TRP H 110 37.12 -42.22 -21.98
CA TRP H 110 36.72 -42.58 -23.32
C TRP H 110 35.67 -43.66 -23.30
N GLY H 111 34.82 -43.67 -24.33
CA GLY H 111 33.84 -44.72 -24.52
C GLY H 111 34.56 -45.91 -25.15
N GLN H 112 33.90 -47.06 -25.22
CA GLN H 112 34.54 -48.24 -25.79
C GLN H 112 34.81 -48.12 -27.29
N GLY H 113 34.09 -47.19 -27.96
CA GLY H 113 34.18 -47.00 -29.40
C GLY H 113 33.00 -47.62 -30.09
N THR H 114 32.70 -47.13 -31.30
CA THR H 114 31.60 -47.63 -32.15
C THR H 114 32.11 -47.81 -33.58
N LEU H 115 32.10 -49.06 -34.07
CA LEU H 115 32.53 -49.33 -35.45
C LEU H 115 31.40 -49.01 -36.41
N VAL H 116 31.67 -48.12 -37.36
CA VAL H 116 30.71 -47.77 -38.38
C VAL H 116 31.34 -48.23 -39.68
N THR H 117 30.68 -49.20 -40.34
CA THR H 117 31.13 -49.74 -41.61
C THR H 117 30.23 -49.16 -42.69
N VAL H 118 30.82 -48.49 -43.68
CA VAL H 118 30.07 -47.92 -44.79
C VAL H 118 30.35 -48.83 -45.98
N SER H 119 29.35 -49.65 -46.36
CA SER H 119 29.46 -50.61 -47.46
C SER H 119 28.12 -50.83 -48.13
N SER H 120 28.16 -51.04 -49.44
CA SER H 120 26.97 -51.40 -50.24
C SER H 120 26.69 -52.94 -50.13
N ALA H 121 27.70 -53.72 -49.68
CA ALA H 121 27.64 -55.17 -49.53
C ALA H 121 26.53 -55.68 -48.59
N SER H 122 26.06 -56.93 -48.86
CA SER H 122 25.05 -57.68 -48.07
C SER H 122 25.74 -58.77 -47.23
N THR H 123 25.09 -59.32 -46.20
CA THR H 123 25.69 -60.38 -45.36
C THR H 123 25.99 -61.62 -46.22
N LYS H 124 27.22 -62.11 -46.15
CA LYS H 124 27.65 -63.30 -46.87
C LYS H 124 28.57 -64.11 -45.98
N GLY H 125 28.34 -65.42 -45.95
CA GLY H 125 29.14 -66.40 -45.22
C GLY H 125 30.41 -66.70 -45.98
N PRO H 126 31.49 -67.14 -45.30
CA PRO H 126 32.74 -67.37 -46.02
C PRO H 126 32.88 -68.70 -46.74
N SER H 127 33.83 -68.75 -47.65
CA SER H 127 34.21 -69.98 -48.35
C SER H 127 35.57 -70.31 -47.74
N VAL H 128 35.72 -71.51 -47.18
CA VAL H 128 36.97 -71.89 -46.52
C VAL H 128 37.76 -72.81 -47.43
N PHE H 129 39.01 -72.42 -47.75
CA PHE H 129 39.86 -73.20 -48.64
C PHE H 129 41.13 -73.65 -47.98
N PRO H 130 41.66 -74.86 -48.29
CA PRO H 130 42.93 -75.28 -47.65
C PRO H 130 44.13 -74.58 -48.23
N LEU H 131 45.18 -74.46 -47.39
CA LEU H 131 46.48 -73.92 -47.76
C LEU H 131 47.48 -75.01 -47.42
N ALA H 132 48.00 -75.64 -48.46
CA ALA H 132 48.97 -76.72 -48.36
C ALA H 132 50.02 -76.52 -49.45
N PRO H 133 51.32 -76.74 -49.17
CA PRO H 133 52.35 -76.61 -50.23
C PRO H 133 52.44 -77.89 -51.07
N CYS H 134 53.50 -78.10 -51.85
CA CYS H 134 53.64 -79.36 -52.61
C CYS H 134 54.92 -80.14 -52.23
N SER H 135 56.08 -79.45 -52.39
CA SER H 135 57.42 -79.93 -52.08
C SER H 135 58.09 -78.94 -51.12
N GLU H 140 63.47 -80.11 -44.78
CA GLU H 140 62.69 -79.17 -43.98
C GLU H 140 62.05 -79.83 -42.74
N SER H 141 62.51 -79.46 -41.52
CA SER H 141 62.02 -79.99 -40.24
C SER H 141 60.65 -79.44 -39.82
N THR H 142 60.31 -78.21 -40.29
CA THR H 142 59.03 -77.55 -40.03
C THR H 142 58.25 -77.31 -41.30
N ALA H 143 56.94 -77.54 -41.21
CA ALA H 143 55.97 -77.41 -42.30
C ALA H 143 54.88 -76.41 -41.94
N ALA H 144 54.26 -75.80 -42.96
CA ALA H 144 53.16 -74.88 -42.70
C ALA H 144 51.90 -75.30 -43.42
N LEU H 145 50.78 -75.15 -42.76
CA LEU H 145 49.46 -75.42 -43.29
C LEU H 145 48.59 -74.21 -42.93
N GLY H 146 47.41 -74.16 -43.49
CA GLY H 146 46.45 -73.16 -43.12
C GLY H 146 45.16 -73.24 -43.89
N CYS H 147 44.23 -72.35 -43.57
CA CYS H 147 43.02 -72.23 -44.34
C CYS H 147 42.82 -70.76 -44.71
N LEU H 148 42.23 -70.52 -45.88
CA LEU H 148 41.89 -69.22 -46.43
C LEU H 148 40.40 -69.00 -46.27
N VAL H 149 40.02 -68.02 -45.43
CA VAL H 149 38.62 -67.67 -45.14
C VAL H 149 38.26 -66.50 -46.08
N LYS H 150 37.65 -66.82 -47.23
CA LYS H 150 37.37 -65.88 -48.30
C LYS H 150 35.94 -65.46 -48.49
N ASP H 151 35.77 -64.19 -48.95
CA ASP H 151 34.52 -63.56 -49.36
C ASP H 151 33.40 -63.57 -48.34
N TYR H 152 33.63 -62.97 -47.17
CA TYR H 152 32.61 -62.87 -46.14
C TYR H 152 32.32 -61.40 -45.82
N PHE H 153 31.17 -61.15 -45.20
CA PHE H 153 30.71 -59.83 -44.81
C PHE H 153 29.56 -59.94 -43.82
N PRO H 154 29.55 -59.15 -42.73
CA PRO H 154 30.58 -58.20 -42.30
C PRO H 154 31.64 -58.89 -41.45
N GLU H 155 32.54 -58.14 -40.82
CA GLU H 155 33.54 -58.67 -39.89
C GLU H 155 32.75 -58.93 -38.57
N PRO H 156 33.17 -59.87 -37.69
CA PRO H 156 34.38 -60.71 -37.70
C PRO H 156 34.12 -62.20 -37.96
N VAL H 157 35.21 -62.95 -38.17
CA VAL H 157 35.21 -64.40 -38.24
C VAL H 157 36.14 -64.86 -37.15
N THR H 158 35.77 -65.97 -36.48
CA THR H 158 36.57 -66.60 -35.42
C THR H 158 37.24 -67.80 -36.08
N VAL H 159 38.55 -67.98 -35.86
CA VAL H 159 39.29 -69.12 -36.39
C VAL H 159 40.07 -69.83 -35.28
N SER H 160 39.83 -71.15 -35.13
CA SER H 160 40.55 -71.99 -34.20
C SER H 160 41.06 -73.22 -34.93
N TRP H 161 42.09 -73.87 -34.38
CA TRP H 161 42.65 -75.09 -34.94
C TRP H 161 42.45 -76.23 -33.98
N ASN H 162 41.87 -77.34 -34.47
CA ASN H 162 41.58 -78.56 -33.70
C ASN H 162 40.74 -78.25 -32.46
N SER H 163 39.70 -77.43 -32.65
CA SER H 163 38.73 -77.00 -31.63
C SER H 163 39.36 -76.26 -30.44
N GLY H 164 40.56 -75.70 -30.63
CA GLY H 164 41.28 -74.96 -29.60
C GLY H 164 42.45 -75.72 -29.01
N ALA H 165 42.55 -77.02 -29.30
CA ALA H 165 43.64 -77.86 -28.80
C ALA H 165 44.98 -77.48 -29.43
N LEU H 166 44.93 -76.77 -30.58
CA LEU H 166 46.13 -76.32 -31.28
C LEU H 166 46.21 -74.80 -31.24
N THR H 167 47.20 -74.28 -30.49
CA THR H 167 47.40 -72.85 -30.29
C THR H 167 48.81 -72.43 -30.61
N SER H 168 49.77 -73.31 -30.34
CA SER H 168 51.17 -73.01 -30.57
C SER H 168 51.50 -73.12 -32.05
N GLY H 169 52.12 -72.08 -32.58
CA GLY H 169 52.50 -72.01 -33.99
C GLY H 169 51.46 -71.35 -34.89
N VAL H 170 50.24 -71.11 -34.34
CA VAL H 170 49.11 -70.50 -35.01
C VAL H 170 49.30 -68.97 -35.18
N HIS H 171 48.95 -68.46 -36.37
CA HIS H 171 48.93 -67.06 -36.75
C HIS H 171 47.66 -66.78 -37.55
N THR H 172 46.69 -66.08 -36.97
CA THR H 172 45.48 -65.69 -37.68
C THR H 172 45.71 -64.24 -38.09
N PHE H 173 45.68 -63.99 -39.40
CA PHE H 173 45.97 -62.67 -39.92
C PHE H 173 44.81 -61.72 -39.87
N PRO H 174 45.08 -60.39 -39.80
CA PRO H 174 43.98 -59.42 -39.83
C PRO H 174 43.27 -59.51 -41.17
N ALA H 175 41.93 -59.33 -41.18
CA ALA H 175 41.16 -59.38 -42.43
C ALA H 175 41.50 -58.23 -43.34
N VAL H 176 41.48 -58.47 -44.64
CA VAL H 176 41.70 -57.43 -45.65
C VAL H 176 40.41 -57.25 -46.42
N LEU H 177 40.10 -56.01 -46.76
CA LEU H 177 38.92 -55.74 -47.54
C LEU H 177 39.37 -55.84 -48.98
N GLN H 178 38.66 -56.66 -49.76
CA GLN H 178 39.00 -56.88 -51.16
C GLN H 178 38.29 -55.87 -52.07
N SER H 179 38.72 -55.79 -53.34
CA SER H 179 38.13 -54.91 -54.39
C SER H 179 36.63 -55.10 -54.54
N SER H 180 36.12 -56.32 -54.24
CA SER H 180 34.70 -56.73 -54.27
C SER H 180 33.88 -56.17 -53.11
N GLY H 181 34.54 -55.66 -52.08
CA GLY H 181 33.88 -55.12 -50.89
C GLY H 181 33.61 -56.17 -49.84
N LEU H 182 34.17 -57.38 -50.04
CA LEU H 182 34.08 -58.52 -49.13
C LEU H 182 35.43 -58.73 -48.45
N TYR H 183 35.41 -59.26 -47.23
CA TYR H 183 36.64 -59.51 -46.50
C TYR H 183 37.25 -60.85 -46.83
N SER H 184 38.54 -61.00 -46.52
CA SER H 184 39.32 -62.21 -46.75
C SER H 184 40.34 -62.30 -45.62
N LEU H 185 40.59 -63.50 -45.14
CA LEU H 185 41.46 -63.78 -44.01
C LEU H 185 42.17 -65.12 -44.21
N SER H 186 43.39 -65.25 -43.69
CA SER H 186 44.14 -66.50 -43.73
C SER H 186 44.60 -66.83 -42.33
N SER H 187 44.53 -68.09 -41.96
CA SER H 187 45.02 -68.57 -40.67
C SER H 187 46.04 -69.65 -40.95
N VAL H 188 47.22 -69.54 -40.38
CA VAL H 188 48.26 -70.52 -40.63
C VAL H 188 48.75 -71.16 -39.34
N VAL H 189 49.44 -72.29 -39.48
CA VAL H 189 50.01 -73.06 -38.38
C VAL H 189 51.30 -73.74 -38.84
N THR H 190 52.36 -73.58 -38.06
CA THR H 190 53.64 -74.24 -38.32
C THR H 190 53.75 -75.44 -37.41
N VAL H 191 54.08 -76.57 -38.01
CA VAL H 191 54.14 -77.88 -37.34
C VAL H 191 55.46 -78.64 -37.65
N PRO H 192 55.89 -79.62 -36.80
CA PRO H 192 57.07 -80.41 -37.16
C PRO H 192 56.70 -81.38 -38.29
N SER H 193 57.51 -81.42 -39.38
CA SER H 193 57.26 -82.30 -40.53
C SER H 193 57.05 -83.78 -40.14
N SER H 194 57.68 -84.23 -39.04
CA SER H 194 57.58 -85.58 -38.45
C SER H 194 56.12 -85.92 -38.11
N SER H 195 55.44 -85.00 -37.39
CA SER H 195 54.05 -85.12 -36.95
C SER H 195 53.06 -84.87 -38.09
N LEU H 196 53.57 -84.42 -39.26
CA LEU H 196 52.79 -84.12 -40.45
C LEU H 196 51.80 -85.25 -40.90
N GLY H 197 52.30 -86.29 -41.56
CA GLY H 197 51.49 -87.43 -42.02
C GLY H 197 50.96 -88.32 -40.90
N THR H 198 51.14 -87.88 -39.64
CA THR H 198 50.68 -88.62 -38.46
C THR H 198 49.45 -87.97 -37.82
N LYS H 199 49.50 -86.65 -37.47
CA LYS H 199 48.40 -85.90 -36.81
C LYS H 199 47.37 -85.24 -37.78
N THR H 200 46.12 -85.02 -37.31
CA THR H 200 45.01 -84.39 -38.04
C THR H 200 44.94 -82.89 -37.73
N TYR H 201 44.90 -82.06 -38.78
CA TYR H 201 44.80 -80.60 -38.67
C TYR H 201 43.52 -80.11 -39.32
N THR H 202 42.70 -79.43 -38.54
CA THR H 202 41.42 -78.92 -38.99
C THR H 202 41.28 -77.50 -38.54
N CYS H 203 40.80 -76.60 -39.40
CA CYS H 203 40.53 -75.24 -38.96
C CYS H 203 39.03 -75.04 -38.78
N ASN H 204 38.63 -74.52 -37.65
CA ASN H 204 37.23 -74.29 -37.29
C ASN H 204 36.94 -72.82 -37.45
N VAL H 205 36.02 -72.50 -38.38
CA VAL H 205 35.67 -71.14 -38.73
C VAL H 205 34.24 -70.81 -38.34
N ASP H 206 34.05 -69.68 -37.63
CA ASP H 206 32.72 -69.25 -37.20
C ASP H 206 32.46 -67.78 -37.61
N HIS H 207 31.37 -67.55 -38.35
CA HIS H 207 30.95 -66.21 -38.80
C HIS H 207 29.52 -66.05 -38.34
N LYS H 208 29.36 -65.60 -37.10
CA LYS H 208 28.06 -65.41 -36.48
C LYS H 208 27.06 -64.59 -37.31
N PRO H 209 27.44 -63.46 -37.98
CA PRO H 209 26.46 -62.70 -38.80
C PRO H 209 25.69 -63.48 -39.88
N SER H 210 26.30 -64.54 -40.44
CA SER H 210 25.65 -65.37 -41.45
C SER H 210 25.29 -66.77 -40.88
N ASN H 211 25.50 -66.99 -39.57
CA ASN H 211 25.27 -68.26 -38.89
C ASN H 211 26.07 -69.43 -39.52
N THR H 212 27.29 -69.14 -39.98
CA THR H 212 28.16 -70.11 -40.64
C THR H 212 29.13 -70.70 -39.64
N LYS H 213 29.24 -72.03 -39.66
CA LYS H 213 30.18 -72.81 -38.87
C LYS H 213 30.77 -73.81 -39.85
N VAL H 214 32.08 -73.74 -40.07
CA VAL H 214 32.80 -74.61 -40.99
C VAL H 214 33.97 -75.28 -40.27
N ASP H 215 34.18 -76.59 -40.54
CA ASP H 215 35.31 -77.37 -40.04
C ASP H 215 36.03 -77.88 -41.28
N LYS H 216 37.24 -77.39 -41.52
CA LYS H 216 37.93 -77.78 -42.75
C LYS H 216 39.22 -78.53 -42.46
N ARG H 217 39.31 -79.81 -42.92
CA ARG H 217 40.52 -80.59 -42.73
C ARG H 217 41.52 -80.28 -43.82
N VAL H 218 42.75 -79.90 -43.42
CA VAL H 218 43.79 -79.54 -44.38
C VAL H 218 44.69 -80.73 -44.78
N HIS H 219 44.72 -81.04 -46.09
CA HIS H 219 45.52 -82.15 -46.62
C HIS H 219 46.95 -81.79 -47.10
N HIS H 220 47.38 -82.29 -48.27
CA HIS H 220 48.74 -82.03 -48.70
C HIS H 220 48.96 -81.44 -50.09
N HIS H 221 48.00 -81.62 -51.05
CA HIS H 221 48.08 -81.11 -52.46
C HIS H 221 48.65 -82.12 -53.46
N THR I 2 -17.72 25.39 58.79
CA THR I 2 -16.80 25.74 59.86
C THR I 2 -16.97 27.21 60.27
N VAL I 3 -17.06 27.44 61.56
CA VAL I 3 -17.18 28.77 62.12
C VAL I 3 -15.88 29.13 62.83
N LEU I 4 -15.37 30.31 62.50
CA LEU I 4 -14.15 30.83 63.10
C LEU I 4 -14.51 31.96 64.05
N THR I 5 -14.15 31.82 65.35
CA THR I 5 -14.42 32.84 66.33
C THR I 5 -13.15 33.51 66.73
N GLN I 6 -13.06 34.79 66.42
CA GLN I 6 -11.94 35.65 66.72
C GLN I 6 -12.20 36.38 68.02
N SER I 7 -11.15 36.53 68.83
CA SER I 7 -11.19 37.22 70.11
C SER I 7 -9.84 37.89 70.40
N PRO I 8 -9.85 39.09 71.00
CA PRO I 8 -11.03 39.91 71.36
C PRO I 8 -11.61 40.58 70.08
N GLY I 9 -12.72 41.28 70.23
CA GLY I 9 -13.28 42.01 69.10
C GLY I 9 -12.43 43.24 68.81
N THR I 10 -11.96 43.87 69.89
CA THR I 10 -11.12 45.05 69.86
C THR I 10 -9.99 44.84 70.85
N LEU I 11 -8.78 45.16 70.43
CA LEU I 11 -7.57 45.06 71.20
C LEU I 11 -6.93 46.46 71.14
N SER I 12 -6.74 47.10 72.33
CA SER I 12 -6.21 48.45 72.50
C SER I 12 -4.80 48.39 73.10
N LEU I 13 -3.81 48.82 72.29
CA LEU I 13 -2.38 48.79 72.58
C LEU I 13 -1.65 50.03 72.02
N SER I 14 -0.40 50.22 72.45
CA SER I 14 0.44 51.33 72.03
C SER I 14 1.57 50.79 71.13
N PRO I 15 2.15 51.61 70.23
CA PRO I 15 3.31 51.14 69.45
C PRO I 15 4.43 50.58 70.34
N GLY I 16 5.11 49.56 69.85
CA GLY I 16 6.16 48.87 70.60
C GLY I 16 5.65 47.66 71.35
N GLU I 17 4.32 47.61 71.67
CA GLU I 17 3.72 46.47 72.38
C GLU I 17 3.58 45.21 71.48
N ARG I 18 3.14 44.10 72.11
CA ARG I 18 2.91 42.82 71.44
C ARG I 18 1.42 42.56 71.44
N ALA I 19 0.89 42.14 70.29
CA ALA I 19 -0.52 41.81 70.14
C ALA I 19 -0.69 40.33 70.02
N THR I 20 -1.70 39.80 70.71
CA THR I 20 -2.02 38.38 70.65
C THR I 20 -3.48 38.24 70.28
N LEU I 21 -3.72 37.80 69.03
CA LEU I 21 -5.04 37.61 68.44
C LEU I 21 -5.32 36.13 68.38
N SER I 22 -6.55 35.76 68.69
CA SER I 22 -6.98 34.37 68.72
C SER I 22 -8.07 34.04 67.69
N CYS I 23 -8.01 32.83 67.15
CA CYS I 23 -8.98 32.26 66.22
C CYS I 23 -9.31 30.89 66.79
N ARG I 24 -10.59 30.64 67.06
CA ARG I 24 -11.06 29.38 67.58
C ARG I 24 -12.03 28.80 66.55
N ALA I 25 -11.75 27.59 66.05
CA ALA I 25 -12.54 26.93 65.01
C ALA I 25 -13.58 25.96 65.55
N SER I 26 -14.76 25.90 64.92
CA SER I 26 -15.84 25.00 65.32
C SER I 26 -15.50 23.50 65.14
N GLN I 27 -14.44 23.18 64.39
CA GLN I 27 -13.96 21.81 64.10
C GLN I 27 -12.48 21.83 63.74
N SER I 28 -11.79 20.69 63.87
CA SER I 28 -10.35 20.63 63.59
C SER I 28 -10.00 21.07 62.16
N LEU I 29 -8.92 21.86 62.03
CA LEU I 29 -8.42 22.37 60.74
C LEU I 29 -7.04 21.81 60.45
N GLY I 30 -6.59 20.87 61.27
CA GLY I 30 -5.26 20.32 61.11
C GLY I 30 -4.24 21.36 61.51
N SER I 31 -3.22 21.55 60.71
CA SER I 31 -2.18 22.52 61.05
C SER I 31 -1.69 23.34 59.85
N SER I 32 -2.23 23.05 58.65
CA SER I 32 -1.79 23.75 57.46
C SER I 32 -2.92 24.46 56.73
N TYR I 33 -4.09 24.59 57.37
CA TYR I 33 -5.27 25.13 56.70
C TYR I 33 -5.87 26.39 57.31
N LEU I 34 -4.99 27.26 57.81
CA LEU I 34 -5.41 28.54 58.35
C LEU I 34 -4.47 29.64 57.94
N ALA I 35 -5.04 30.80 57.56
CA ALA I 35 -4.31 31.99 57.14
C ALA I 35 -4.77 33.24 57.92
N TRP I 36 -3.91 34.25 58.00
CA TRP I 36 -4.18 35.52 58.67
C TRP I 36 -4.00 36.64 57.70
N TYR I 37 -4.92 37.62 57.78
CA TYR I 37 -4.89 38.78 56.89
C TYR I 37 -4.94 40.06 57.67
N GLN I 38 -4.33 41.09 57.08
CA GLN I 38 -4.39 42.43 57.63
C GLN I 38 -5.13 43.31 56.63
N GLN I 39 -6.12 44.06 57.12
CA GLN I 39 -6.81 44.97 56.23
C GLN I 39 -6.85 46.36 56.79
N LYS I 40 -6.26 47.27 56.04
CA LYS I 40 -6.22 48.70 56.38
C LYS I 40 -7.40 49.41 55.66
N PRO I 41 -7.89 50.53 56.24
CA PRO I 41 -9.05 51.22 55.66
C PRO I 41 -8.94 51.55 54.18
N GLY I 42 -9.98 51.20 53.45
CA GLY I 42 -10.08 51.40 52.01
C GLY I 42 -9.08 50.63 51.16
N GLN I 43 -8.52 49.53 51.70
CA GLN I 43 -7.58 48.69 50.98
C GLN I 43 -8.02 47.23 50.98
N ALA I 44 -7.37 46.40 50.12
CA ALA I 44 -7.64 44.98 50.02
C ALA I 44 -6.95 44.23 51.17
N PRO I 45 -7.45 43.04 51.61
CA PRO I 45 -6.74 42.28 52.65
C PRO I 45 -5.33 41.86 52.20
N ARG I 46 -4.40 41.84 53.15
CA ARG I 46 -3.01 41.50 52.92
C ARG I 46 -2.73 40.18 53.63
N LEU I 47 -2.28 39.16 52.88
CA LEU I 47 -1.91 37.87 53.47
C LEU I 47 -0.65 38.06 54.32
N LEU I 48 -0.71 37.63 55.59
CA LEU I 48 0.39 37.72 56.55
C LEU I 48 0.99 36.33 56.76
N ILE I 49 0.16 35.38 57.22
CA ILE I 49 0.54 34.01 57.55
C ILE I 49 -0.33 33.04 56.78
N TYR I 50 0.28 31.93 56.31
CA TYR I 50 -0.45 30.83 55.68
C TYR I 50 -0.05 29.53 56.34
N GLY I 51 -0.93 28.54 56.29
CA GLY I 51 -0.68 27.23 56.88
C GLY I 51 -0.30 27.33 58.35
N ALA I 52 -1.11 28.09 59.09
CA ALA I 52 -1.03 28.40 60.51
C ALA I 52 0.24 29.12 60.98
N SER I 53 1.41 28.89 60.35
CA SER I 53 2.68 29.43 60.84
C SER I 53 3.67 29.96 59.84
N SER I 54 3.40 29.78 58.55
CA SER I 54 4.34 30.25 57.52
C SER I 54 4.10 31.69 57.16
N ARG I 55 5.14 32.55 57.25
CA ARG I 55 5.04 33.96 56.84
C ARG I 55 4.99 33.99 55.34
N ALA I 56 4.10 34.79 54.81
CA ALA I 56 3.95 34.98 53.38
C ALA I 56 5.16 35.78 52.83
N PRO I 57 5.49 35.70 51.53
CA PRO I 57 6.65 36.45 51.01
C PRO I 57 6.63 37.96 51.35
N GLY I 58 7.76 38.47 51.85
CA GLY I 58 7.97 39.87 52.16
C GLY I 58 7.37 40.38 53.45
N ILE I 59 6.70 39.48 54.21
CA ILE I 59 6.07 39.85 55.48
C ILE I 59 7.10 40.04 56.59
N PRO I 60 7.05 41.19 57.33
CA PRO I 60 7.98 41.41 58.45
C PRO I 60 7.98 40.30 59.49
N ASP I 61 9.16 40.02 60.04
CA ASP I 61 9.43 39.00 61.06
C ASP I 61 8.60 39.11 62.34
N ARG I 62 8.10 40.33 62.65
CA ARG I 62 7.31 40.61 63.84
C ARG I 62 5.92 39.95 63.86
N PHE I 63 5.48 39.45 62.70
CA PHE I 63 4.23 38.72 62.51
C PHE I 63 4.54 37.24 62.64
N SER I 64 3.79 36.53 63.47
CA SER I 64 4.03 35.10 63.63
C SER I 64 2.76 34.39 64.00
N GLY I 65 2.60 33.16 63.52
CA GLY I 65 1.41 32.37 63.80
C GLY I 65 1.71 31.01 64.35
N SER I 66 0.75 30.43 65.07
CA SER I 66 0.88 29.12 65.69
C SER I 66 -0.48 28.58 65.95
N GLY I 67 -0.54 27.28 66.20
CA GLY I 67 -1.78 26.60 66.50
C GLY I 67 -1.97 25.35 65.69
N SER I 68 -2.97 24.56 66.11
CA SER I 68 -3.39 23.30 65.48
C SER I 68 -4.81 22.98 65.93
N GLY I 69 -5.48 22.13 65.16
CA GLY I 69 -6.84 21.70 65.45
C GLY I 69 -7.85 22.83 65.44
N THR I 70 -8.25 23.28 66.64
CA THR I 70 -9.27 24.33 66.75
C THR I 70 -8.75 25.65 67.28
N ASP I 71 -7.52 25.69 67.85
CA ASP I 71 -6.98 26.92 68.43
C ASP I 71 -5.76 27.48 67.73
N PHE I 72 -5.89 28.69 67.14
CA PHE I 72 -4.84 29.39 66.40
C PHE I 72 -4.59 30.78 66.94
N THR I 73 -3.35 31.26 66.79
CA THR I 73 -2.90 32.53 67.32
C THR I 73 -2.04 33.30 66.33
N LEU I 74 -2.26 34.62 66.22
CA LEU I 74 -1.41 35.55 65.48
C LEU I 74 -0.78 36.42 66.55
N THR I 75 0.55 36.57 66.46
CA THR I 75 1.34 37.39 67.38
C THR I 75 2.02 38.46 66.58
N ILE I 76 1.82 39.74 66.98
CA ILE I 76 2.47 40.89 66.33
C ILE I 76 3.36 41.50 67.38
N SER I 77 4.67 41.56 67.12
CA SER I 77 5.60 42.13 68.09
C SER I 77 6.09 43.51 67.64
N ARG I 78 6.56 44.38 68.59
CA ARG I 78 7.11 45.70 68.32
C ARG I 78 6.15 46.48 67.42
N LEU I 79 4.88 46.57 67.86
CA LEU I 79 3.83 47.22 67.10
C LEU I 79 4.24 48.56 66.50
N GLU I 80 4.03 48.70 65.18
CA GLU I 80 4.29 49.93 64.43
C GLU I 80 2.94 50.61 64.29
N PRO I 81 2.85 51.95 64.07
CA PRO I 81 1.52 52.59 63.91
C PRO I 81 0.73 52.08 62.72
N GLU I 82 1.43 51.67 61.64
CA GLU I 82 0.85 51.07 60.43
C GLU I 82 0.11 49.71 60.69
N ASP I 83 0.27 49.10 61.87
CA ASP I 83 -0.30 47.80 62.24
C ASP I 83 -1.66 47.95 62.87
N PHE I 84 -2.05 49.19 63.18
CA PHE I 84 -3.36 49.42 63.77
C PHE I 84 -4.43 49.31 62.65
N ALA I 85 -5.06 48.09 62.56
CA ALA I 85 -5.97 47.75 61.48
C ALA I 85 -6.86 46.59 61.88
N VAL I 86 -7.63 46.01 60.92
CA VAL I 86 -8.49 44.85 61.18
C VAL I 86 -7.72 43.62 60.73
N TYR I 87 -7.81 42.57 61.52
CA TYR I 87 -7.15 41.30 61.26
C TYR I 87 -8.20 40.20 61.16
N TYR I 88 -8.12 39.38 60.09
CA TYR I 88 -9.06 38.27 59.91
C TYR I 88 -8.32 36.96 59.80
N CYS I 89 -8.96 35.89 60.25
CA CYS I 89 -8.42 34.54 60.09
C CYS I 89 -9.26 33.84 59.02
N GLN I 90 -8.67 32.92 58.27
CA GLN I 90 -9.37 32.24 57.19
C GLN I 90 -9.03 30.77 57.22
N GLN I 91 -10.04 29.92 57.04
CA GLN I 91 -9.83 28.49 56.98
C GLN I 91 -10.08 28.00 55.58
N TYR I 92 -9.25 27.05 55.15
CA TYR I 92 -9.36 26.43 53.84
C TYR I 92 -9.17 24.94 53.96
N ALA I 93 -9.70 24.38 55.06
CA ALA I 93 -9.65 22.95 55.39
C ALA I 93 -10.86 22.22 54.85
N ASP I 94 -11.97 22.93 54.69
CA ASP I 94 -13.24 22.36 54.31
C ASP I 94 -14.01 23.39 53.51
N SER I 95 -14.67 22.95 52.43
CA SER I 95 -15.46 23.87 51.64
C SER I 95 -16.79 24.17 52.38
N PRO I 96 -17.27 25.43 52.44
CA PRO I 96 -16.70 26.65 51.83
C PRO I 96 -15.64 27.30 52.70
N ILE I 97 -14.78 28.14 52.08
CA ILE I 97 -13.78 28.92 52.81
C ILE I 97 -14.58 29.86 53.73
N THR I 98 -14.21 29.91 55.01
CA THR I 98 -14.87 30.81 55.95
C THR I 98 -13.82 31.69 56.61
N PHE I 99 -14.24 32.90 56.96
CA PHE I 99 -13.44 33.90 57.63
C PHE I 99 -13.97 34.16 59.05
N GLY I 100 -13.13 34.73 59.90
CA GLY I 100 -13.51 35.15 61.22
C GLY I 100 -14.16 36.52 61.11
N GLN I 101 -14.84 36.96 62.18
CA GLN I 101 -15.56 38.24 62.21
C GLN I 101 -14.67 39.49 62.20
N GLY I 102 -13.38 39.31 62.49
CA GLY I 102 -12.40 40.38 62.53
C GLY I 102 -12.04 40.79 63.95
N THR I 103 -10.84 41.34 64.10
CA THR I 103 -10.35 41.88 65.37
C THR I 103 -9.80 43.25 65.02
N ARG I 104 -10.35 44.32 65.65
CA ARG I 104 -9.83 45.67 65.43
C ARG I 104 -8.66 45.89 66.40
N LEU I 105 -7.55 46.43 65.89
CA LEU I 105 -6.39 46.79 66.68
C LEU I 105 -6.29 48.32 66.77
N GLU I 106 -6.84 48.92 67.85
CA GLU I 106 -6.85 50.36 68.13
C GLU I 106 -5.75 50.81 69.09
N ILE I 107 -5.45 52.11 69.09
CA ILE I 107 -4.45 52.67 70.00
C ILE I 107 -5.11 52.93 71.37
N LYS I 108 -4.48 52.42 72.45
CA LYS I 108 -4.92 52.63 73.83
C LYS I 108 -4.60 54.10 74.27
N ARG I 109 -5.49 54.66 75.11
CA ARG I 109 -5.39 55.98 75.71
C ARG I 109 -6.40 56.03 76.89
N THR I 110 -6.35 57.10 77.69
CA THR I 110 -7.23 57.30 78.85
C THR I 110 -8.67 57.56 78.40
N VAL I 111 -9.64 57.12 79.20
CA VAL I 111 -11.06 57.35 78.93
C VAL I 111 -11.30 58.87 78.75
N ALA I 112 -11.96 59.28 77.65
CA ALA I 112 -12.36 60.67 77.36
C ALA I 112 -13.87 60.73 77.13
N ALA I 113 -14.58 61.53 77.94
CA ALA I 113 -16.02 61.72 77.75
C ALA I 113 -16.25 62.64 76.53
N PRO I 114 -17.34 62.41 75.76
CA PRO I 114 -17.59 63.27 74.59
C PRO I 114 -18.14 64.63 74.97
N SER I 115 -17.81 65.65 74.15
CA SER I 115 -18.40 66.97 74.23
C SER I 115 -19.60 66.84 73.27
N VAL I 116 -20.82 67.00 73.80
CA VAL I 116 -22.02 66.84 73.00
C VAL I 116 -22.53 68.21 72.50
N PHE I 117 -23.04 68.23 71.27
CA PHE I 117 -23.58 69.41 70.60
C PHE I 117 -24.81 69.01 69.82
N ILE I 118 -25.86 69.84 69.89
CA ILE I 118 -27.09 69.62 69.14
C ILE I 118 -27.29 70.78 68.16
N PHE I 119 -27.65 70.45 66.91
CA PHE I 119 -27.86 71.42 65.85
C PHE I 119 -29.29 71.37 65.33
N PRO I 120 -30.07 72.46 65.44
CA PRO I 120 -31.40 72.47 64.83
C PRO I 120 -31.30 72.52 63.30
N PRO I 121 -32.33 72.08 62.55
CA PRO I 121 -32.24 72.21 61.09
C PRO I 121 -32.24 73.69 60.67
N SER I 122 -31.57 73.97 59.53
CA SER I 122 -31.51 75.32 58.98
C SER I 122 -32.85 75.63 58.32
N ASP I 123 -33.18 76.93 58.19
CA ASP I 123 -34.41 77.36 57.52
C ASP I 123 -34.34 77.05 56.04
N GLU I 124 -33.11 77.02 55.46
CA GLU I 124 -32.90 76.68 54.07
C GLU I 124 -33.36 75.25 53.76
N GLN I 125 -33.13 74.31 54.71
CA GLN I 125 -33.52 72.92 54.59
C GLN I 125 -35.02 72.75 54.75
N LEU I 126 -35.61 73.42 55.77
CA LEU I 126 -37.04 73.40 56.07
C LEU I 126 -37.89 73.82 54.88
N LYS I 127 -37.37 74.74 54.05
CA LYS I 127 -38.00 75.21 52.81
C LYS I 127 -38.20 74.03 51.85
N SER I 128 -37.24 73.06 51.83
CA SER I 128 -37.26 71.84 50.99
C SER I 128 -38.28 70.79 51.50
N GLY I 129 -38.80 70.99 52.72
CA GLY I 129 -39.78 70.12 53.34
C GLY I 129 -39.25 69.06 54.29
N THR I 130 -37.92 69.06 54.53
CA THR I 130 -37.25 68.11 55.42
C THR I 130 -36.55 68.81 56.54
N ALA I 131 -36.50 68.17 57.71
CA ALA I 131 -35.79 68.68 58.87
C ALA I 131 -34.78 67.61 59.36
N SER I 132 -33.48 67.94 59.30
CA SER I 132 -32.47 67.05 59.83
C SER I 132 -31.93 67.67 61.10
N VAL I 133 -32.13 66.98 62.23
CA VAL I 133 -31.61 67.43 63.52
C VAL I 133 -30.32 66.61 63.72
N VAL I 134 -29.20 67.30 64.03
CA VAL I 134 -27.90 66.66 64.16
C VAL I 134 -27.36 66.73 65.57
N CYS I 135 -26.90 65.59 66.10
CA CYS I 135 -26.28 65.47 67.42
C CYS I 135 -24.80 65.06 67.19
N LEU I 136 -23.85 65.83 67.74
CA LEU I 136 -22.43 65.53 67.60
C LEU I 136 -21.79 65.16 68.94
N LEU I 137 -21.10 64.00 68.99
CA LEU I 137 -20.34 63.51 70.16
C LEU I 137 -18.91 63.67 69.73
N ASN I 138 -18.20 64.58 70.38
CA ASN I 138 -16.87 64.93 69.95
C ASN I 138 -15.75 64.50 70.88
N ASN I 139 -14.67 63.99 70.27
CA ASN I 139 -13.43 63.58 70.91
C ASN I 139 -13.57 62.70 72.15
N PHE I 140 -14.13 61.50 71.99
CA PHE I 140 -14.32 60.54 73.08
C PHE I 140 -13.47 59.26 72.89
N TYR I 141 -13.30 58.49 74.00
CA TYR I 141 -12.59 57.21 74.09
C TYR I 141 -13.16 56.41 75.27
N PRO I 142 -13.54 55.11 75.17
CA PRO I 142 -13.53 54.22 73.98
C PRO I 142 -14.63 54.56 72.92
N ARG I 143 -14.65 53.80 71.79
CA ARG I 143 -15.58 53.95 70.65
C ARG I 143 -17.08 53.73 71.01
N GLU I 144 -17.36 52.90 72.03
CA GLU I 144 -18.72 52.58 72.47
C GLU I 144 -19.42 53.76 73.12
N ALA I 145 -20.54 54.17 72.50
CA ALA I 145 -21.40 55.28 72.93
C ALA I 145 -22.84 55.01 72.47
N LYS I 146 -23.80 55.39 73.28
CA LYS I 146 -25.22 55.25 72.94
C LYS I 146 -25.85 56.66 72.83
N VAL I 147 -26.74 56.84 71.85
CA VAL I 147 -27.45 58.10 71.61
C VAL I 147 -28.95 57.81 71.46
N GLN I 148 -29.76 58.45 72.29
CA GLN I 148 -31.22 58.33 72.24
C GLN I 148 -31.83 59.67 71.89
N TRP I 149 -32.71 59.67 70.89
CA TRP I 149 -33.40 60.89 70.47
C TRP I 149 -34.77 60.97 71.13
N LYS I 150 -35.09 62.10 71.76
CA LYS I 150 -36.39 62.32 72.39
C LYS I 150 -37.04 63.58 71.84
N VAL I 151 -38.28 63.45 71.31
CA VAL I 151 -39.06 64.58 70.77
C VAL I 151 -40.27 64.71 71.67
N ASP I 152 -40.27 65.75 72.52
CA ASP I 152 -41.32 65.98 73.52
C ASP I 152 -41.45 64.75 74.43
N ASN I 153 -40.28 64.28 74.90
CA ASN I 153 -40.10 63.11 75.77
C ASN I 153 -40.43 61.78 75.10
N ALA I 154 -41.01 61.80 73.89
CA ALA I 154 -41.28 60.57 73.16
C ALA I 154 -39.95 60.04 72.54
N LEU I 155 -39.50 58.87 73.02
CA LEU I 155 -38.28 58.23 72.54
C LEU I 155 -38.43 57.82 71.06
N GLN I 156 -37.45 58.21 70.26
CA GLN I 156 -37.43 57.97 68.82
C GLN I 156 -36.52 56.81 68.47
N SER I 157 -36.95 56.01 67.49
CA SER I 157 -36.15 54.91 66.93
C SER I 157 -36.60 54.60 65.52
N GLY I 158 -35.66 54.21 64.68
CA GLY I 158 -35.86 53.90 63.28
C GLY I 158 -35.81 55.10 62.36
N ASN I 159 -35.71 56.33 62.92
CA ASN I 159 -35.69 57.60 62.17
C ASN I 159 -34.33 58.35 62.24
N SER I 160 -33.25 57.65 62.68
CA SER I 160 -31.92 58.24 62.82
C SER I 160 -30.81 57.37 62.28
N GLN I 161 -29.73 57.98 61.79
CA GLN I 161 -28.55 57.26 61.30
C GLN I 161 -27.30 57.80 61.97
N GLU I 162 -26.45 56.91 62.50
CA GLU I 162 -25.19 57.35 63.12
C GLU I 162 -24.02 57.01 62.26
N SER I 163 -22.93 57.77 62.40
CA SER I 163 -21.69 57.60 61.65
C SER I 163 -20.53 57.87 62.61
N VAL I 164 -19.46 57.05 62.55
CA VAL I 164 -18.31 57.22 63.42
C VAL I 164 -17.04 57.47 62.62
N THR I 165 -16.20 58.40 63.07
CA THR I 165 -14.90 58.65 62.42
C THR I 165 -13.91 57.54 62.80
N GLU I 166 -12.81 57.45 62.02
CA GLU I 166 -11.72 56.54 62.33
C GLU I 166 -10.97 57.19 63.51
N GLN I 167 -10.20 56.40 64.25
CA GLN I 167 -9.45 56.90 65.40
C GLN I 167 -8.50 58.05 65.00
N ASP I 168 -8.52 59.15 65.77
CA ASP I 168 -7.70 60.28 65.42
C ASP I 168 -6.21 59.96 65.52
N SER I 169 -5.50 60.26 64.44
CA SER I 169 -4.06 60.02 64.32
C SER I 169 -3.23 60.80 65.36
N LYS I 170 -3.71 62.00 65.79
CA LYS I 170 -3.03 62.83 66.79
C LYS I 170 -3.46 62.55 68.24
N ASP I 171 -4.76 62.67 68.58
CA ASP I 171 -5.26 62.48 69.95
C ASP I 171 -5.82 61.09 70.33
N SER I 172 -5.90 60.14 69.37
CA SER I 172 -6.44 58.78 69.59
C SER I 172 -7.94 58.68 70.01
N THR I 173 -8.74 59.72 69.67
CA THR I 173 -10.17 59.71 69.99
C THR I 173 -11.06 59.40 68.76
N TYR I 174 -12.36 59.25 69.03
CA TYR I 174 -13.42 59.03 68.04
C TYR I 174 -14.42 60.17 68.14
N SER I 175 -15.14 60.38 67.04
CA SER I 175 -16.22 61.35 66.99
C SER I 175 -17.41 60.68 66.32
N LEU I 176 -18.61 61.00 66.76
CA LEU I 176 -19.84 60.39 66.28
C LEU I 176 -20.89 61.45 65.95
N SER I 177 -21.56 61.30 64.82
CA SER I 177 -22.67 62.15 64.43
C SER I 177 -23.91 61.25 64.31
N SER I 178 -25.03 61.73 64.88
CA SER I 178 -26.36 61.10 64.78
C SER I 178 -27.33 62.11 64.14
N THR I 179 -28.03 61.68 63.10
CA THR I 179 -28.96 62.55 62.37
C THR I 179 -30.38 62.01 62.42
N LEU I 180 -31.26 62.75 63.15
CA LEU I 180 -32.69 62.48 63.24
C LEU I 180 -33.36 63.17 62.06
N THR I 181 -34.15 62.43 61.27
CA THR I 181 -34.82 62.98 60.08
C THR I 181 -36.33 62.98 60.18
N LEU I 182 -36.93 64.18 60.04
CA LEU I 182 -38.38 64.42 60.08
C LEU I 182 -38.81 65.23 58.88
N SER I 183 -40.12 65.32 58.64
CA SER I 183 -40.67 66.17 57.58
C SER I 183 -40.94 67.54 58.25
N LYS I 184 -40.95 68.65 57.44
CA LYS I 184 -41.20 70.00 57.93
C LYS I 184 -42.52 70.01 58.72
N ALA I 185 -43.58 69.39 58.12
CA ALA I 185 -44.92 69.21 58.68
C ALA I 185 -44.86 68.67 60.12
N ASP I 186 -44.12 67.57 60.31
CA ASP I 186 -43.91 66.87 61.57
C ASP I 186 -43.04 67.67 62.53
N TYR I 187 -41.95 68.28 62.00
CA TYR I 187 -41.00 69.06 62.81
C TYR I 187 -41.72 70.21 63.51
N GLU I 188 -42.62 70.89 62.77
CA GLU I 188 -43.40 72.02 63.24
C GLU I 188 -44.41 71.70 64.35
N LYS I 189 -44.91 70.45 64.40
CA LYS I 189 -45.86 69.98 65.41
C LYS I 189 -45.24 69.86 66.80
N HIS I 190 -43.89 69.93 66.92
CA HIS I 190 -43.19 69.73 68.21
C HIS I 190 -42.32 70.86 68.72
N LYS I 191 -42.07 70.88 70.03
CA LYS I 191 -41.29 71.93 70.71
C LYS I 191 -39.87 71.52 71.10
N VAL I 192 -39.71 70.52 72.00
CA VAL I 192 -38.42 70.05 72.53
C VAL I 192 -37.76 68.86 71.78
N TYR I 193 -36.54 69.10 71.27
CA TYR I 193 -35.70 68.14 70.56
C TYR I 193 -34.45 67.93 71.40
N ALA I 194 -34.24 66.71 71.86
CA ALA I 194 -33.11 66.37 72.71
C ALA I 194 -32.41 65.08 72.32
N CYS I 195 -31.09 65.01 72.54
CA CYS I 195 -30.32 63.78 72.35
C CYS I 195 -29.61 63.44 73.64
N GLU I 196 -29.90 62.24 74.14
CA GLU I 196 -29.37 61.70 75.40
C GLU I 196 -28.20 60.81 75.05
N VAL I 197 -27.02 61.13 75.60
CA VAL I 197 -25.76 60.45 75.36
C VAL I 197 -25.28 59.64 76.53
N THR I 198 -24.98 58.36 76.27
CA THR I 198 -24.44 57.42 77.25
C THR I 198 -23.02 57.02 76.82
N HIS I 199 -22.06 57.12 77.76
CA HIS I 199 -20.65 56.78 77.54
C HIS I 199 -20.03 56.44 78.88
N GLN I 200 -18.93 55.67 78.85
CA GLN I 200 -18.14 55.24 79.99
C GLN I 200 -17.56 56.41 80.83
N GLY I 201 -17.15 57.49 80.15
CA GLY I 201 -16.57 58.68 80.78
C GLY I 201 -17.56 59.66 81.38
N LEU I 202 -18.87 59.33 81.29
CA LEU I 202 -19.95 60.13 81.85
C LEU I 202 -20.52 59.39 83.03
N SER I 203 -20.53 60.08 84.20
CA SER I 203 -21.06 59.61 85.49
C SER I 203 -22.54 59.20 85.37
N SER I 204 -23.31 59.97 84.58
CA SER I 204 -24.73 59.77 84.27
C SER I 204 -24.98 60.28 82.83
N PRO I 205 -26.05 59.82 82.11
CA PRO I 205 -26.28 60.32 80.74
C PRO I 205 -26.44 61.85 80.62
N VAL I 206 -25.83 62.44 79.57
CA VAL I 206 -25.96 63.88 79.34
C VAL I 206 -26.96 64.18 78.22
N THR I 207 -27.80 65.21 78.44
CA THR I 207 -28.80 65.61 77.45
C THR I 207 -28.52 67.01 76.95
N LYS I 208 -28.62 67.18 75.63
CA LYS I 208 -28.48 68.46 74.97
C LYS I 208 -29.77 68.62 74.18
N SER I 209 -30.49 69.70 74.48
CA SER I 209 -31.78 69.95 73.84
C SER I 209 -31.90 71.38 73.35
N PHE I 210 -32.97 71.63 72.61
CA PHE I 210 -33.36 72.94 72.13
C PHE I 210 -34.87 72.94 71.98
N ASN I 211 -35.49 74.08 72.30
CA ASN I 211 -36.93 74.33 72.16
C ASN I 211 -37.10 75.11 70.89
N ARG I 212 -38.23 74.97 70.20
CA ARG I 212 -38.41 75.78 68.99
C ARG I 212 -38.68 77.31 69.21
N GLY I 213 -38.09 77.85 70.29
CA GLY I 213 -38.08 79.28 70.63
C GLY I 213 -36.67 79.79 70.86
N GLU J 1 -22.01 11.75 -33.48
CA GLU J 1 -20.59 12.03 -33.23
C GLU J 1 -19.89 12.45 -34.52
N THR J 2 -18.92 13.39 -34.44
CA THR J 2 -18.15 13.86 -35.61
C THR J 2 -17.43 12.68 -36.29
N VAL J 3 -17.51 12.63 -37.62
CA VAL J 3 -16.89 11.61 -38.42
C VAL J 3 -15.75 12.22 -39.17
N LEU J 4 -14.58 11.60 -39.05
CA LEU J 4 -13.39 12.05 -39.75
C LEU J 4 -13.08 11.06 -40.88
N THR J 5 -13.01 11.58 -42.11
CA THR J 5 -12.71 10.75 -43.27
C THR J 5 -11.36 11.11 -43.79
N GLN J 6 -10.45 10.14 -43.73
CA GLN J 6 -9.08 10.26 -44.20
C GLN J 6 -8.97 9.71 -45.62
N SER J 7 -8.14 10.36 -46.43
CA SER J 7 -7.90 9.96 -47.81
C SER J 7 -6.48 10.36 -48.23
N PRO J 8 -5.80 9.53 -49.05
CA PRO J 8 -6.25 8.20 -49.54
C PRO J 8 -6.13 7.17 -48.43
N GLY J 9 -6.57 5.95 -48.68
CA GLY J 9 -6.44 4.89 -47.70
C GLY J 9 -5.00 4.42 -47.63
N THR J 10 -4.36 4.38 -48.81
CA THR J 10 -2.99 3.97 -49.00
C THR J 10 -2.31 4.93 -49.95
N LEU J 11 -0.99 5.09 -49.76
CA LEU J 11 -0.16 6.01 -50.50
C LEU J 11 1.28 5.47 -50.50
N SER J 12 1.90 5.33 -51.69
CA SER J 12 3.31 4.94 -51.77
C SER J 12 4.03 5.93 -52.58
N LEU J 13 5.03 6.53 -51.98
CA LEU J 13 5.83 7.55 -52.62
C LEU J 13 7.29 7.22 -52.38
N SER J 14 8.19 7.92 -53.10
CA SER J 14 9.62 7.71 -53.02
C SER J 14 10.25 8.75 -52.11
N PRO J 15 11.40 8.43 -51.45
CA PRO J 15 12.08 9.45 -50.63
C PRO J 15 12.36 10.71 -51.43
N GLY J 16 12.31 11.85 -50.75
CA GLY J 16 12.52 13.16 -51.34
C GLY J 16 11.22 13.80 -51.78
N GLU J 17 10.19 12.97 -52.06
CA GLU J 17 8.90 13.49 -52.48
C GLU J 17 8.08 14.13 -51.32
N ARG J 18 6.92 14.67 -51.62
CA ARG J 18 6.06 15.29 -50.64
C ARG J 18 4.78 14.51 -50.54
N ALA J 19 4.35 14.22 -49.28
CA ALA J 19 3.10 13.51 -49.03
C ALA J 19 2.05 14.48 -48.51
N THR J 20 0.84 14.34 -49.01
CA THR J 20 -0.28 15.15 -48.63
C THR J 20 -1.38 14.22 -48.24
N LEU J 21 -1.66 14.20 -46.93
CA LEU J 21 -2.72 13.37 -46.34
C LEU J 21 -3.87 14.28 -45.96
N SER J 22 -5.09 13.81 -46.19
CA SER J 22 -6.29 14.62 -45.96
C SER J 22 -7.21 14.04 -44.89
N CYS J 23 -7.85 14.94 -44.10
CA CYS J 23 -8.84 14.63 -43.09
C CYS J 23 -10.00 15.54 -43.40
N ARG J 24 -11.18 14.95 -43.59
CA ARG J 24 -12.40 15.68 -43.88
C ARG J 24 -13.39 15.38 -42.76
N ALA J 25 -13.86 16.43 -42.08
CA ALA J 25 -14.79 16.30 -40.94
C ALA J 25 -16.25 16.47 -41.30
N SER J 26 -17.13 15.68 -40.68
CA SER J 26 -18.59 15.76 -40.89
C SER J 26 -19.23 17.09 -40.43
N GLN J 27 -18.51 17.92 -39.64
CA GLN J 27 -18.94 19.22 -39.10
C GLN J 27 -17.73 20.09 -38.77
N SER J 28 -17.90 21.41 -38.70
CA SER J 28 -16.77 22.32 -38.44
C SER J 28 -16.05 22.02 -37.13
N LEU J 29 -14.70 22.05 -37.14
CA LEU J 29 -13.87 21.80 -35.96
C LEU J 29 -13.07 23.03 -35.58
N GLY J 30 -13.37 24.11 -36.25
CA GLY J 30 -12.63 25.33 -35.97
C GLY J 30 -11.26 25.21 -36.56
N SER J 31 -10.23 25.58 -35.82
CA SER J 31 -8.87 25.54 -36.34
C SER J 31 -7.85 25.07 -35.30
N SER J 32 -8.30 24.83 -34.06
CA SER J 32 -7.38 24.41 -33.00
C SER J 32 -7.72 23.07 -32.38
N TYR J 33 -8.64 22.34 -33.02
CA TYR J 33 -9.15 21.10 -32.45
C TYR J 33 -8.92 19.84 -33.29
N LEU J 34 -7.76 19.79 -33.95
CA LEU J 34 -7.36 18.63 -34.74
C LEU J 34 -5.89 18.31 -34.55
N ALA J 35 -5.58 17.02 -34.36
CA ALA J 35 -4.22 16.50 -34.19
C ALA J 35 -3.94 15.38 -35.19
N TRP J 36 -2.65 15.17 -35.47
CA TRP J 36 -2.17 14.12 -36.37
C TRP J 36 -1.21 13.25 -35.62
N TYR J 37 -1.35 11.95 -35.85
CA TYR J 37 -0.49 10.98 -35.22
C TYR J 37 0.20 10.11 -36.25
N GLN J 38 1.38 9.61 -35.90
CA GLN J 38 2.11 8.64 -36.70
C GLN J 38 2.15 7.39 -35.89
N GLN J 39 1.76 6.24 -36.44
CA GLN J 39 1.85 4.97 -35.73
C GLN J 39 2.68 3.93 -36.49
N LYS J 40 3.81 3.57 -35.91
CA LYS J 40 4.70 2.54 -36.45
C LYS J 40 4.31 1.15 -35.88
N PRO J 41 4.62 0.07 -36.63
CA PRO J 41 4.21 -1.28 -36.17
C PRO J 41 4.69 -1.65 -34.77
N GLY J 42 3.76 -2.22 -34.00
CA GLY J 42 3.96 -2.61 -32.61
C GLY J 42 4.19 -1.45 -31.64
N GLN J 43 3.86 -0.21 -32.02
CA GLN J 43 4.07 0.96 -31.16
C GLN J 43 2.76 1.72 -30.95
N ALA J 44 2.76 2.61 -29.93
CA ALA J 44 1.62 3.48 -29.65
C ALA J 44 1.64 4.65 -30.65
N PRO J 45 0.49 5.32 -30.93
CA PRO J 45 0.53 6.53 -31.78
C PRO J 45 1.45 7.63 -31.22
N ARG J 46 2.12 8.37 -32.12
CA ARG J 46 3.06 9.47 -31.84
C ARG J 46 2.43 10.74 -32.31
N LEU J 47 2.24 11.69 -31.40
CA LEU J 47 1.69 13.00 -31.74
C LEU J 47 2.68 13.76 -32.64
N LEU J 48 2.19 14.24 -33.80
CA LEU J 48 3.00 14.99 -34.75
C LEU J 48 2.61 16.46 -34.69
N ILE J 49 1.31 16.72 -34.95
CA ILE J 49 0.72 18.05 -35.03
C ILE J 49 -0.43 18.15 -34.08
N TYR J 50 -0.58 19.30 -33.42
CA TYR J 50 -1.75 19.60 -32.59
C TYR J 50 -2.33 20.93 -33.04
N GLY J 51 -3.62 21.12 -32.80
CA GLY J 51 -4.30 22.36 -33.14
C GLY J 51 -4.12 22.73 -34.60
N ALA J 52 -4.35 21.73 -35.47
CA ALA J 52 -4.28 21.72 -36.93
C ALA J 52 -2.93 22.08 -37.53
N SER J 53 -2.08 22.89 -36.88
CA SER J 53 -0.83 23.35 -37.49
C SER J 53 0.39 23.41 -36.60
N SER J 54 0.24 23.18 -35.29
CA SER J 54 1.38 23.29 -34.39
C SER J 54 2.14 22.00 -34.27
N ARG J 55 3.46 22.04 -34.48
CA ARG J 55 4.29 20.83 -34.34
C ARG J 55 4.46 20.57 -32.87
N ALA J 56 4.31 19.30 -32.50
CA ALA J 56 4.45 18.86 -31.15
C ALA J 56 5.95 18.89 -30.74
N PRO J 57 6.28 18.90 -29.42
CA PRO J 57 7.70 18.95 -29.02
C PRO J 57 8.57 17.89 -29.65
N GLY J 58 9.72 18.33 -30.20
CA GLY J 58 10.74 17.50 -30.83
C GLY J 58 10.45 16.96 -32.21
N ILE J 59 9.30 17.30 -32.79
CA ILE J 59 8.91 16.79 -34.11
C ILE J 59 9.71 17.43 -35.25
N PRO J 60 10.27 16.62 -36.20
CA PRO J 60 11.00 17.20 -37.36
C PRO J 60 10.19 18.23 -38.14
N ASP J 61 10.89 19.27 -38.60
CA ASP J 61 10.34 20.41 -39.36
C ASP J 61 9.61 20.03 -40.66
N ARG J 62 9.91 18.84 -41.24
CA ARG J 62 9.27 18.34 -42.48
C ARG J 62 7.78 17.97 -42.35
N PHE J 63 7.30 17.91 -41.11
CA PHE J 63 5.90 17.63 -40.80
C PHE J 63 5.24 18.97 -40.62
N SER J 64 4.08 19.14 -41.25
CA SER J 64 3.35 20.39 -41.19
C SER J 64 1.90 20.09 -41.42
N GLY J 65 1.06 20.89 -40.79
CA GLY J 65 -0.40 20.77 -40.92
C GLY J 65 -1.07 22.10 -41.23
N SER J 66 -2.24 22.04 -41.81
CA SER J 66 -3.03 23.22 -42.17
C SER J 66 -4.47 22.80 -42.31
N GLY J 67 -5.35 23.77 -42.28
CA GLY J 67 -6.77 23.53 -42.44
C GLY J 67 -7.60 24.24 -41.42
N SER J 68 -8.92 24.27 -41.68
CA SER J 68 -9.95 24.87 -40.84
C SER J 68 -11.30 24.27 -41.22
N GLY J 69 -12.24 24.36 -40.30
CA GLY J 69 -13.59 23.89 -40.49
C GLY J 69 -13.70 22.40 -40.68
N THR J 70 -13.85 21.99 -41.93
CA THR J 70 -14.03 20.56 -42.23
C THR J 70 -12.86 19.94 -43.00
N ASP J 71 -11.94 20.76 -43.57
CA ASP J 71 -10.83 20.24 -44.35
C ASP J 71 -9.46 20.51 -43.76
N PHE J 72 -8.74 19.41 -43.39
CA PHE J 72 -7.40 19.45 -42.80
C PHE J 72 -6.42 18.62 -43.60
N THR J 73 -5.13 19.02 -43.56
CA THR J 73 -4.08 18.41 -44.33
C THR J 73 -2.80 18.24 -43.49
N LEU J 74 -2.16 17.08 -43.61
CA LEU J 74 -0.84 16.81 -43.05
C LEU J 74 0.07 16.69 -44.25
N THR J 75 1.26 17.32 -44.17
CA THR J 75 2.26 17.32 -45.23
C THR J 75 3.60 16.86 -44.71
N ILE J 76 4.21 15.87 -45.39
CA ILE J 76 5.58 15.41 -45.10
C ILE J 76 6.36 15.86 -46.32
N SER J 77 7.12 16.95 -46.18
CA SER J 77 7.80 17.62 -47.30
C SER J 77 8.96 16.92 -48.02
N ARG J 78 9.84 16.20 -47.29
CA ARG J 78 11.00 15.53 -47.91
C ARG J 78 11.06 14.17 -47.30
N LEU J 79 10.22 13.24 -47.83
CA LEU J 79 10.13 11.89 -47.29
C LEU J 79 11.45 11.21 -47.08
N GLU J 80 11.60 10.59 -45.89
CA GLU J 80 12.75 9.78 -45.47
C GLU J 80 12.23 8.36 -45.49
N PRO J 81 13.06 7.30 -45.65
CA PRO J 81 12.49 5.92 -45.61
C PRO J 81 11.85 5.55 -44.27
N GLU J 82 12.32 6.15 -43.17
CA GLU J 82 11.78 5.96 -41.83
C GLU J 82 10.34 6.54 -41.69
N ASP J 83 9.81 7.23 -42.75
CA ASP J 83 8.49 7.85 -42.72
C ASP J 83 7.33 6.91 -42.95
N PHE J 84 7.62 5.62 -43.15
CA PHE J 84 6.60 4.60 -43.36
C PHE J 84 5.83 4.50 -42.04
N ALA J 85 4.49 4.48 -42.09
CA ALA J 85 3.62 4.36 -40.92
C ALA J 85 2.15 4.42 -41.31
N VAL J 86 1.29 4.40 -40.27
CA VAL J 86 -0.13 4.67 -40.40
C VAL J 86 -0.34 6.02 -39.74
N TYR J 87 -0.96 6.95 -40.48
CA TYR J 87 -1.19 8.29 -39.98
C TYR J 87 -2.65 8.45 -39.68
N TYR J 88 -2.98 8.92 -38.45
CA TYR J 88 -4.38 9.13 -38.02
C TYR J 88 -4.63 10.57 -37.68
N CYS J 89 -5.84 11.06 -37.91
CA CYS J 89 -6.25 12.40 -37.52
C CYS J 89 -7.20 12.26 -36.33
N GLN J 90 -7.22 13.24 -35.44
CA GLN J 90 -8.07 13.18 -34.25
C GLN J 90 -8.70 14.52 -34.02
N GLN J 91 -9.99 14.52 -33.68
CA GLN J 91 -10.71 15.76 -33.36
C GLN J 91 -11.03 15.77 -31.88
N TYR J 92 -10.91 16.94 -31.28
CA TYR J 92 -11.21 17.16 -29.89
C TYR J 92 -12.00 18.46 -29.73
N ALA J 93 -12.89 18.71 -30.71
CA ALA J 93 -13.76 19.88 -30.77
C ALA J 93 -15.10 19.64 -30.11
N ASP J 94 -15.54 18.39 -30.17
CA ASP J 94 -16.84 17.96 -29.68
C ASP J 94 -16.74 16.59 -29.02
N SER J 95 -17.44 16.38 -27.90
CA SER J 95 -17.40 15.09 -27.24
C SER J 95 -18.29 14.08 -28.01
N PRO J 96 -17.86 12.84 -28.24
CA PRO J 96 -16.58 12.23 -27.84
C PRO J 96 -15.45 12.51 -28.83
N ILE J 97 -14.19 12.33 -28.39
CA ILE J 97 -13.04 12.43 -29.28
C ILE J 97 -13.21 11.34 -30.34
N THR J 98 -13.00 11.70 -31.61
CA THR J 98 -13.08 10.70 -32.69
C THR J 98 -11.83 10.76 -33.53
N PHE J 99 -11.45 9.62 -34.09
CA PHE J 99 -10.27 9.43 -34.95
C PHE J 99 -10.69 9.08 -36.37
N GLY J 100 -9.76 9.25 -37.30
CA GLY J 100 -9.95 8.86 -38.69
C GLY J 100 -9.57 7.40 -38.82
N GLN J 101 -9.95 6.77 -39.93
CA GLN J 101 -9.72 5.35 -40.20
C GLN J 101 -8.23 4.99 -40.50
N GLY J 102 -7.40 6.01 -40.72
CA GLY J 102 -5.99 5.84 -41.00
C GLY J 102 -5.63 5.95 -42.46
N THR J 103 -4.37 6.31 -42.75
CA THR J 103 -3.79 6.37 -44.09
C THR J 103 -2.47 5.65 -43.99
N ARG J 104 -2.31 4.55 -44.75
CA ARG J 104 -1.06 3.81 -44.75
C ARG J 104 -0.11 4.42 -45.77
N LEU J 105 1.10 4.78 -45.34
CA LEU J 105 2.10 5.38 -46.19
C LEU J 105 3.26 4.46 -46.38
N GLU J 106 3.46 3.97 -47.64
CA GLU J 106 4.54 3.08 -48.02
C GLU J 106 5.63 3.92 -48.68
N ILE J 107 6.90 3.62 -48.40
CA ILE J 107 8.02 4.36 -48.96
C ILE J 107 8.74 3.52 -50.03
N LYS J 108 8.52 3.84 -51.31
CA LYS J 108 9.18 3.20 -52.47
C LYS J 108 10.72 3.12 -52.31
N ARG J 109 11.26 1.98 -52.76
CA ARG J 109 12.69 1.69 -52.86
C ARG J 109 12.85 0.97 -54.20
N THR J 110 14.09 0.77 -54.65
CA THR J 110 14.36 0.04 -55.93
C THR J 110 13.82 -1.40 -55.84
N VAL J 111 13.32 -1.98 -56.95
CA VAL J 111 12.82 -3.37 -56.97
C VAL J 111 13.92 -4.30 -56.43
N ALA J 112 13.55 -5.14 -55.46
CA ALA J 112 14.45 -6.10 -54.81
C ALA J 112 13.79 -7.45 -54.83
N ALA J 113 14.46 -8.43 -55.46
CA ALA J 113 13.92 -9.78 -55.57
C ALA J 113 14.13 -10.50 -54.23
N PRO J 114 13.21 -11.39 -53.85
CA PRO J 114 13.40 -12.08 -52.57
C PRO J 114 14.47 -13.18 -52.63
N SER J 115 15.15 -13.41 -51.49
CA SER J 115 16.06 -14.53 -51.28
C SER J 115 15.10 -15.59 -50.73
N VAL J 116 14.93 -16.70 -51.45
CA VAL J 116 14.01 -17.76 -51.02
C VAL J 116 14.76 -18.87 -50.25
N PHE J 117 14.11 -19.43 -49.22
CA PHE J 117 14.63 -20.48 -48.38
C PHE J 117 13.52 -21.44 -48.03
N ILE J 118 13.81 -22.76 -48.05
CA ILE J 118 12.82 -23.79 -47.67
C ILE J 118 13.35 -24.55 -46.45
N PHE J 119 12.45 -24.81 -45.48
CA PHE J 119 12.79 -25.50 -44.25
C PHE J 119 11.95 -26.77 -44.09
N PRO J 120 12.59 -27.96 -44.01
CA PRO J 120 11.80 -29.18 -43.74
C PRO J 120 11.29 -29.18 -42.31
N PRO J 121 10.23 -29.93 -41.95
CA PRO J 121 9.84 -29.99 -40.54
C PRO J 121 10.89 -30.71 -39.70
N SER J 122 11.00 -30.35 -38.43
CA SER J 122 11.93 -30.99 -37.48
C SER J 122 11.35 -32.35 -37.07
N ASP J 123 12.22 -33.29 -36.67
CA ASP J 123 11.78 -34.60 -36.20
C ASP J 123 11.01 -34.46 -34.90
N GLU J 124 11.31 -33.40 -34.10
CA GLU J 124 10.60 -33.10 -32.84
C GLU J 124 9.10 -32.85 -33.10
N GLN J 125 8.80 -32.15 -34.19
CA GLN J 125 7.43 -31.83 -34.59
C GLN J 125 6.71 -33.06 -35.12
N LEU J 126 7.39 -33.84 -36.02
CA LEU J 126 6.86 -35.06 -36.63
C LEU J 126 6.41 -36.07 -35.58
N LYS J 127 7.08 -36.11 -34.43
CA LYS J 127 6.75 -36.98 -33.30
C LYS J 127 5.31 -36.66 -32.82
N SER J 128 4.92 -35.36 -32.84
CA SER J 128 3.61 -34.83 -32.42
C SER J 128 2.51 -35.15 -33.43
N GLY J 129 2.89 -35.61 -34.61
CA GLY J 129 1.96 -36.01 -35.66
C GLY J 129 1.68 -35.00 -36.74
N THR J 130 2.35 -33.84 -36.67
CA THR J 130 2.16 -32.76 -37.63
C THR J 130 3.48 -32.40 -38.31
N ALA J 131 3.40 -31.99 -39.58
CA ALA J 131 4.55 -31.56 -40.33
C ALA J 131 4.30 -30.16 -40.89
N SER J 132 5.09 -29.18 -40.44
CA SER J 132 4.98 -27.84 -40.98
C SER J 132 6.20 -27.60 -41.86
N VAL J 133 5.98 -27.38 -43.15
CA VAL J 133 7.05 -27.06 -44.08
C VAL J 133 6.98 -25.54 -44.23
N VAL J 134 8.13 -24.86 -44.07
CA VAL J 134 8.19 -23.40 -44.12
C VAL J 134 8.99 -22.89 -45.31
N CYS J 135 8.43 -21.91 -46.04
CA CYS J 135 9.07 -21.24 -47.15
C CYS J 135 9.27 -19.77 -46.75
N LEU J 136 10.48 -19.25 -46.84
CA LEU J 136 10.76 -17.87 -46.50
C LEU J 136 11.19 -17.05 -47.72
N LEU J 137 10.53 -15.90 -47.97
CA LEU J 137 10.86 -14.93 -49.01
C LEU J 137 11.40 -13.75 -48.26
N ASN J 138 12.70 -13.49 -48.40
CA ASN J 138 13.36 -12.48 -47.61
C ASN J 138 13.79 -11.24 -48.36
N ASN J 139 13.55 -10.09 -47.72
CA ASN J 139 13.92 -8.75 -48.16
C ASN J 139 13.61 -8.41 -49.60
N PHE J 140 12.33 -8.40 -49.96
CA PHE J 140 11.84 -8.05 -51.29
C PHE J 140 11.01 -6.75 -51.33
N TYR J 141 10.79 -6.21 -52.53
CA TYR J 141 9.99 -5.01 -52.81
C TYR J 141 9.61 -5.00 -54.31
N PRO J 142 8.34 -4.75 -54.71
CA PRO J 142 7.14 -4.46 -53.90
C PRO J 142 6.60 -5.64 -53.08
N ARG J 143 5.54 -5.39 -52.28
CA ARG J 143 4.89 -6.35 -51.41
C ARG J 143 4.26 -7.54 -52.14
N GLU J 144 3.85 -7.33 -53.41
CA GLU J 144 3.16 -8.37 -54.22
C GLU J 144 4.10 -9.48 -54.63
N ALA J 145 3.78 -10.70 -54.16
CA ALA J 145 4.56 -11.91 -54.40
C ALA J 145 3.63 -13.10 -54.34
N LYS J 146 3.86 -14.09 -55.21
CA LYS J 146 3.05 -15.29 -55.24
C LYS J 146 3.89 -16.49 -54.84
N VAL J 147 3.32 -17.39 -54.02
CA VAL J 147 3.99 -18.60 -53.55
C VAL J 147 3.09 -19.82 -53.83
N GLN J 148 3.61 -20.78 -54.59
CA GLN J 148 2.89 -22.01 -54.89
C GLN J 148 3.62 -23.18 -54.27
N TRP J 149 2.89 -24.02 -53.54
CA TRP J 149 3.47 -25.21 -52.95
C TRP J 149 3.22 -26.41 -53.85
N LYS J 150 4.29 -27.15 -54.18
CA LYS J 150 4.23 -28.35 -55.00
C LYS J 150 4.80 -29.55 -54.24
N VAL J 151 4.01 -30.61 -54.10
CA VAL J 151 4.44 -31.84 -53.43
C VAL J 151 4.46 -32.92 -54.52
N ASP J 152 5.70 -33.28 -54.98
CA ASP J 152 5.94 -34.25 -56.06
C ASP J 152 5.28 -33.75 -57.37
N ASN J 153 5.39 -32.43 -57.61
CA ASN J 153 4.81 -31.69 -58.72
C ASN J 153 3.32 -31.43 -58.63
N ALA J 154 2.62 -32.05 -57.65
CA ALA J 154 1.19 -31.81 -57.44
C ALA J 154 1.00 -30.46 -56.71
N LEU J 155 0.38 -29.49 -57.39
CA LEU J 155 0.10 -28.16 -56.84
C LEU J 155 -0.85 -28.24 -55.64
N GLN J 156 -0.45 -27.59 -54.54
CA GLN J 156 -1.19 -27.59 -53.27
C GLN J 156 -2.00 -26.34 -53.09
N SER J 157 -3.20 -26.51 -52.52
CA SER J 157 -4.12 -25.42 -52.19
C SER J 157 -5.00 -25.79 -51.00
N GLY J 158 -5.25 -24.79 -50.15
CA GLY J 158 -6.08 -24.90 -48.96
C GLY J 158 -5.39 -25.48 -47.75
N ASN J 159 -4.08 -25.75 -47.87
CA ASN J 159 -3.27 -26.34 -46.80
C ASN J 159 -2.09 -25.43 -46.35
N SER J 160 -2.09 -24.15 -46.77
CA SER J 160 -1.00 -23.25 -46.39
C SER J 160 -1.45 -21.85 -45.90
N GLN J 161 -0.71 -21.21 -44.97
CA GLN J 161 -0.99 -19.86 -44.49
C GLN J 161 0.22 -18.96 -44.68
N GLU J 162 0.04 -17.75 -45.23
CA GLU J 162 1.17 -16.83 -45.36
C GLU J 162 1.05 -15.72 -44.33
N SER J 163 2.20 -15.09 -44.00
CA SER J 163 2.31 -13.97 -43.08
C SER J 163 3.33 -12.98 -43.65
N VAL J 164 3.00 -11.68 -43.65
CA VAL J 164 3.90 -10.68 -44.21
C VAL J 164 4.32 -9.71 -43.13
N THR J 165 5.60 -9.32 -43.12
CA THR J 165 6.08 -8.33 -42.17
C THR J 165 5.69 -6.94 -42.67
N GLU J 166 5.74 -5.97 -41.77
CA GLU J 166 5.50 -4.59 -42.16
C GLU J 166 6.78 -4.11 -42.81
N GLN J 167 6.70 -3.04 -43.60
CA GLN J 167 7.86 -2.51 -44.33
C GLN J 167 8.99 -2.17 -43.34
N ASP J 168 10.19 -2.64 -43.57
CA ASP J 168 11.35 -2.45 -42.68
C ASP J 168 11.89 -0.99 -42.75
N SER J 169 11.60 -0.14 -41.72
CA SER J 169 11.97 1.29 -41.61
C SER J 169 13.40 1.66 -42.05
N LYS J 170 14.33 0.66 -41.98
CA LYS J 170 15.72 0.80 -42.38
C LYS J 170 16.00 0.56 -43.89
N ASP J 171 15.72 -0.65 -44.43
CA ASP J 171 15.94 -1.00 -45.84
C ASP J 171 14.70 -0.87 -46.78
N SER J 172 13.51 -0.59 -46.22
CA SER J 172 12.23 -0.48 -46.92
C SER J 172 11.74 -1.73 -47.66
N THR J 173 12.08 -2.92 -47.15
CA THR J 173 11.62 -4.17 -47.78
C THR J 173 10.57 -4.89 -46.95
N TYR J 174 10.02 -5.96 -47.51
CA TYR J 174 9.05 -6.86 -46.91
C TYR J 174 9.65 -8.26 -46.86
N SER J 175 9.14 -9.09 -45.94
CA SER J 175 9.50 -10.48 -45.83
C SER J 175 8.23 -11.26 -45.68
N LEU J 176 8.20 -12.47 -46.22
CA LEU J 176 7.02 -13.32 -46.22
C LEU J 176 7.37 -14.75 -45.84
N SER J 177 6.55 -15.33 -44.98
CA SER J 177 6.67 -16.72 -44.60
C SER J 177 5.39 -17.41 -45.02
N SER J 178 5.53 -18.58 -45.69
CA SER J 178 4.43 -19.46 -46.08
C SER J 178 4.62 -20.82 -45.39
N THR J 179 3.59 -21.30 -44.71
CA THR J 179 3.66 -22.54 -43.95
C THR J 179 2.65 -23.57 -44.46
N LEU J 180 3.17 -24.64 -45.12
CA LEU J 180 2.39 -25.78 -45.61
C LEU J 180 2.23 -26.74 -44.44
N THR J 181 1.00 -27.13 -44.12
CA THR J 181 0.75 -28.01 -42.97
C THR J 181 0.11 -29.32 -43.38
N LEU J 182 0.78 -30.42 -43.05
CA LEU J 182 0.34 -31.78 -43.33
C LEU J 182 0.39 -32.58 -42.06
N SER J 183 -0.20 -33.79 -42.10
CA SER J 183 -0.10 -34.72 -40.98
C SER J 183 1.18 -35.56 -41.25
N LYS J 184 1.80 -36.12 -40.19
CA LYS J 184 2.99 -36.97 -40.27
C LYS J 184 2.74 -38.07 -41.29
N ALA J 185 1.57 -38.75 -41.16
CA ALA J 185 1.06 -39.81 -42.04
C ALA J 185 1.16 -39.43 -43.53
N ASP J 186 0.65 -38.25 -43.86
CA ASP J 186 0.61 -37.67 -45.19
C ASP J 186 1.99 -37.20 -45.66
N TYR J 187 2.76 -36.57 -44.75
CA TYR J 187 4.10 -36.05 -45.05
C TYR J 187 5.02 -37.19 -45.52
N GLU J 188 4.93 -38.34 -44.81
CA GLU J 188 5.71 -39.55 -45.09
C GLU J 188 5.43 -40.23 -46.44
N LYS J 189 4.19 -40.06 -46.97
CA LYS J 189 3.76 -40.58 -48.28
C LYS J 189 4.46 -39.89 -49.47
N HIS J 190 5.16 -38.75 -49.24
CA HIS J 190 5.79 -37.98 -50.34
C HIS J 190 7.28 -37.74 -50.26
N LYS J 191 7.90 -37.44 -51.40
CA LYS J 191 9.35 -37.28 -51.54
C LYS J 191 9.86 -35.84 -51.66
N VAL J 192 9.59 -35.17 -52.78
CA VAL J 192 10.04 -33.79 -53.00
C VAL J 192 8.97 -32.74 -52.62
N TYR J 193 9.39 -31.74 -51.81
CA TYR J 193 8.62 -30.60 -51.33
C TYR J 193 9.27 -29.36 -51.89
N ALA J 194 8.50 -28.56 -52.63
CA ALA J 194 9.02 -27.36 -53.27
C ALA J 194 8.08 -26.17 -53.15
N CYS J 195 8.64 -24.95 -53.10
CA CYS J 195 7.84 -23.73 -53.14
C CYS J 195 8.34 -22.87 -54.28
N GLU J 196 7.41 -22.55 -55.19
CA GLU J 196 7.65 -21.76 -56.39
C GLU J 196 7.24 -20.33 -56.08
N VAL J 197 8.21 -19.41 -56.25
CA VAL J 197 8.02 -18.00 -55.95
C VAL J 197 8.00 -17.14 -57.21
N THR J 198 6.96 -16.30 -57.30
CA THR J 198 6.79 -15.34 -58.38
C THR J 198 6.87 -13.92 -57.81
N HIS J 199 7.68 -13.05 -58.44
CA HIS J 199 7.84 -11.67 -58.01
C HIS J 199 8.47 -10.79 -59.09
N GLN J 200 7.89 -9.60 -59.39
CA GLN J 200 8.41 -8.57 -60.31
C GLN J 200 9.95 -8.53 -60.45
N GLY J 201 10.69 -8.75 -59.36
CA GLY J 201 12.14 -8.72 -59.34
C GLY J 201 12.83 -9.97 -59.84
N LEU J 202 12.03 -10.98 -60.18
CA LEU J 202 12.52 -12.24 -60.71
C LEU J 202 12.13 -12.34 -62.19
N SER J 203 13.15 -12.55 -63.06
CA SER J 203 13.03 -12.72 -64.51
C SER J 203 12.05 -13.86 -64.86
N SER J 204 12.11 -14.96 -64.07
CA SER J 204 11.26 -16.16 -64.17
C SER J 204 11.07 -16.74 -62.75
N PRO J 205 9.99 -17.53 -62.47
CA PRO J 205 9.80 -18.07 -61.10
C PRO J 205 10.95 -18.90 -60.55
N VAL J 206 11.29 -18.72 -59.25
CA VAL J 206 12.35 -19.49 -58.59
C VAL J 206 11.78 -20.57 -57.69
N THR J 207 12.36 -21.77 -57.75
CA THR J 207 11.90 -22.90 -56.95
C THR J 207 12.99 -23.34 -56.00
N LYS J 208 12.59 -23.59 -54.74
CA LYS J 208 13.49 -24.11 -53.72
C LYS J 208 12.81 -25.36 -53.23
N SER J 209 13.51 -26.48 -53.31
CA SER J 209 12.96 -27.77 -52.91
C SER J 209 13.91 -28.54 -52.06
N PHE J 210 13.37 -29.55 -51.38
CA PHE J 210 14.13 -30.50 -50.60
C PHE J 210 13.52 -31.87 -50.81
N ASN J 211 14.37 -32.86 -50.93
CA ASN J 211 13.95 -34.25 -51.13
C ASN J 211 14.21 -34.99 -49.83
N ARG J 212 13.23 -35.77 -49.30
CA ARG J 212 13.47 -36.53 -48.05
C ARG J 212 14.58 -37.64 -48.14
N GLY J 213 15.29 -37.69 -49.27
CA GLY J 213 16.43 -38.56 -49.54
C GLY J 213 17.70 -37.74 -49.66
N GLU K 1 -40.70 -7.84 -9.82
CA GLU K 1 -40.10 -8.21 -8.54
C GLU K 1 -41.12 -8.64 -7.49
N THR K 2 -40.77 -9.66 -6.66
CA THR K 2 -41.66 -10.11 -5.57
C THR K 2 -41.86 -8.98 -4.55
N VAL K 3 -43.11 -8.80 -4.07
CA VAL K 3 -43.48 -7.78 -3.09
C VAL K 3 -43.86 -8.46 -1.77
N LEU K 4 -43.33 -7.95 -0.65
CA LEU K 4 -43.66 -8.47 0.68
C LEU K 4 -44.43 -7.41 1.47
N THR K 5 -45.62 -7.77 1.97
CA THR K 5 -46.51 -6.86 2.72
C THR K 5 -46.51 -7.20 4.19
N GLN K 6 -45.86 -6.38 4.96
CA GLN K 6 -45.84 -6.58 6.40
C GLN K 6 -47.06 -5.89 7.03
N SER K 7 -47.58 -6.49 8.11
CA SER K 7 -48.71 -5.97 8.84
C SER K 7 -48.68 -6.50 10.29
N PRO K 8 -49.11 -5.68 11.29
CA PRO K 8 -49.55 -4.30 11.18
C PRO K 8 -48.30 -3.38 10.98
N GLY K 9 -48.52 -2.09 10.77
CA GLY K 9 -47.41 -1.17 10.68
C GLY K 9 -46.79 -0.98 12.03
N THR K 10 -47.63 -0.90 13.04
CA THR K 10 -47.24 -0.69 14.41
C THR K 10 -48.06 -1.60 15.26
N LEU K 11 -47.41 -2.25 16.22
CA LEU K 11 -47.99 -3.20 17.13
C LEU K 11 -47.56 -2.75 18.53
N SER K 12 -48.54 -2.38 19.39
CA SER K 12 -48.26 -1.92 20.74
C SER K 12 -48.70 -2.98 21.79
N LEU K 13 -47.75 -3.52 22.53
CA LEU K 13 -47.99 -4.58 23.50
C LEU K 13 -47.18 -4.37 24.78
N SER K 14 -47.54 -5.04 25.84
CA SER K 14 -46.91 -4.90 27.15
C SER K 14 -45.95 -6.06 27.37
N PRO K 15 -44.90 -5.89 28.20
CA PRO K 15 -44.01 -7.03 28.50
C PRO K 15 -44.82 -8.25 28.99
N GLY K 16 -44.36 -9.44 28.62
CA GLY K 16 -45.01 -10.71 28.91
C GLY K 16 -45.92 -11.15 27.80
N GLU K 17 -46.43 -10.23 26.97
CA GLU K 17 -47.33 -10.59 25.88
C GLU K 17 -46.57 -11.26 24.72
N ARG K 18 -47.33 -11.75 23.74
CA ARG K 18 -46.86 -12.43 22.55
C ARG K 18 -47.16 -11.53 21.37
N ALA K 19 -46.17 -11.36 20.51
CA ALA K 19 -46.31 -10.56 19.30
C ALA K 19 -46.41 -11.46 18.10
N THR K 20 -47.32 -11.14 17.20
CA THR K 20 -47.50 -11.86 15.97
C THR K 20 -47.41 -10.88 14.83
N LEU K 21 -46.31 -10.96 14.08
CA LEU K 21 -46.03 -10.11 12.93
C LEU K 21 -46.24 -10.94 11.67
N SER K 22 -46.82 -10.33 10.64
CA SER K 22 -47.16 -11.00 9.40
C SER K 22 -46.41 -10.46 8.19
N CYS K 23 -46.08 -11.35 7.24
CA CYS K 23 -45.44 -11.05 5.97
C CYS K 23 -46.27 -11.82 4.95
N ARG K 24 -46.81 -11.12 3.96
CA ARG K 24 -47.59 -11.72 2.90
C ARG K 24 -46.84 -11.44 1.58
N ALA K 25 -46.54 -12.48 0.81
CA ALA K 25 -45.78 -12.37 -0.44
C ALA K 25 -46.67 -12.34 -1.70
N SER K 26 -46.28 -11.53 -2.70
CA SER K 26 -46.99 -11.40 -3.97
C SER K 26 -47.01 -12.70 -4.83
N GLN K 27 -46.14 -13.69 -4.50
CA GLN K 27 -45.98 -14.99 -5.18
C GLN K 27 -45.33 -15.99 -4.22
N SER K 28 -45.50 -17.31 -4.47
CA SER K 28 -44.94 -18.33 -3.59
C SER K 28 -43.42 -18.21 -3.38
N LEU K 29 -42.95 -18.38 -2.13
CA LEU K 29 -41.52 -18.31 -1.79
C LEU K 29 -41.03 -19.67 -1.30
N GLY K 30 -41.89 -20.67 -1.39
CA GLY K 30 -41.52 -21.97 -0.89
C GLY K 30 -41.55 -21.94 0.62
N SER K 31 -40.51 -22.46 1.27
CA SER K 31 -40.50 -22.49 2.72
C SER K 31 -39.11 -22.20 3.26
N SER K 32 -38.10 -22.05 2.39
CA SER K 32 -36.73 -21.83 2.84
C SER K 32 -36.13 -20.51 2.35
N TYR K 33 -36.97 -19.63 1.81
CA TYR K 33 -36.46 -18.41 1.20
C TYR K 33 -36.96 -17.11 1.82
N LEU K 34 -37.09 -17.11 3.15
CA LEU K 34 -37.55 -15.97 3.89
C LEU K 34 -36.79 -15.82 5.20
N ALA K 35 -36.40 -14.59 5.52
CA ALA K 35 -35.70 -14.25 6.73
C ALA K 35 -36.38 -13.09 7.47
N TRP K 36 -36.15 -13.00 8.80
CA TRP K 36 -36.68 -11.94 9.64
C TRP K 36 -35.53 -11.24 10.30
N TYR K 37 -35.63 -9.91 10.35
CA TYR K 37 -34.60 -9.09 10.97
C TYR K 37 -35.17 -8.21 12.03
N GLN K 38 -34.33 -7.88 13.01
CA GLN K 38 -34.66 -6.93 14.06
C GLN K 38 -33.71 -5.73 13.93
N GLN K 39 -34.25 -4.54 13.86
CA GLN K 39 -33.38 -3.38 13.79
C GLN K 39 -33.73 -2.39 14.84
N LYS K 40 -32.77 -2.16 15.71
CA LYS K 40 -32.86 -1.21 16.82
C LYS K 40 -32.31 0.15 16.36
N PRO K 41 -32.83 1.27 16.95
CA PRO K 41 -32.37 2.62 16.54
C PRO K 41 -30.86 2.80 16.49
N GLY K 42 -30.41 3.36 15.36
CA GLY K 42 -29.00 3.61 15.09
C GLY K 42 -28.12 2.39 14.92
N GLN K 43 -28.71 1.21 14.68
CA GLN K 43 -27.94 -0.02 14.51
C GLN K 43 -28.27 -0.70 13.19
N ALA K 44 -27.41 -1.66 12.80
CA ALA K 44 -27.60 -2.44 11.58
C ALA K 44 -28.69 -3.52 11.84
N PRO K 45 -29.40 -4.03 10.79
CA PRO K 45 -30.36 -5.13 11.03
C PRO K 45 -29.71 -6.38 11.59
N ARG K 46 -30.43 -7.10 12.46
CA ARG K 46 -29.97 -8.33 13.13
C ARG K 46 -30.81 -9.46 12.62
N LEU K 47 -30.16 -10.48 12.02
CA LEU K 47 -30.84 -11.67 11.52
C LEU K 47 -31.38 -12.45 12.71
N LEU K 48 -32.68 -12.77 12.69
CA LEU K 48 -33.36 -13.54 13.73
C LEU K 48 -33.65 -14.94 13.24
N ILE K 49 -34.40 -15.04 12.14
CA ILE K 49 -34.86 -16.27 11.55
C ILE K 49 -34.44 -16.32 10.09
N TYR K 50 -34.01 -17.52 9.60
CA TYR K 50 -33.72 -17.76 8.19
C TYR K 50 -34.50 -18.97 7.73
N GLY K 51 -34.82 -18.99 6.45
CA GLY K 51 -35.55 -20.10 5.87
C GLY K 51 -36.88 -20.36 6.56
N ALA K 52 -37.64 -19.26 6.76
CA ALA K 52 -38.95 -19.12 7.39
C ALA K 52 -39.07 -19.56 8.84
N SER K 53 -38.27 -20.52 9.31
CA SER K 53 -38.44 -21.05 10.68
C SER K 53 -37.18 -21.35 11.45
N SER K 54 -35.99 -21.27 10.83
CA SER K 54 -34.75 -21.59 11.50
C SER K 54 -34.19 -20.41 12.25
N ARG K 55 -33.95 -20.55 13.57
CA ARG K 55 -33.31 -19.48 14.36
C ARG K 55 -31.86 -19.39 13.98
N ALA K 56 -31.40 -18.18 13.77
CA ALA K 56 -30.01 -17.90 13.41
C ALA K 56 -29.11 -18.15 14.65
N PRO K 57 -27.78 -18.35 14.46
CA PRO K 57 -26.89 -18.57 15.63
C PRO K 57 -27.02 -17.56 16.75
N GLY K 58 -27.17 -18.05 17.98
CA GLY K 58 -27.25 -17.27 19.21
C GLY K 58 -28.58 -16.62 19.52
N ILE K 59 -29.59 -16.73 18.62
CA ILE K 59 -30.88 -16.07 18.80
C ILE K 59 -31.73 -16.70 19.91
N PRO K 60 -32.29 -15.86 20.83
CA PRO K 60 -33.17 -16.40 21.88
C PRO K 60 -34.34 -17.24 21.36
N ASP K 61 -34.66 -18.30 22.09
CA ASP K 61 -35.74 -19.25 21.82
C ASP K 61 -37.15 -18.63 21.67
N ARG K 62 -37.36 -17.41 22.25
CA ARG K 62 -38.66 -16.68 22.19
C ARG K 62 -39.06 -16.24 20.79
N PHE K 63 -38.06 -16.15 19.91
CA PHE K 63 -38.26 -15.79 18.53
C PHE K 63 -38.55 -17.04 17.75
N SER K 64 -39.62 -17.00 16.96
CA SER K 64 -40.01 -18.16 16.18
C SER K 64 -40.70 -17.74 14.92
N GLY K 65 -40.49 -18.49 13.86
CA GLY K 65 -41.12 -18.23 12.59
C GLY K 65 -41.81 -19.44 11.99
N SER K 66 -42.77 -19.19 11.13
CA SER K 66 -43.53 -20.22 10.47
C SER K 66 -44.12 -19.65 9.20
N GLY K 67 -44.58 -20.53 8.34
CA GLY K 67 -45.19 -20.15 7.08
C GLY K 67 -44.62 -20.87 5.90
N SER K 68 -45.34 -20.75 4.79
CA SER K 68 -44.97 -21.33 3.49
C SER K 68 -45.77 -20.59 2.40
N GLY K 69 -45.27 -20.68 1.17
CA GLY K 69 -45.89 -20.05 0.01
C GLY K 69 -45.91 -18.55 0.07
N THR K 70 -47.07 -18.00 0.42
CA THR K 70 -47.24 -16.55 0.46
C THR K 70 -47.45 -15.97 1.86
N ASP K 71 -47.73 -16.82 2.87
CA ASP K 71 -48.01 -16.34 4.23
C ASP K 71 -47.00 -16.78 5.26
N PHE K 72 -46.27 -15.78 5.86
CA PHE K 72 -45.24 -16.00 6.88
C PHE K 72 -45.50 -15.21 8.14
N THR K 73 -45.07 -15.73 9.27
CA THR K 73 -45.30 -15.17 10.59
C THR K 73 -44.06 -15.21 11.46
N LEU K 74 -43.77 -14.11 12.17
CA LEU K 74 -42.76 -14.03 13.21
C LEU K 74 -43.53 -13.90 14.52
N THR K 75 -43.10 -14.63 15.55
CA THR K 75 -43.70 -14.63 16.87
C THR K 75 -42.63 -14.35 17.93
N ILE K 76 -42.90 -13.34 18.80
CA ILE K 76 -42.05 -13.03 19.94
C ILE K 76 -42.91 -13.41 21.14
N SER K 77 -42.61 -14.55 21.76
CA SER K 77 -43.41 -15.18 22.81
C SER K 77 -43.54 -14.49 24.16
N ARG K 78 -42.44 -13.94 24.71
CA ARG K 78 -42.49 -13.29 26.03
C ARG K 78 -41.75 -11.96 25.92
N LEU K 79 -42.48 -10.92 25.52
CA LEU K 79 -41.93 -9.60 25.32
C LEU K 79 -41.14 -9.05 26.47
N GLU K 80 -39.97 -8.52 26.13
CA GLU K 80 -39.09 -7.85 27.03
C GLU K 80 -39.16 -6.38 26.59
N PRO K 81 -38.87 -5.38 27.46
CA PRO K 81 -38.90 -3.98 26.99
C PRO K 81 -37.83 -3.69 25.92
N GLU K 82 -36.70 -4.44 25.91
CA GLU K 82 -35.63 -4.31 24.94
C GLU K 82 -36.05 -4.74 23.51
N ASP K 83 -37.13 -5.53 23.40
CA ASP K 83 -37.65 -6.09 22.15
C ASP K 83 -38.25 -5.05 21.23
N PHE K 84 -38.30 -3.80 21.72
CA PHE K 84 -38.68 -2.65 20.97
C PHE K 84 -37.70 -2.48 19.79
N ALA K 85 -38.23 -2.55 18.59
CA ALA K 85 -37.48 -2.33 17.37
C ALA K 85 -38.42 -2.34 16.19
N VAL K 86 -37.83 -2.23 15.00
CA VAL K 86 -38.50 -2.40 13.73
C VAL K 86 -38.09 -3.81 13.27
N TYR K 87 -39.04 -4.54 12.73
CA TYR K 87 -38.86 -5.91 12.25
C TYR K 87 -39.17 -5.95 10.77
N TYR K 88 -38.24 -6.51 9.98
CA TYR K 88 -38.39 -6.62 8.52
C TYR K 88 -38.35 -8.06 8.07
N CYS K 89 -39.09 -8.38 7.00
CA CYS K 89 -39.02 -9.71 6.41
C CYS K 89 -38.24 -9.56 5.09
N GLN K 90 -37.53 -10.61 4.67
CA GLN K 90 -36.73 -10.54 3.46
C GLN K 90 -36.93 -11.82 2.68
N GLN K 91 -37.10 -11.70 1.35
CA GLN K 91 -37.21 -12.85 0.47
C GLN K 91 -35.98 -12.96 -0.39
N TYR K 92 -35.53 -14.19 -0.57
CA TYR K 92 -34.37 -14.50 -1.41
C TYR K 92 -34.67 -15.70 -2.31
N ALA K 93 -35.93 -15.78 -2.77
CA ALA K 93 -36.45 -16.86 -3.62
C ALA K 93 -36.29 -16.51 -5.08
N ASP K 94 -36.29 -15.21 -5.39
CA ASP K 94 -36.24 -14.70 -6.74
C ASP K 94 -35.44 -13.42 -6.78
N SER K 95 -34.63 -13.23 -7.83
CA SER K 95 -33.87 -11.99 -7.96
C SER K 95 -34.79 -10.84 -8.44
N PRO K 96 -34.70 -9.63 -7.86
CA PRO K 96 -33.80 -9.18 -6.78
C PRO K 96 -34.35 -9.50 -5.38
N ILE K 97 -33.46 -9.51 -4.36
CA ILE K 97 -33.84 -9.66 -2.96
C ILE K 97 -34.75 -8.45 -2.64
N THR K 98 -35.90 -8.71 -2.01
CA THR K 98 -36.77 -7.63 -1.60
C THR K 98 -37.07 -7.77 -0.13
N PHE K 99 -37.31 -6.60 0.52
CA PHE K 99 -37.66 -6.47 1.94
C PHE K 99 -39.07 -5.98 2.10
N GLY K 100 -39.64 -6.21 3.27
CA GLY K 100 -40.94 -5.69 3.65
C GLY K 100 -40.74 -4.26 4.14
N GLN K 101 -41.84 -3.54 4.29
CA GLN K 101 -41.83 -2.13 4.71
C GLN K 101 -41.54 -1.92 6.16
N GLY K 102 -41.60 -2.97 6.95
CA GLY K 102 -41.29 -2.93 8.37
C GLY K 102 -42.50 -2.89 9.26
N THR K 103 -42.32 -3.33 10.52
CA THR K 103 -43.35 -3.34 11.57
C THR K 103 -42.68 -2.82 12.81
N ARG K 104 -43.20 -1.74 13.40
CA ARG K 104 -42.64 -1.20 14.65
C ARG K 104 -43.31 -1.92 15.83
N LEU K 105 -42.47 -2.35 16.76
CA LEU K 105 -42.94 -2.97 17.97
C LEU K 105 -42.67 -2.03 19.14
N GLU K 106 -43.73 -1.30 19.57
CA GLU K 106 -43.69 -0.42 20.72
C GLU K 106 -44.14 -1.24 21.91
N ILE K 107 -43.40 -1.12 23.02
CA ILE K 107 -43.66 -1.80 24.27
C ILE K 107 -44.47 -0.84 25.12
N LYS K 108 -45.72 -1.22 25.49
CA LYS K 108 -46.65 -0.44 26.35
C LYS K 108 -46.09 -0.43 27.78
N ARG K 109 -46.40 0.64 28.53
CA ARG K 109 -46.00 0.81 29.93
C ARG K 109 -47.00 1.74 30.59
N THR K 110 -46.95 1.87 31.95
CA THR K 110 -47.87 2.77 32.68
C THR K 110 -47.64 4.24 32.34
N VAL K 111 -48.71 5.03 32.26
CA VAL K 111 -48.64 6.44 31.97
C VAL K 111 -47.62 7.12 32.89
N ALA K 112 -46.71 7.88 32.27
CA ALA K 112 -45.65 8.64 32.93
C ALA K 112 -45.72 10.08 32.42
N ALA K 113 -45.93 11.05 33.33
CA ALA K 113 -46.04 12.47 32.98
C ALA K 113 -44.64 13.02 32.69
N PRO K 114 -44.52 13.97 31.72
CA PRO K 114 -43.18 14.52 31.45
C PRO K 114 -42.72 15.51 32.51
N SER K 115 -41.41 15.59 32.72
CA SER K 115 -40.80 16.64 33.53
C SER K 115 -40.52 17.74 32.46
N VAL K 116 -41.12 18.93 32.61
CA VAL K 116 -40.96 20.02 31.62
C VAL K 116 -39.90 21.01 32.07
N PHE K 117 -39.10 21.52 31.10
CA PHE K 117 -38.01 22.48 31.35
C PHE K 117 -37.98 23.48 30.22
N ILE K 118 -37.76 24.75 30.52
CA ILE K 118 -37.61 25.80 29.51
C ILE K 118 -36.20 26.41 29.59
N PHE K 119 -35.56 26.61 28.43
CA PHE K 119 -34.21 27.17 28.34
C PHE K 119 -34.21 28.46 27.53
N PRO K 120 -33.79 29.60 28.14
CA PRO K 120 -33.69 30.85 27.35
C PRO K 120 -32.54 30.78 26.37
N PRO K 121 -32.51 31.58 25.28
CA PRO K 121 -31.33 31.54 24.41
C PRO K 121 -30.10 32.11 25.14
N SER K 122 -28.93 31.63 24.79
CA SER K 122 -27.69 32.13 25.36
C SER K 122 -27.37 33.50 24.72
N ASP K 123 -26.59 34.33 25.44
CA ASP K 123 -26.17 35.64 24.90
C ASP K 123 -25.23 35.44 23.71
N GLU K 124 -24.50 34.31 23.69
CA GLU K 124 -23.59 33.95 22.58
C GLU K 124 -24.36 33.82 21.26
N GLN K 125 -25.58 33.25 21.33
CA GLN K 125 -26.45 33.05 20.18
C GLN K 125 -27.08 34.35 19.72
N LEU K 126 -27.58 35.16 20.70
CA LEU K 126 -28.20 36.46 20.44
C LEU K 126 -27.27 37.42 19.69
N LYS K 127 -25.95 37.32 19.92
CA LYS K 127 -24.91 38.07 19.22
C LYS K 127 -24.98 37.78 17.71
N SER K 128 -25.29 36.52 17.33
CA SER K 128 -25.42 36.05 15.93
C SER K 128 -26.69 36.56 15.26
N GLY K 129 -27.62 37.11 16.03
CA GLY K 129 -28.87 37.68 15.53
C GLY K 129 -30.08 36.77 15.61
N THR K 130 -29.92 35.57 16.18
CA THR K 130 -30.99 34.58 16.32
C THR K 130 -31.21 34.20 17.76
N ALA K 131 -32.45 33.89 18.11
CA ALA K 131 -32.80 33.46 19.45
C ALA K 131 -33.55 32.14 19.36
N SER K 132 -32.97 31.08 19.92
CA SER K 132 -33.64 29.78 19.98
C SER K 132 -34.05 29.51 21.40
N VAL K 133 -35.37 29.45 21.64
CA VAL K 133 -35.91 29.13 22.96
C VAL K 133 -36.24 27.65 22.90
N VAL K 134 -35.76 26.87 23.88
CA VAL K 134 -35.96 25.40 23.91
C VAL K 134 -36.82 24.95 25.06
N CYS K 135 -37.81 24.10 24.76
CA CYS K 135 -38.72 23.49 25.74
C CYS K 135 -38.43 21.97 25.73
N LEU K 136 -38.12 21.38 26.89
CA LEU K 136 -37.85 19.94 26.99
C LEU K 136 -38.93 19.22 27.80
N LEU K 137 -39.53 18.14 27.23
CA LEU K 137 -40.49 17.23 27.86
C LEU K 137 -39.72 15.94 28.06
N ASN K 138 -39.43 15.59 29.31
CA ASN K 138 -38.57 14.46 29.63
C ASN K 138 -39.24 13.25 30.25
N ASN K 139 -38.87 12.06 29.74
CA ASN K 139 -39.30 10.73 30.15
C ASN K 139 -40.80 10.53 30.38
N PHE K 140 -41.59 10.68 29.31
CA PHE K 140 -43.05 10.51 29.34
C PHE K 140 -43.54 9.29 28.51
N TYR K 141 -44.80 8.89 28.72
CA TYR K 141 -45.47 7.81 28.00
C TYR K 141 -46.99 8.02 28.18
N PRO K 142 -47.81 7.95 27.11
CA PRO K 142 -47.52 7.66 25.68
C PRO K 142 -46.79 8.78 24.95
N ARG K 143 -46.43 8.54 23.67
CA ARG K 143 -45.72 9.46 22.79
C ARG K 143 -46.49 10.76 22.52
N GLU K 144 -47.83 10.72 22.55
CA GLU K 144 -48.70 11.88 22.23
C GLU K 144 -48.59 12.95 23.30
N ALA K 145 -48.14 14.13 22.87
CA ALA K 145 -47.95 15.31 23.71
C ALA K 145 -48.13 16.53 22.86
N LYS K 146 -48.74 17.57 23.45
CA LYS K 146 -48.93 18.82 22.76
C LYS K 146 -48.11 19.91 23.47
N VAL K 147 -47.50 20.80 22.70
CA VAL K 147 -46.67 21.90 23.19
C VAL K 147 -47.10 23.17 22.46
N GLN K 148 -47.52 24.18 23.21
CA GLN K 148 -47.93 25.46 22.66
C GLN K 148 -46.99 26.51 23.18
N TRP K 149 -46.49 27.35 22.28
CA TRP K 149 -45.60 28.44 22.65
C TRP K 149 -46.40 29.72 22.79
N LYS K 150 -46.24 30.41 23.93
CA LYS K 150 -46.88 31.69 24.19
C LYS K 150 -45.84 32.76 24.52
N VAL K 151 -45.85 33.87 23.75
CA VAL K 151 -44.94 35.01 23.95
C VAL K 151 -45.81 36.19 24.38
N ASP K 152 -45.72 36.57 25.67
CA ASP K 152 -46.56 37.60 26.32
C ASP K 152 -48.07 37.26 26.11
N ASN K 153 -48.41 35.95 26.32
CA ASN K 153 -49.73 35.31 26.17
C ASN K 153 -50.20 35.15 24.70
N ALA K 154 -49.47 35.75 23.74
CA ALA K 154 -49.81 35.60 22.34
C ALA K 154 -49.34 34.20 21.86
N LEU K 155 -50.31 33.36 21.47
CA LEU K 155 -50.03 32.02 20.97
C LEU K 155 -49.22 32.08 19.67
N GLN K 156 -48.14 31.29 19.62
CA GLN K 156 -47.22 31.22 18.50
C GLN K 156 -47.50 30.04 17.63
N SER K 157 -47.38 30.25 16.30
CA SER K 157 -47.55 29.23 15.28
C SER K 157 -46.70 29.51 14.06
N GLY K 158 -46.19 28.43 13.47
CA GLY K 158 -45.33 28.48 12.30
C GLY K 158 -43.87 28.73 12.58
N ASN K 159 -43.50 28.99 13.84
CA ASN K 159 -42.13 29.36 14.25
C ASN K 159 -41.39 28.35 15.13
N SER K 160 -41.90 27.11 15.24
CA SER K 160 -41.29 26.09 16.10
C SER K 160 -41.16 24.72 15.43
N GLN K 161 -40.13 23.94 15.84
CA GLN K 161 -39.91 22.58 15.34
C GLN K 161 -39.76 21.62 16.52
N GLU K 162 -40.47 20.49 16.49
CA GLU K 162 -40.27 19.51 17.54
C GLU K 162 -39.47 18.30 17.06
N SER K 163 -38.88 17.57 18.00
CA SER K 163 -38.08 16.38 17.73
C SER K 163 -38.37 15.38 18.85
N VAL K 164 -38.62 14.11 18.49
CA VAL K 164 -38.90 13.09 19.52
C VAL K 164 -37.85 11.98 19.48
N THR K 165 -37.41 11.52 20.66
CA THR K 165 -36.47 10.40 20.75
C THR K 165 -37.21 9.09 20.47
N GLU K 166 -36.44 8.04 20.17
CA GLU K 166 -36.98 6.72 19.99
C GLU K 166 -37.32 6.21 21.39
N GLN K 167 -38.25 5.23 21.48
CA GLN K 167 -38.65 4.68 22.78
C GLN K 167 -37.43 4.11 23.52
N ASP K 168 -37.29 4.45 24.80
CA ASP K 168 -36.15 3.96 25.53
C ASP K 168 -36.22 2.45 25.72
N SER K 169 -35.12 1.76 25.38
CA SER K 169 -35.04 0.32 25.51
C SER K 169 -35.10 -0.19 26.95
N LYS K 170 -34.71 0.65 27.93
CA LYS K 170 -34.77 0.29 29.36
C LYS K 170 -36.11 0.70 30.04
N ASP K 171 -36.45 2.02 30.08
CA ASP K 171 -37.66 2.55 30.73
C ASP K 171 -38.95 2.68 29.87
N SER K 172 -38.87 2.40 28.55
CA SER K 172 -39.99 2.49 27.62
C SER K 172 -40.66 3.86 27.45
N THR K 173 -39.95 4.95 27.80
CA THR K 173 -40.46 6.31 27.65
C THR K 173 -39.94 7.00 26.38
N TYR K 174 -40.43 8.23 26.15
CA TYR K 174 -40.09 9.14 25.09
C TYR K 174 -39.68 10.49 25.70
N SER K 175 -38.89 11.25 24.93
CA SER K 175 -38.51 12.61 25.30
C SER K 175 -38.71 13.47 24.10
N LEU K 176 -39.10 14.71 24.32
CA LEU K 176 -39.41 15.66 23.25
C LEU K 176 -38.75 17.02 23.50
N SER K 177 -38.20 17.60 22.44
CA SER K 177 -37.67 18.96 22.46
C SER K 177 -38.45 19.75 21.43
N SER K 178 -38.89 20.98 21.83
CA SER K 178 -39.54 21.97 20.95
C SER K 178 -38.68 23.24 20.96
N THR K 179 -38.34 23.72 19.74
CA THR K 179 -37.48 24.89 19.57
C THR K 179 -38.19 26.02 18.84
N LEU K 180 -38.49 27.11 19.59
CA LEU K 180 -39.09 28.34 19.07
C LEU K 180 -37.94 29.20 18.56
N THR K 181 -38.02 29.64 17.29
CA THR K 181 -36.94 30.42 16.68
C THR K 181 -37.41 31.82 16.30
N LEU K 182 -36.73 32.83 16.85
CA LEU K 182 -37.01 34.24 16.61
C LEU K 182 -35.73 34.93 16.20
N SER K 183 -35.84 36.18 15.71
CA SER K 183 -34.66 36.99 15.43
C SER K 183 -34.38 37.76 16.73
N LYS K 184 -33.12 38.18 16.94
CA LYS K 184 -32.71 38.98 18.11
C LYS K 184 -33.67 40.18 18.26
N ALA K 185 -34.04 40.87 17.16
CA ALA K 185 -35.00 41.99 17.18
C ALA K 185 -36.37 41.62 17.75
N ASP K 186 -37.07 40.64 17.13
CA ASP K 186 -38.37 40.17 17.61
C ASP K 186 -38.29 39.63 19.03
N TYR K 187 -37.20 38.91 19.40
CA TYR K 187 -36.96 38.39 20.76
C TYR K 187 -36.87 39.50 21.82
N GLU K 188 -36.15 40.61 21.51
CA GLU K 188 -35.98 41.77 22.40
C GLU K 188 -37.24 42.61 22.62
N LYS K 189 -38.20 42.56 21.66
CA LYS K 189 -39.50 43.25 21.75
C LYS K 189 -40.42 42.66 22.84
N HIS K 190 -40.09 41.45 23.39
CA HIS K 190 -40.96 40.74 24.34
C HIS K 190 -40.36 40.38 25.69
N LYS K 191 -41.25 40.17 26.70
CA LYS K 191 -40.86 39.87 28.08
C LYS K 191 -41.02 38.39 28.49
N VAL K 192 -42.26 37.85 28.46
CA VAL K 192 -42.58 36.48 28.90
C VAL K 192 -42.59 35.44 27.79
N TYR K 193 -41.76 34.40 27.94
CA TYR K 193 -41.65 33.24 27.05
C TYR K 193 -42.07 32.02 27.81
N ALA K 194 -43.15 31.37 27.35
CA ALA K 194 -43.70 30.21 28.03
C ALA K 194 -44.05 29.07 27.06
N CYS K 195 -43.93 27.81 27.53
CA CYS K 195 -44.39 26.66 26.77
C CYS K 195 -45.37 25.90 27.60
N GLU K 196 -46.58 25.72 27.04
CA GLU K 196 -47.69 25.03 27.66
C GLU K 196 -47.70 23.60 27.16
N VAL K 197 -47.60 22.64 28.08
CA VAL K 197 -47.54 21.22 27.79
C VAL K 197 -48.80 20.49 28.17
N THR K 198 -49.33 19.70 27.21
CA THR K 198 -50.50 18.85 27.39
C THR K 198 -50.04 17.40 27.20
N HIS K 199 -50.33 16.57 28.19
CA HIS K 199 -49.97 15.16 28.21
C HIS K 199 -50.90 14.44 29.18
N GLN K 200 -51.23 13.21 28.82
CA GLN K 200 -52.14 12.34 29.54
C GLN K 200 -51.76 12.14 31.04
N GLY K 201 -50.47 12.22 31.38
CA GLY K 201 -49.97 12.08 32.75
C GLY K 201 -50.15 13.29 33.64
N LEU K 202 -50.67 14.38 33.06
CA LEU K 202 -50.91 15.68 33.71
C LEU K 202 -52.42 15.91 33.81
N SER K 203 -52.88 16.18 35.06
CA SER K 203 -54.27 16.48 35.42
C SER K 203 -54.80 17.69 34.64
N SER K 204 -53.93 18.70 34.45
CA SER K 204 -54.19 19.94 33.72
C SER K 204 -52.88 20.39 33.03
N PRO K 205 -52.93 21.22 31.94
CA PRO K 205 -51.67 21.64 31.27
C PRO K 205 -50.68 22.36 32.17
N VAL K 206 -49.38 22.02 32.02
CA VAL K 206 -48.31 22.67 32.78
C VAL K 206 -47.58 23.72 31.95
N THR K 207 -47.32 24.89 32.56
CA THR K 207 -46.62 25.98 31.89
C THR K 207 -45.30 26.25 32.58
N LYS K 208 -44.25 26.38 31.77
CA LYS K 208 -42.93 26.72 32.25
C LYS K 208 -42.56 27.95 31.49
N SER K 209 -42.26 29.04 32.22
CA SER K 209 -41.93 30.31 31.59
C SER K 209 -40.69 30.96 32.19
N PHE K 210 -40.26 32.05 31.57
CA PHE K 210 -39.20 32.93 32.03
C PHE K 210 -39.48 34.32 31.51
N ASN K 211 -39.15 35.35 32.32
CA ASN K 211 -39.28 36.77 31.97
C ASN K 211 -37.90 37.25 31.62
N ARG K 212 -37.78 38.17 30.67
CA ARG K 212 -36.45 38.72 30.38
C ARG K 212 -35.98 39.78 31.45
N GLY K 213 -36.37 39.58 32.71
CA GLY K 213 -36.02 40.40 33.86
C GLY K 213 -35.54 39.57 35.04
N GLU L 1 45.60 -25.69 -40.27
CA GLU L 1 45.54 -26.35 -38.97
C GLU L 1 46.95 -26.76 -38.48
N THR L 2 47.21 -26.75 -37.14
CA THR L 2 48.49 -27.15 -36.55
C THR L 2 48.83 -28.60 -36.93
N VAL L 3 50.07 -28.83 -37.34
CA VAL L 3 50.55 -30.15 -37.71
C VAL L 3 51.53 -30.62 -36.65
N LEU L 4 51.29 -31.82 -36.11
CA LEU L 4 52.16 -32.43 -35.14
C LEU L 4 52.95 -33.54 -35.80
N THR L 5 54.29 -33.46 -35.73
CA THR L 5 55.16 -34.48 -36.32
C THR L 5 55.85 -35.22 -35.20
N GLN L 6 55.54 -36.50 -35.12
CA GLN L 6 56.09 -37.42 -34.15
C GLN L 6 57.28 -38.13 -34.74
N SER L 7 58.30 -38.36 -33.92
CA SER L 7 59.51 -39.07 -34.31
C SER L 7 60.06 -39.84 -33.10
N PRO L 8 60.62 -41.05 -33.32
CA PRO L 8 60.68 -41.77 -34.61
C PRO L 8 59.31 -42.38 -34.92
N GLY L 9 59.16 -43.00 -36.09
CA GLY L 9 57.91 -43.68 -36.42
C GLY L 9 57.81 -44.96 -35.62
N THR L 10 58.95 -45.63 -35.45
CA THR L 10 59.07 -46.87 -34.72
C THR L 10 60.29 -46.76 -33.85
N LEU L 11 60.16 -47.16 -32.59
CA LEU L 11 61.21 -47.13 -31.59
C LEU L 11 61.28 -48.54 -31.05
N SER L 12 62.48 -49.19 -31.18
CA SER L 12 62.75 -50.58 -30.76
C SER L 12 63.60 -50.57 -29.53
N LEU L 13 63.03 -51.08 -28.40
CA LEU L 13 63.75 -51.10 -27.12
C LEU L 13 63.53 -52.40 -26.36
N SER L 14 64.33 -52.64 -25.31
CA SER L 14 64.16 -53.82 -24.44
C SER L 14 63.55 -53.35 -23.13
N PRO L 15 62.76 -54.18 -22.43
CA PRO L 15 62.24 -53.78 -21.11
C PRO L 15 63.37 -53.28 -20.18
N GLY L 16 63.07 -52.23 -19.40
CA GLY L 16 64.02 -51.64 -18.47
C GLY L 16 64.67 -50.41 -19.03
N GLU L 17 64.77 -50.32 -20.37
CA GLU L 17 65.33 -49.14 -21.04
C GLU L 17 64.46 -47.90 -20.84
N ARG L 18 65.00 -46.74 -21.27
CA ARG L 18 64.32 -45.45 -21.26
C ARG L 18 63.89 -45.13 -22.68
N ALA L 19 62.63 -44.71 -22.86
CA ALA L 19 62.11 -44.32 -24.17
C ALA L 19 61.95 -42.82 -24.21
N THR L 20 62.34 -42.22 -25.34
CA THR L 20 62.22 -40.81 -25.57
C THR L 20 61.51 -40.60 -26.87
N LEU L 21 60.26 -40.17 -26.79
CA LEU L 21 59.39 -39.91 -27.96
C LEU L 21 59.28 -38.42 -28.13
N SER L 22 59.30 -37.97 -29.38
CA SER L 22 59.24 -36.54 -29.72
C SER L 22 57.99 -36.13 -30.51
N CYS L 23 57.51 -34.91 -30.26
CA CYS L 23 56.39 -34.26 -30.96
C CYS L 23 56.90 -32.89 -31.34
N ARG L 24 56.86 -32.58 -32.63
CA ARG L 24 57.24 -31.29 -33.15
C ARG L 24 56.02 -30.63 -33.78
N ALA L 25 55.64 -29.43 -33.31
CA ALA L 25 54.45 -28.69 -33.79
C ALA L 25 54.77 -27.64 -34.85
N SER L 26 53.89 -27.49 -35.84
CA SER L 26 54.05 -26.52 -36.94
C SER L 26 53.98 -25.04 -36.47
N GLN L 27 53.52 -24.79 -35.22
CA GLN L 27 53.41 -23.46 -34.60
C GLN L 27 53.43 -23.58 -33.08
N SER L 28 53.80 -22.51 -32.38
CA SER L 28 53.89 -22.55 -30.91
C SER L 28 52.57 -22.99 -30.24
N LEU L 29 52.67 -23.85 -29.22
CA LEU L 29 51.52 -24.35 -28.46
C LEU L 29 51.58 -23.87 -27.02
N GLY L 30 52.53 -22.98 -26.71
CA GLY L 30 52.72 -22.52 -25.35
C GLY L 30 53.31 -23.66 -24.53
N SER L 31 52.76 -23.92 -23.36
CA SER L 31 53.30 -24.97 -22.50
C SER L 31 52.25 -25.81 -21.79
N SER L 32 50.98 -25.48 -21.99
CA SER L 32 49.89 -26.19 -21.32
C SER L 32 48.87 -26.81 -22.28
N TYR L 33 49.23 -26.86 -23.57
CA TYR L 33 48.28 -27.29 -24.57
C TYR L 33 48.69 -28.52 -25.39
N LEU L 34 49.34 -29.48 -24.72
CA LEU L 34 49.73 -30.72 -25.36
C LEU L 34 49.54 -31.89 -24.42
N ALA L 35 48.99 -33.00 -24.98
CA ALA L 35 48.72 -34.25 -24.26
C ALA L 35 49.34 -35.44 -24.99
N TRP L 36 49.59 -36.53 -24.24
CA TRP L 36 50.14 -37.78 -24.78
C TRP L 36 49.20 -38.90 -24.46
N TYR L 37 49.02 -39.80 -25.43
CA TYR L 37 48.14 -40.95 -25.29
C TYR L 37 48.84 -42.24 -25.60
N GLN L 38 48.36 -43.34 -25.06
CA GLN L 38 48.87 -44.64 -25.37
C GLN L 38 47.69 -45.41 -25.90
N GLN L 39 47.88 -46.16 -26.96
CA GLN L 39 46.80 -46.99 -27.47
C GLN L 39 47.28 -48.37 -27.81
N LYS L 40 46.64 -49.34 -27.17
CA LYS L 40 46.90 -50.75 -27.38
C LYS L 40 45.84 -51.32 -28.35
N PRO L 41 46.19 -52.37 -29.13
CA PRO L 41 45.25 -52.92 -30.12
C PRO L 41 43.87 -53.25 -29.59
N GLY L 42 42.86 -52.83 -30.35
CA GLY L 42 41.46 -53.03 -30.02
C GLY L 42 40.97 -52.27 -28.80
N GLN L 43 41.71 -51.23 -28.37
CA GLN L 43 41.33 -50.42 -27.20
C GLN L 43 41.29 -48.94 -27.57
N ALA L 44 40.67 -48.13 -26.70
CA ALA L 44 40.57 -46.69 -26.87
C ALA L 44 41.90 -46.06 -26.39
N PRO L 45 42.26 -44.84 -26.87
CA PRO L 45 43.48 -44.20 -26.36
C PRO L 45 43.41 -43.92 -24.86
N ARG L 46 44.53 -44.01 -24.18
CA ARG L 46 44.66 -43.77 -22.73
C ARG L 46 45.47 -42.50 -22.54
N LEU L 47 44.88 -41.49 -21.84
CA LEU L 47 45.57 -40.25 -21.52
C LEU L 47 46.70 -40.55 -20.53
N LEU L 48 47.93 -40.13 -20.86
CA LEU L 48 49.12 -40.31 -20.03
C LEU L 48 49.52 -38.98 -19.37
N ILE L 49 49.79 -37.96 -20.21
CA ILE L 49 50.24 -36.63 -19.84
C ILE L 49 49.31 -35.59 -20.41
N TYR L 50 49.02 -34.51 -19.64
CA TYR L 50 48.26 -33.36 -20.10
C TYR L 50 49.04 -32.10 -19.79
N GLY L 51 48.81 -31.04 -20.56
CA GLY L 51 49.48 -29.75 -20.36
C GLY L 51 50.98 -29.88 -20.34
N ALA L 52 51.50 -30.58 -21.36
CA ALA L 52 52.89 -30.92 -21.63
C ALA L 52 53.63 -31.74 -20.57
N SER L 53 53.30 -31.59 -19.26
CA SER L 53 54.08 -32.21 -18.19
C SER L 53 53.31 -32.79 -17.04
N SER L 54 52.01 -32.62 -17.01
CA SER L 54 51.24 -33.15 -15.89
C SER L 54 50.81 -34.57 -16.13
N ARG L 55 51.10 -35.45 -15.17
CA ARG L 55 50.78 -36.88 -15.23
C ARG L 55 49.32 -37.02 -14.87
N ALA L 56 48.51 -37.62 -15.79
CA ALA L 56 47.07 -37.79 -15.59
C ALA L 56 46.81 -38.67 -14.37
N PRO L 57 45.67 -38.51 -13.66
CA PRO L 57 45.43 -39.37 -12.48
C PRO L 57 45.53 -40.87 -12.76
N GLY L 58 46.20 -41.58 -11.86
CA GLY L 58 46.38 -43.03 -11.95
C GLY L 58 47.54 -43.49 -12.82
N ILE L 59 48.17 -42.57 -13.57
CA ILE L 59 49.26 -42.93 -14.46
C ILE L 59 50.57 -43.21 -13.71
N PRO L 60 51.24 -44.35 -14.05
CA PRO L 60 52.54 -44.64 -13.43
C PRO L 60 53.57 -43.53 -13.50
N ASP L 61 54.37 -43.42 -12.44
CA ASP L 61 55.44 -42.43 -12.26
C ASP L 61 56.51 -42.40 -13.35
N ARG L 62 56.70 -43.54 -14.03
CA ARG L 62 57.70 -43.71 -15.09
C ARG L 62 57.42 -42.94 -16.38
N PHE L 63 56.17 -42.41 -16.50
CA PHE L 63 55.76 -41.59 -17.61
C PHE L 63 55.98 -40.16 -17.21
N SER L 64 56.59 -39.38 -18.09
CA SER L 64 56.85 -37.98 -17.80
C SER L 64 56.95 -37.23 -19.14
N GLY L 65 56.52 -35.97 -19.13
CA GLY L 65 56.56 -35.11 -20.30
C GLY L 65 57.22 -33.79 -20.04
N SER L 66 57.68 -33.13 -21.10
CA SER L 66 58.32 -31.83 -21.04
C SER L 66 58.26 -31.20 -22.39
N GLY L 67 58.53 -29.89 -22.43
CA GLY L 67 58.56 -29.13 -23.66
C GLY L 67 57.76 -27.85 -23.59
N SER L 68 57.96 -27.00 -24.62
CA SER L 68 57.28 -25.73 -24.79
C SER L 68 57.37 -25.32 -26.26
N GLY L 69 56.49 -24.43 -26.67
CA GLY L 69 56.47 -23.91 -28.03
C GLY L 69 56.17 -24.96 -29.08
N THR L 70 57.21 -25.41 -29.78
CA THR L 70 57.03 -26.37 -30.86
C THR L 70 57.62 -27.74 -30.57
N ASP L 71 58.45 -27.88 -29.53
CA ASP L 71 59.12 -29.15 -29.25
C ASP L 71 58.75 -29.77 -27.89
N PHE L 72 58.13 -30.97 -27.95
CA PHE L 72 57.65 -31.71 -26.78
C PHE L 72 58.18 -33.13 -26.75
N THR L 73 58.31 -33.70 -25.54
CA THR L 73 58.91 -35.01 -25.31
C THR L 73 58.16 -35.82 -24.28
N LEU L 74 57.95 -37.10 -24.57
CA LEU L 74 57.40 -38.08 -23.63
C LEU L 74 58.56 -39.02 -23.28
N THR L 75 58.71 -39.33 -21.98
CA THR L 75 59.76 -40.21 -21.49
C THR L 75 59.17 -41.36 -20.67
N ILE L 76 59.55 -42.60 -21.00
CA ILE L 76 59.16 -43.78 -20.22
C ILE L 76 60.49 -44.25 -19.63
N SER L 77 60.72 -43.99 -18.35
CA SER L 77 62.00 -44.23 -17.69
C SER L 77 62.48 -45.68 -17.49
N ARG L 78 61.58 -46.60 -17.15
CA ARG L 78 61.97 -48.00 -16.96
C ARG L 78 60.89 -48.77 -17.61
N LEU L 79 61.10 -49.14 -18.89
CA LEU L 79 60.09 -49.87 -19.63
C LEU L 79 59.68 -51.21 -19.03
N GLU L 80 58.36 -51.44 -19.05
CA GLU L 80 57.69 -52.69 -18.64
C GLU L 80 57.14 -53.27 -19.93
N PRO L 81 56.86 -54.59 -20.02
CA PRO L 81 56.28 -55.15 -21.28
C PRO L 81 54.94 -54.56 -21.65
N GLU L 82 54.17 -54.15 -20.66
CA GLU L 82 52.87 -53.50 -20.83
C GLU L 82 52.94 -52.09 -21.49
N ASP L 83 54.16 -51.57 -21.77
CA ASP L 83 54.33 -50.24 -22.35
C ASP L 83 54.56 -50.27 -23.84
N PHE L 84 54.61 -51.44 -24.42
CA PHE L 84 54.83 -51.52 -25.85
C PHE L 84 53.47 -51.34 -26.53
N ALA L 85 53.28 -50.17 -27.14
CA ALA L 85 52.03 -49.77 -27.78
C ALA L 85 52.31 -48.69 -28.79
N VAL L 86 51.27 -48.01 -29.25
CA VAL L 86 51.38 -46.85 -30.11
C VAL L 86 51.13 -45.64 -29.18
N TYR L 87 51.86 -44.56 -29.41
CA TYR L 87 51.75 -43.36 -28.63
C TYR L 87 51.46 -42.21 -29.56
N TYR L 88 50.46 -41.37 -29.19
CA TYR L 88 50.08 -40.17 -29.98
C TYR L 88 50.21 -38.93 -29.14
N CYS L 89 50.52 -37.82 -29.77
CA CYS L 89 50.53 -36.51 -29.10
C CYS L 89 49.31 -35.75 -29.63
N GLN L 90 48.76 -34.86 -28.81
CA GLN L 90 47.57 -34.11 -29.19
C GLN L 90 47.74 -32.67 -28.76
N GLN L 91 47.39 -31.74 -29.65
CA GLN L 91 47.43 -30.34 -29.34
C GLN L 91 46.01 -29.80 -29.20
N TYR L 92 45.82 -28.88 -28.24
CA TYR L 92 44.53 -28.24 -27.98
C TYR L 92 44.73 -26.76 -27.69
N ALA L 93 45.67 -26.17 -28.43
CA ALA L 93 46.03 -24.76 -28.35
C ALA L 93 45.26 -23.93 -29.33
N ASP L 94 44.82 -24.54 -30.43
CA ASP L 94 44.14 -23.88 -31.52
C ASP L 94 43.12 -24.84 -32.13
N SER L 95 41.92 -24.33 -32.46
CA SER L 95 40.93 -25.18 -33.10
C SER L 95 41.31 -25.40 -34.61
N PRO L 96 41.21 -26.63 -35.15
CA PRO L 96 40.73 -27.88 -34.51
C PRO L 96 41.84 -28.62 -33.73
N ILE L 97 41.43 -29.50 -32.79
CA ILE L 97 42.35 -30.35 -32.08
C ILE L 97 43.00 -31.26 -33.17
N THR L 98 44.33 -31.41 -33.14
CA THR L 98 45.01 -32.28 -34.07
C THR L 98 45.90 -33.22 -33.29
N PHE L 99 46.13 -34.41 -33.88
CA PHE L 99 46.95 -35.49 -33.34
C PHE L 99 48.17 -35.72 -34.22
N GLY L 100 49.18 -36.37 -33.65
CA GLY L 100 50.38 -36.76 -34.40
C GLY L 100 50.08 -38.06 -35.09
N GLN L 101 50.95 -38.48 -36.01
CA GLN L 101 50.79 -39.72 -36.80
C GLN L 101 50.98 -41.01 -36.01
N GLY L 102 51.55 -40.91 -34.81
CA GLY L 102 51.79 -42.06 -33.95
C GLY L 102 53.24 -42.51 -33.96
N THR L 103 53.66 -43.16 -32.87
CA THR L 103 55.00 -43.72 -32.72
C THR L 103 54.75 -45.13 -32.20
N ARG L 104 55.19 -46.16 -32.93
CA ARG L 104 55.08 -47.52 -32.44
C ARG L 104 56.29 -47.83 -31.54
N LEU L 105 56.04 -48.27 -30.31
CA LEU L 105 57.08 -48.68 -29.39
C LEU L 105 56.97 -50.22 -29.33
N GLU L 106 57.99 -50.87 -29.88
CA GLU L 106 58.10 -52.32 -30.03
C GLU L 106 59.31 -52.90 -29.32
N ILE L 107 59.24 -54.23 -29.06
CA ILE L 107 60.33 -54.94 -28.43
C ILE L 107 61.54 -55.13 -29.36
N LYS L 108 62.74 -54.75 -28.89
CA LYS L 108 64.02 -54.93 -29.59
C LYS L 108 64.31 -56.43 -29.51
N ARG L 109 64.96 -56.95 -30.53
CA ARG L 109 65.19 -58.39 -30.69
C ARG L 109 66.34 -58.56 -31.71
N THR L 110 66.95 -59.75 -31.73
CA THR L 110 68.00 -60.03 -32.73
C THR L 110 67.33 -60.21 -34.12
N VAL L 111 68.00 -59.73 -35.20
CA VAL L 111 67.48 -59.90 -36.55
C VAL L 111 67.21 -61.40 -36.84
N ALA L 112 65.98 -61.69 -37.30
CA ALA L 112 65.50 -63.04 -37.61
C ALA L 112 64.91 -63.02 -39.00
N ALA L 113 65.50 -63.81 -39.92
CA ALA L 113 65.04 -63.87 -41.30
C ALA L 113 63.75 -64.69 -41.38
N PRO L 114 62.82 -64.36 -42.29
CA PRO L 114 61.57 -65.13 -42.35
C PRO L 114 61.76 -66.49 -43.00
N SER L 115 60.93 -67.46 -42.59
CA SER L 115 60.80 -68.76 -43.21
C SER L 115 59.69 -68.50 -44.24
N VAL L 116 60.00 -68.61 -45.53
CA VAL L 116 59.01 -68.33 -46.58
C VAL L 116 58.33 -69.62 -47.04
N PHE L 117 57.05 -69.54 -47.35
CA PHE L 117 56.25 -70.66 -47.83
C PHE L 117 55.29 -70.16 -48.90
N ILE L 118 55.13 -70.95 -49.97
CA ILE L 118 54.19 -70.64 -51.05
C ILE L 118 53.11 -71.72 -51.11
N PHE L 119 51.86 -71.31 -51.23
CA PHE L 119 50.72 -72.21 -51.29
C PHE L 119 49.96 -72.06 -52.60
N PRO L 120 49.89 -73.12 -53.44
CA PRO L 120 49.10 -73.01 -54.67
C PRO L 120 47.60 -72.95 -54.33
N PRO L 121 46.74 -72.44 -55.23
CA PRO L 121 45.29 -72.49 -54.92
C PRO L 121 44.81 -73.95 -54.92
N SER L 122 43.79 -74.23 -54.11
CA SER L 122 43.18 -75.55 -54.04
C SER L 122 42.30 -75.74 -55.29
N ASP L 123 42.08 -77.01 -55.68
CA ASP L 123 41.22 -77.34 -56.81
C ASP L 123 39.77 -76.96 -56.51
N GLU L 124 39.40 -76.97 -55.20
CA GLU L 124 38.07 -76.59 -54.73
C GLU L 124 37.77 -75.13 -55.07
N GLN L 125 38.78 -74.26 -54.94
CA GLN L 125 38.67 -72.84 -55.24
C GLN L 125 38.62 -72.59 -56.74
N LEU L 126 39.50 -73.26 -57.51
CA LEU L 126 39.57 -73.17 -58.98
C LEU L 126 38.22 -73.48 -59.66
N LYS L 127 37.44 -74.41 -59.05
CA LYS L 127 36.08 -74.77 -59.49
C LYS L 127 35.16 -73.54 -59.44
N SER L 128 35.37 -72.62 -58.46
CA SER L 128 34.60 -71.39 -58.27
C SER L 128 34.97 -70.30 -59.28
N GLY L 129 36.09 -70.50 -60.00
CA GLY L 129 36.57 -69.58 -61.03
C GLY L 129 37.65 -68.60 -60.60
N THR L 130 38.11 -68.71 -59.34
CA THR L 130 39.14 -67.84 -58.80
C THR L 130 40.34 -68.65 -58.32
N ALA L 131 41.53 -68.06 -58.42
CA ALA L 131 42.75 -68.67 -57.93
C ALA L 131 43.46 -67.71 -56.96
N SER L 132 43.58 -68.10 -55.68
CA SER L 132 44.30 -67.30 -54.71
C SER L 132 45.61 -68.00 -54.41
N VAL L 133 46.73 -67.37 -54.75
CA VAL L 133 48.05 -67.91 -54.45
C VAL L 133 48.49 -67.17 -53.19
N VAL L 134 48.96 -67.92 -52.17
CA VAL L 134 49.34 -67.35 -50.88
C VAL L 134 50.82 -67.53 -50.59
N CYS L 135 51.48 -66.44 -50.16
CA CYS L 135 52.89 -66.43 -49.77
C CYS L 135 52.92 -66.10 -48.27
N LEU L 136 53.59 -66.94 -47.45
CA LEU L 136 53.71 -66.72 -46.02
C LEU L 136 55.16 -66.44 -45.62
N LEU L 137 55.41 -65.33 -44.89
CA LEU L 137 56.71 -64.93 -44.34
C LEU L 137 56.51 -65.14 -42.85
N ASN L 138 57.23 -66.12 -42.29
CA ASN L 138 57.00 -66.51 -40.91
C ASN L 138 58.13 -66.20 -39.97
N ASN L 139 57.76 -65.69 -38.77
CA ASN L 139 58.62 -65.37 -37.64
C ASN L 139 59.89 -64.59 -37.96
N PHE L 140 59.73 -63.37 -38.47
CA PHE L 140 60.84 -62.48 -38.82
C PHE L 140 60.87 -61.20 -37.95
N TYR L 141 62.01 -60.49 -37.97
CA TYR L 141 62.27 -59.24 -37.27
C TYR L 141 63.46 -58.51 -37.95
N PRO L 142 63.37 -57.20 -38.26
CA PRO L 142 62.26 -56.24 -38.03
C PRO L 142 61.02 -56.46 -38.89
N ARG L 143 59.99 -55.63 -38.71
CA ARG L 143 58.70 -55.68 -39.42
C ARG L 143 58.82 -55.43 -40.93
N GLU L 144 59.84 -54.66 -41.36
CA GLU L 144 60.02 -54.28 -42.75
C GLU L 144 60.44 -55.44 -43.61
N ALA L 145 59.60 -55.76 -44.61
CA ALA L 145 59.80 -56.85 -45.55
C ALA L 145 59.12 -56.52 -46.86
N LYS L 146 59.76 -56.86 -47.97
CA LYS L 146 59.20 -56.63 -49.30
C LYS L 146 58.90 -57.98 -49.94
N VAL L 147 57.77 -58.08 -50.63
CA VAL L 147 57.31 -59.28 -51.33
C VAL L 147 56.92 -58.90 -52.77
N GLN L 148 57.56 -59.54 -53.75
CA GLN L 148 57.26 -59.33 -55.16
C GLN L 148 56.73 -60.61 -55.74
N TRP L 149 55.60 -60.51 -56.42
CA TRP L 149 54.99 -61.67 -57.09
C TRP L 149 55.41 -61.70 -58.54
N LYS L 150 55.90 -62.86 -59.01
CA LYS L 150 56.32 -63.06 -60.39
C LYS L 150 55.58 -64.22 -60.97
N VAL L 151 54.86 -63.97 -62.05
CA VAL L 151 54.15 -65.04 -62.74
C VAL L 151 54.85 -65.19 -64.09
N ASP L 152 55.63 -66.27 -64.25
CA ASP L 152 56.44 -66.58 -65.44
C ASP L 152 57.38 -65.39 -65.72
N ASN L 153 58.08 -64.97 -64.65
CA ASN L 153 59.03 -63.85 -64.60
C ASN L 153 58.43 -62.47 -64.75
N ALA L 154 57.14 -62.39 -65.13
CA ALA L 154 56.46 -61.10 -65.22
C ALA L 154 56.08 -60.61 -63.82
N LEU L 155 56.70 -59.50 -63.39
CA LEU L 155 56.46 -58.87 -62.08
C LEU L 155 55.02 -58.37 -61.99
N GLN L 156 54.33 -58.77 -60.91
CA GLN L 156 52.93 -58.43 -60.65
C GLN L 156 52.78 -57.29 -59.68
N SER L 157 51.81 -56.41 -59.95
CA SER L 157 51.42 -55.31 -59.07
C SER L 157 49.97 -54.94 -59.25
N GLY L 158 49.33 -54.57 -58.16
CA GLY L 158 47.91 -54.20 -58.12
C GLY L 158 46.94 -55.36 -57.98
N ASN L 159 47.46 -56.60 -57.98
CA ASN L 159 46.67 -57.85 -57.87
C ASN L 159 46.92 -58.65 -56.58
N SER L 160 47.58 -58.03 -55.58
CA SER L 160 47.90 -58.69 -54.30
C SER L 160 47.61 -57.81 -53.08
N GLN L 161 47.25 -58.45 -51.95
CA GLN L 161 46.99 -57.77 -50.68
C GLN L 161 47.80 -58.43 -49.56
N GLU L 162 48.50 -57.63 -48.76
CA GLU L 162 49.26 -58.18 -47.64
C GLU L 162 48.60 -57.88 -46.30
N SER L 163 48.94 -58.67 -45.28
CA SER L 163 48.42 -58.56 -43.93
C SER L 163 49.56 -58.92 -42.97
N VAL L 164 49.71 -58.18 -41.87
CA VAL L 164 50.81 -58.43 -40.91
C VAL L 164 50.24 -58.71 -39.52
N THR L 165 50.84 -59.64 -38.80
CA THR L 165 50.42 -59.91 -37.42
C THR L 165 51.04 -58.86 -36.49
N GLU L 166 50.49 -58.74 -35.27
CA GLU L 166 51.07 -57.88 -34.25
C GLU L 166 52.29 -58.63 -33.72
N GLN L 167 53.25 -57.91 -33.10
CA GLN L 167 54.47 -58.50 -32.56
C GLN L 167 54.15 -59.59 -31.56
N ASP L 168 54.80 -60.75 -31.74
CA ASP L 168 54.54 -61.88 -30.88
C ASP L 168 54.95 -61.62 -29.45
N SER L 169 54.01 -61.87 -28.53
CA SER L 169 54.20 -61.67 -27.09
C SER L 169 55.31 -62.56 -26.51
N LYS L 170 55.53 -63.77 -27.08
CA LYS L 170 56.56 -64.72 -26.65
C LYS L 170 57.93 -64.53 -27.33
N ASP L 171 58.01 -64.62 -28.68
CA ASP L 171 59.27 -64.52 -29.42
C ASP L 171 59.64 -63.14 -30.02
N SER L 172 58.76 -62.12 -29.90
CA SER L 172 58.98 -60.76 -30.43
C SER L 172 59.13 -60.64 -31.97
N THR L 173 58.55 -61.60 -32.72
CA THR L 173 58.60 -61.57 -34.19
C THR L 173 57.28 -61.15 -34.81
N TYR L 174 57.29 -60.98 -36.15
CA TYR L 174 56.15 -60.66 -36.99
C TYR L 174 55.98 -61.76 -38.04
N SER L 175 54.76 -61.88 -38.56
CA SER L 175 54.47 -62.79 -39.65
C SER L 175 53.65 -62.04 -40.69
N LEU L 176 53.88 -62.35 -41.97
CA LEU L 176 53.18 -61.70 -43.08
C LEU L 176 52.55 -62.71 -44.02
N SER L 177 51.36 -62.41 -44.53
CA SER L 177 50.71 -63.19 -45.57
C SER L 177 50.43 -62.22 -46.74
N SER L 178 50.79 -62.64 -47.97
CA SER L 178 50.53 -61.93 -49.22
C SER L 178 49.67 -62.85 -50.13
N THR L 179 48.56 -62.33 -50.64
CA THR L 179 47.64 -63.09 -51.46
C THR L 179 47.49 -62.50 -52.86
N LEU L 180 48.02 -63.23 -53.87
CA LEU L 180 47.91 -62.91 -55.29
C LEU L 180 46.59 -63.51 -55.79
N THR L 181 45.74 -62.69 -56.42
CA THR L 181 44.43 -63.15 -56.91
C THR L 181 44.29 -63.05 -58.41
N LEU L 182 43.98 -64.20 -59.05
CA LEU L 182 43.79 -64.35 -60.50
C LEU L 182 42.48 -65.06 -60.76
N SER L 183 42.04 -65.07 -62.03
CA SER L 183 40.87 -65.84 -62.43
C SER L 183 41.40 -67.22 -62.86
N LYS L 184 40.54 -68.27 -62.78
CA LYS L 184 40.88 -69.65 -63.19
C LYS L 184 41.47 -69.62 -64.62
N ALA L 185 40.77 -68.92 -65.53
CA ALA L 185 41.13 -68.70 -66.93
C ALA L 185 42.59 -68.25 -67.07
N ASP L 186 42.95 -67.20 -66.33
CA ASP L 186 44.27 -66.57 -66.31
C ASP L 186 45.29 -67.47 -65.62
N TYR L 187 44.90 -68.12 -64.49
CA TYR L 187 45.80 -68.98 -63.72
C TYR L 187 46.31 -70.12 -64.58
N GLU L 188 45.41 -70.72 -65.38
CA GLU L 188 45.70 -71.84 -66.27
C GLU L 188 46.66 -71.52 -67.42
N LYS L 189 46.70 -70.24 -67.86
CA LYS L 189 47.57 -69.77 -68.95
C LYS L 189 49.05 -69.75 -68.53
N HIS L 190 49.36 -69.91 -67.23
CA HIS L 190 50.76 -69.82 -66.74
C HIS L 190 51.31 -71.02 -66.00
N LYS L 191 52.66 -71.11 -65.97
CA LYS L 191 53.39 -72.24 -65.39
C LYS L 191 54.01 -71.95 -64.01
N VAL L 192 54.98 -71.01 -63.95
CA VAL L 192 55.73 -70.66 -62.75
C VAL L 192 55.15 -69.48 -61.94
N TYR L 193 54.81 -69.77 -60.66
CA TYR L 193 54.31 -68.81 -59.66
C TYR L 193 55.33 -68.72 -58.57
N ALA L 194 55.88 -67.52 -58.38
CA ALA L 194 56.92 -67.30 -57.39
C ALA L 194 56.72 -66.02 -56.61
N CYS L 195 57.17 -66.03 -55.34
CA CYS L 195 57.18 -64.82 -54.52
C CYS L 195 58.60 -64.60 -54.04
N GLU L 196 59.13 -63.42 -54.38
CA GLU L 196 60.48 -62.99 -54.05
C GLU L 196 60.38 -62.13 -52.77
N VAL L 197 61.13 -62.54 -51.74
CA VAL L 197 61.13 -61.90 -50.43
C VAL L 197 62.43 -61.17 -50.16
N THR L 198 62.32 -59.91 -49.75
CA THR L 198 63.45 -59.06 -49.37
C THR L 198 63.31 -58.71 -47.88
N HIS L 199 64.41 -58.92 -47.11
CA HIS L 199 64.49 -58.66 -45.67
C HIS L 199 65.93 -58.42 -45.23
N GLN L 200 66.12 -57.60 -44.19
CA GLN L 200 67.44 -57.29 -43.58
C GLN L 200 68.21 -58.59 -43.14
N GLY L 201 67.49 -59.61 -42.71
CA GLY L 201 68.04 -60.88 -42.26
C GLY L 201 68.43 -61.84 -43.37
N LEU L 202 68.17 -61.44 -44.63
CA LEU L 202 68.50 -62.21 -45.83
C LEU L 202 69.62 -61.50 -46.56
N SER L 203 70.74 -62.21 -46.77
CA SER L 203 71.93 -61.74 -47.50
C SER L 203 71.57 -61.27 -48.93
N SER L 204 70.65 -62.00 -49.58
CA SER L 204 70.11 -61.75 -50.93
C SER L 204 68.64 -62.20 -50.96
N PRO L 205 67.78 -61.67 -51.88
CA PRO L 205 66.37 -62.08 -51.89
C PRO L 205 66.13 -63.58 -52.06
N VAL L 206 65.14 -64.13 -51.32
CA VAL L 206 64.80 -65.55 -51.44
C VAL L 206 63.51 -65.75 -52.24
N THR L 207 63.52 -66.74 -53.13
CA THR L 207 62.35 -67.02 -53.95
C THR L 207 61.81 -68.40 -53.64
N LYS L 208 60.49 -68.48 -53.51
CA LYS L 208 59.79 -69.73 -53.31
C LYS L 208 58.79 -69.80 -54.45
N SER L 209 58.90 -70.85 -55.26
CA SER L 209 58.04 -71.01 -56.42
C SER L 209 57.46 -72.39 -56.51
N PHE L 210 56.54 -72.55 -57.46
CA PHE L 210 55.92 -73.80 -57.82
C PHE L 210 55.55 -73.71 -59.30
N ASN L 211 55.70 -74.83 -60.02
CA ASN L 211 55.34 -74.98 -61.42
C ASN L 211 54.02 -75.71 -61.43
N ARG L 212 53.16 -75.44 -62.41
CA ARG L 212 51.90 -76.20 -62.45
C ARG L 212 52.05 -77.66 -63.00
N GLY L 213 53.24 -78.26 -62.81
CA GLY L 213 53.57 -79.63 -63.17
C GLY L 213 54.18 -80.40 -62.01
#